data_1Z02
#
_entry.id   1Z02
#
_cell.length_a   102.030
_cell.length_b   169.970
_cell.length_c   175.350
_cell.angle_alpha   90.00
_cell.angle_beta   90.00
_cell.angle_gamma   90.00
#
_symmetry.space_group_name_H-M   'P 21 21 21'
#
loop_
_entity.id
_entity.type
_entity.pdbx_description
1 polymer '2-oxo-1,2-dihydroquinoline 8-monooxygenase, oxygenase component'
2 non-polymer 'FE (III) ION'
3 non-polymer 'FE2/S2 (INORGANIC) CLUSTER'
4 water water
#
_entity_poly.entity_id   1
_entity_poly.type   'polypeptide(L)'
_entity_poly.pdbx_seq_one_letter_code
;MSDQPIIRRRQVKTGISDARANNAKTQSQYQPYKDAAWGFINHWYPALFTHELEEDQVQGIQICGVPIVLRRVNGKVFAL
KDQCLHRGVRLSEKPTCFTKSTISCWYHGFTFDLETGKLVTIVANPEDKLIGTTGVTTYPVHEVNGMIFVFVREDDFPDE
DVPPLAHDLPFRFPERSEQFPHPLWPSSPSVLDDNAVVHGMHRTGFGNWRIACENGFDNAHILVHKDNTIVHAMDWVLPL
GLLPTSDDCIAVVEDDDGPKGMMQWLFTDKWAPVLENQELGLKVEGLKGRHYRTSVVLPGVLMVENWPEEHVVQYEWYVP
ITDDTHEYWEILVRVCPTDEDRKKFQYRYDHMYKPLCLHGFNDSDLYAREAMQNFYYDGTGWDDEQLVATDISPITWRKL
ASRWNRGIAKPGRGVAGAVKDTSLIFKQTADGKRPGYKVEQIKEDH
;
_entity_poly.pdbx_strand_id   A,B,C,D,E,F
#
# COMPACT_ATOMS: atom_id res chain seq x y z
N ILE A 16 31.91 57.11 -47.27
CA ILE A 16 31.38 56.62 -48.58
C ILE A 16 31.57 57.68 -49.66
N SER A 17 32.27 57.30 -50.73
CA SER A 17 32.58 58.21 -51.83
C SER A 17 31.50 58.30 -52.91
N ASP A 18 31.31 59.50 -53.43
CA ASP A 18 30.34 59.77 -54.49
C ASP A 18 30.82 59.19 -55.82
N ALA A 19 32.07 58.71 -55.83
CA ALA A 19 32.64 58.14 -57.05
C ALA A 19 32.32 56.65 -57.25
N ARG A 20 31.68 56.03 -56.26
CA ARG A 20 31.34 54.62 -56.37
C ARG A 20 30.28 54.38 -57.43
N ALA A 21 30.31 53.18 -58.02
CA ALA A 21 29.36 52.82 -59.06
C ALA A 21 27.94 52.62 -58.56
N ASN A 22 27.80 52.13 -57.34
CA ASN A 22 26.47 51.89 -56.79
C ASN A 22 25.86 53.12 -56.11
N ASN A 23 25.46 54.09 -56.92
CA ASN A 23 24.83 55.31 -56.40
C ASN A 23 23.38 55.00 -56.04
N ALA A 24 22.72 55.94 -55.36
CA ALA A 24 21.34 55.75 -54.93
C ALA A 24 20.40 55.31 -56.02
N LYS A 25 20.53 55.92 -57.20
CA LYS A 25 19.66 55.58 -58.32
C LYS A 25 19.86 54.12 -58.71
N THR A 26 21.11 53.70 -58.78
CA THR A 26 21.46 52.33 -59.14
C THR A 26 20.99 51.31 -58.12
N GLN A 27 21.17 51.61 -56.84
CA GLN A 27 20.76 50.67 -55.78
C GLN A 27 19.24 50.47 -55.77
N SER A 28 18.51 51.51 -56.13
CA SER A 28 17.05 51.44 -56.13
C SER A 28 16.58 50.48 -57.22
N GLN A 29 17.46 50.18 -58.17
CA GLN A 29 17.12 49.28 -59.26
C GLN A 29 17.30 47.80 -58.93
N TYR A 30 17.76 47.52 -57.71
CA TYR A 30 17.90 46.12 -57.29
C TYR A 30 17.50 45.90 -55.84
N GLN A 31 16.40 46.56 -55.45
CA GLN A 31 15.86 46.43 -54.10
C GLN A 31 15.32 45.01 -53.89
N PRO A 32 14.65 44.42 -54.90
CA PRO A 32 14.13 43.05 -54.74
C PRO A 32 15.24 42.04 -54.44
N TYR A 33 16.42 42.28 -55.01
CA TYR A 33 17.59 41.42 -54.81
C TYR A 33 18.11 41.58 -53.39
N LYS A 34 18.05 42.81 -52.87
CA LYS A 34 18.50 43.07 -51.50
C LYS A 34 17.54 42.38 -50.54
N ASP A 35 16.30 42.21 -50.97
CA ASP A 35 15.26 41.57 -50.18
C ASP A 35 15.24 40.05 -50.30
N ALA A 36 15.99 39.51 -51.25
CA ALA A 36 16.00 38.06 -51.48
C ALA A 36 17.03 37.23 -50.70
N ALA A 37 17.18 37.52 -49.41
CA ALA A 37 18.13 36.76 -48.60
C ALA A 37 17.85 35.26 -48.58
N TRP A 38 16.58 34.89 -48.46
CA TRP A 38 16.19 33.47 -48.42
C TRP A 38 16.14 32.82 -49.80
N GLY A 39 16.37 33.62 -50.83
CA GLY A 39 16.37 33.11 -52.20
C GLY A 39 15.14 33.42 -53.03
N PHE A 40 15.25 33.17 -54.33
CA PHE A 40 14.15 33.39 -55.27
C PHE A 40 13.37 32.09 -55.33
N ILE A 41 12.08 32.14 -55.00
CA ILE A 41 11.27 30.94 -55.01
C ILE A 41 10.52 30.83 -56.34
N ASN A 42 9.99 29.65 -56.62
CA ASN A 42 9.28 29.37 -57.87
C ASN A 42 10.30 29.30 -58.99
N HIS A 43 11.39 28.55 -58.74
CA HIS A 43 12.47 28.35 -59.70
C HIS A 43 12.99 26.92 -59.59
N TRP A 44 13.68 26.46 -60.64
CA TRP A 44 14.25 25.11 -60.63
C TRP A 44 15.62 25.14 -59.98
N TYR A 45 15.91 24.13 -59.17
CA TYR A 45 17.20 24.02 -58.50
C TYR A 45 17.64 22.56 -58.49
N PRO A 46 18.96 22.30 -58.44
CA PRO A 46 19.44 20.93 -58.41
C PRO A 46 19.22 20.47 -56.96
N ALA A 47 18.65 19.28 -56.78
CA ALA A 47 18.39 18.76 -55.44
C ALA A 47 19.41 17.72 -55.00
N LEU A 48 19.65 16.74 -55.85
CA LEU A 48 20.58 15.66 -55.54
C LEU A 48 21.09 15.04 -56.82
N PHE A 49 22.25 14.38 -56.74
CA PHE A 49 22.78 13.68 -57.90
C PHE A 49 21.96 12.39 -57.91
N THR A 50 21.80 11.81 -59.09
CA THR A 50 21.04 10.58 -59.21
C THR A 50 21.57 9.50 -58.27
N HIS A 51 22.90 9.42 -58.13
CA HIS A 51 23.49 8.41 -57.27
C HIS A 51 23.18 8.62 -55.79
N GLU A 52 22.61 9.76 -55.44
CA GLU A 52 22.25 10.03 -54.06
C GLU A 52 20.84 9.56 -53.73
N LEU A 53 20.15 8.99 -54.72
CA LEU A 53 18.79 8.52 -54.53
C LEU A 53 18.55 7.26 -55.37
N GLU A 54 18.74 6.10 -54.75
CA GLU A 54 18.54 4.83 -55.45
C GLU A 54 17.08 4.39 -55.26
N GLU A 55 16.69 3.32 -55.95
CA GLU A 55 15.32 2.82 -55.86
C GLU A 55 14.91 2.61 -54.41
N ASP A 56 13.78 3.18 -54.02
CA ASP A 56 13.25 3.05 -52.67
C ASP A 56 13.98 3.87 -51.61
N GLN A 57 14.93 4.69 -52.03
CA GLN A 57 15.65 5.51 -51.07
C GLN A 57 14.86 6.80 -50.85
N VAL A 58 14.92 7.32 -49.63
CA VAL A 58 14.23 8.55 -49.25
C VAL A 58 15.27 9.49 -48.71
N GLN A 59 15.17 10.77 -49.07
CA GLN A 59 16.16 11.75 -48.62
C GLN A 59 15.55 13.14 -48.43
N GLY A 60 15.86 13.77 -47.31
CA GLY A 60 15.35 15.10 -47.04
C GLY A 60 16.41 16.16 -47.25
N ILE A 61 16.01 17.31 -47.80
CA ILE A 61 16.89 18.45 -48.05
C ILE A 61 16.13 19.73 -47.71
N GLN A 62 16.76 20.87 -47.95
CA GLN A 62 16.12 22.15 -47.69
C GLN A 62 16.63 23.18 -48.71
N ILE A 63 15.69 23.81 -49.42
CA ILE A 63 16.01 24.81 -50.43
C ILE A 63 15.08 26.01 -50.28
N CYS A 64 15.65 27.21 -50.30
CA CYS A 64 14.87 28.44 -50.12
C CYS A 64 14.07 28.38 -48.83
N GLY A 65 14.63 27.73 -47.81
CA GLY A 65 13.96 27.60 -46.53
C GLY A 65 12.86 26.55 -46.49
N VAL A 66 12.56 25.96 -47.64
CA VAL A 66 11.52 24.95 -47.76
C VAL A 66 12.06 23.53 -47.59
N PRO A 67 11.57 22.81 -46.57
CA PRO A 67 12.00 21.44 -46.32
C PRO A 67 11.36 20.52 -47.37
N ILE A 68 12.18 19.73 -48.05
CA ILE A 68 11.71 18.84 -49.11
C ILE A 68 12.20 17.41 -48.92
N VAL A 69 11.34 16.44 -49.16
CA VAL A 69 11.70 15.04 -49.06
C VAL A 69 11.49 14.38 -50.41
N LEU A 70 12.46 13.58 -50.83
CA LEU A 70 12.38 12.91 -52.13
C LEU A 70 12.45 11.39 -51.99
N ARG A 71 11.77 10.70 -52.89
CA ARG A 71 11.76 9.24 -52.90
C ARG A 71 11.69 8.74 -54.33
N ARG A 72 12.46 7.69 -54.64
CA ARG A 72 12.42 7.13 -55.97
C ARG A 72 11.61 5.84 -55.95
N VAL A 73 10.58 5.77 -56.78
CA VAL A 73 9.75 4.58 -56.85
C VAL A 73 9.57 4.17 -58.30
N ASN A 74 9.93 2.94 -58.60
CA ASN A 74 9.83 2.42 -59.97
C ASN A 74 10.63 3.30 -60.91
N GLY A 75 11.81 3.72 -60.47
CA GLY A 75 12.65 4.56 -61.31
C GLY A 75 12.32 6.03 -61.30
N LYS A 76 11.11 6.38 -60.88
CA LYS A 76 10.71 7.79 -60.88
C LYS A 76 10.85 8.45 -59.50
N VAL A 77 11.38 9.67 -59.48
CA VAL A 77 11.57 10.43 -58.25
C VAL A 77 10.44 11.41 -57.98
N PHE A 78 9.97 11.45 -56.74
CA PHE A 78 8.89 12.35 -56.34
C PHE A 78 9.40 13.25 -55.23
N ALA A 79 8.87 14.47 -55.16
CA ALA A 79 9.27 15.41 -54.12
C ALA A 79 8.04 16.02 -53.46
N LEU A 80 8.06 16.07 -52.12
CA LEU A 80 6.97 16.64 -51.32
C LEU A 80 7.61 17.49 -50.23
N LYS A 81 6.79 18.25 -49.51
CA LYS A 81 7.32 19.07 -48.44
C LYS A 81 7.63 18.17 -47.27
N ASP A 82 8.85 18.27 -46.75
CA ASP A 82 9.30 17.43 -45.64
C ASP A 82 8.74 17.95 -44.32
N GLN A 83 7.42 17.91 -44.19
CA GLN A 83 6.74 18.40 -42.99
C GLN A 83 5.36 17.78 -42.85
N CYS A 84 5.17 16.94 -41.84
CA CYS A 84 3.89 16.30 -41.61
C CYS A 84 2.90 17.35 -41.14
N LEU A 85 1.68 17.31 -41.68
CA LEU A 85 0.59 18.24 -41.36
C LEU A 85 0.11 18.08 -39.94
N HIS A 86 0.27 16.87 -39.40
CA HIS A 86 -0.20 16.62 -38.06
C HIS A 86 0.55 17.47 -37.06
N ARG A 87 1.79 17.07 -36.76
CA ARG A 87 2.59 17.81 -35.78
C ARG A 87 3.97 18.26 -36.22
N GLY A 88 4.11 18.52 -37.53
CA GLY A 88 5.34 19.06 -38.10
C GLY A 88 6.64 18.31 -38.15
N VAL A 89 6.57 16.99 -37.95
CA VAL A 89 7.74 16.14 -38.00
C VAL A 89 8.24 16.05 -39.43
N ARG A 90 9.55 15.94 -39.57
CA ARG A 90 10.20 15.79 -40.88
C ARG A 90 10.06 14.32 -41.27
N LEU A 91 9.32 14.06 -42.35
CA LEU A 91 9.09 12.71 -42.81
C LEU A 91 10.38 11.94 -43.15
N SER A 92 11.37 12.65 -43.68
CA SER A 92 12.64 12.06 -44.08
C SER A 92 13.54 11.57 -42.96
N GLU A 93 13.27 11.94 -41.71
CA GLU A 93 14.13 11.50 -40.62
C GLU A 93 14.14 10.01 -40.41
N LYS A 94 13.02 9.35 -40.71
CA LYS A 94 12.93 7.92 -40.57
C LYS A 94 12.02 7.43 -41.68
N PRO A 95 12.57 7.23 -42.88
CA PRO A 95 11.85 6.77 -44.07
C PRO A 95 10.91 5.62 -43.82
N THR A 96 9.61 5.88 -43.97
CA THR A 96 8.57 4.89 -43.75
C THR A 96 7.53 4.90 -44.86
N CYS A 97 7.57 3.90 -45.73
CA CYS A 97 6.62 3.80 -46.84
C CYS A 97 5.98 2.42 -46.90
N PHE A 98 4.65 2.38 -46.96
CA PHE A 98 3.96 1.11 -47.00
C PHE A 98 3.55 0.66 -48.39
N THR A 99 3.48 1.59 -49.34
CA THR A 99 3.11 1.26 -50.72
C THR A 99 4.00 2.03 -51.69
N LYS A 100 3.90 1.68 -52.96
CA LYS A 100 4.69 2.30 -54.02
C LYS A 100 4.25 3.72 -54.36
N SER A 101 3.05 4.10 -53.94
CA SER A 101 2.54 5.42 -54.26
C SER A 101 2.43 6.39 -53.08
N THR A 102 2.95 6.00 -51.91
CA THR A 102 2.83 6.87 -50.75
C THR A 102 4.08 6.96 -49.91
N ILE A 103 4.02 7.82 -48.90
CA ILE A 103 5.08 7.99 -47.92
C ILE A 103 4.33 8.34 -46.62
N SER A 104 4.70 7.69 -45.53
CA SER A 104 4.03 7.97 -44.28
C SER A 104 4.90 8.64 -43.27
N CYS A 105 4.27 9.30 -42.31
CA CYS A 105 5.01 9.95 -41.25
C CYS A 105 5.28 8.85 -40.25
N TRP A 106 6.51 8.79 -39.76
CA TRP A 106 6.92 7.76 -38.82
C TRP A 106 6.42 7.94 -37.40
N TYR A 107 5.66 9.00 -37.13
CA TYR A 107 5.16 9.19 -35.78
C TYR A 107 3.79 8.55 -35.63
N HIS A 108 2.74 9.15 -36.20
CA HIS A 108 1.39 8.59 -36.07
C HIS A 108 0.86 8.00 -37.37
N GLY A 109 1.65 8.02 -38.43
CA GLY A 109 1.20 7.43 -39.67
C GLY A 109 0.40 8.23 -40.68
N PHE A 110 0.42 9.55 -40.56
CA PHE A 110 -0.29 10.37 -41.54
C PHE A 110 0.37 9.94 -42.84
N THR A 111 -0.42 9.60 -43.84
CA THR A 111 0.13 9.11 -45.11
C THR A 111 -0.24 9.98 -46.29
N PHE A 112 0.76 10.26 -47.14
CA PHE A 112 0.53 11.13 -48.28
C PHE A 112 0.83 10.49 -49.63
N ASP A 113 0.05 10.89 -50.63
CA ASP A 113 0.21 10.38 -51.98
C ASP A 113 1.41 11.07 -52.63
N LEU A 114 2.35 10.29 -53.13
CA LEU A 114 3.55 10.84 -53.74
C LEU A 114 3.27 11.79 -54.90
N GLU A 115 2.23 11.51 -55.66
CA GLU A 115 1.89 12.32 -56.82
C GLU A 115 1.20 13.64 -56.52
N THR A 116 0.12 13.58 -55.74
CA THR A 116 -0.67 14.75 -55.44
C THR A 116 -0.41 15.37 -54.09
N GLY A 117 0.19 14.58 -53.19
CA GLY A 117 0.50 15.06 -51.86
C GLY A 117 -0.68 14.96 -50.92
N LYS A 118 -1.83 14.54 -51.43
CA LYS A 118 -3.05 14.42 -50.62
C LYS A 118 -2.92 13.44 -49.45
N LEU A 119 -3.58 13.77 -48.35
CA LEU A 119 -3.60 12.92 -47.16
C LEU A 119 -4.55 11.78 -47.53
N VAL A 120 -3.99 10.62 -47.85
CA VAL A 120 -4.82 9.48 -48.25
C VAL A 120 -5.32 8.61 -47.11
N THR A 121 -4.69 8.71 -45.95
CA THR A 121 -5.11 7.93 -44.80
C THR A 121 -4.20 8.23 -43.62
N ILE A 122 -4.55 7.70 -42.45
CA ILE A 122 -3.75 7.84 -41.23
C ILE A 122 -3.68 6.42 -40.65
N VAL A 123 -2.49 5.84 -40.64
CA VAL A 123 -2.33 4.48 -40.12
C VAL A 123 -3.10 4.24 -38.82
N ALA A 124 -3.00 5.17 -37.89
CA ALA A 124 -3.66 5.02 -36.60
C ALA A 124 -5.13 5.44 -36.55
N ASN A 125 -5.67 5.92 -37.67
CA ASN A 125 -7.06 6.39 -37.71
C ASN A 125 -7.54 6.46 -39.15
N PRO A 126 -7.78 5.29 -39.79
CA PRO A 126 -8.24 5.25 -41.18
C PRO A 126 -9.60 5.88 -41.51
N GLU A 127 -10.40 6.21 -40.50
CA GLU A 127 -11.69 6.82 -40.76
C GLU A 127 -11.85 8.24 -40.22
N ASP A 128 -10.75 8.90 -39.91
CA ASP A 128 -10.82 10.27 -39.41
C ASP A 128 -11.33 11.21 -40.50
N LYS A 129 -12.16 12.17 -40.12
CA LYS A 129 -12.73 13.12 -41.08
C LYS A 129 -11.68 13.99 -41.78
N LEU A 130 -10.49 14.12 -41.21
CA LEU A 130 -9.46 14.96 -41.81
C LEU A 130 -8.96 14.38 -43.12
N ILE A 131 -8.93 13.05 -43.19
CA ILE A 131 -8.44 12.35 -44.37
C ILE A 131 -9.07 12.84 -45.67
N GLY A 132 -8.23 13.13 -46.65
CA GLY A 132 -8.71 13.61 -47.94
C GLY A 132 -9.05 15.09 -48.03
N THR A 133 -9.15 15.77 -46.89
CA THR A 133 -9.49 17.20 -46.88
C THR A 133 -8.29 18.13 -47.02
N THR A 134 -7.10 17.55 -47.08
CA THR A 134 -5.88 18.34 -47.23
C THR A 134 -4.70 17.45 -47.62
N GLY A 135 -3.51 18.04 -47.68
CA GLY A 135 -2.32 17.29 -48.04
C GLY A 135 -1.11 18.21 -47.98
N VAL A 136 0.05 17.67 -48.36
CA VAL A 136 1.28 18.47 -48.35
C VAL A 136 1.62 18.93 -49.76
N THR A 137 2.43 19.99 -49.84
CA THR A 137 2.82 20.54 -51.13
C THR A 137 3.65 19.55 -51.96
N THR A 138 3.46 19.58 -53.27
CA THR A 138 4.23 18.72 -54.16
C THR A 138 5.20 19.62 -54.93
N TYR A 139 6.36 19.09 -55.28
CA TYR A 139 7.33 19.85 -56.03
C TYR A 139 7.71 19.11 -57.31
N PRO A 140 7.49 19.73 -58.47
CA PRO A 140 7.79 19.09 -59.75
C PRO A 140 9.26 18.66 -59.81
N VAL A 141 9.49 17.45 -60.31
CA VAL A 141 10.84 16.93 -60.44
C VAL A 141 11.19 16.67 -61.89
N HIS A 142 12.42 16.99 -62.25
CA HIS A 142 12.92 16.74 -63.58
C HIS A 142 14.34 16.20 -63.46
N GLU A 143 14.46 14.88 -63.61
CA GLU A 143 15.75 14.20 -63.52
C GLU A 143 16.33 13.99 -64.93
N VAL A 144 17.60 14.30 -65.10
CA VAL A 144 18.25 14.15 -66.40
C VAL A 144 19.77 14.02 -66.28
N ASN A 145 20.32 13.03 -66.98
CA ASN A 145 21.75 12.75 -67.01
C ASN A 145 22.49 12.85 -65.68
N GLY A 146 21.98 12.13 -64.68
CA GLY A 146 22.62 12.12 -63.36
C GLY A 146 22.25 13.26 -62.41
N MET A 147 21.39 14.17 -62.87
CA MET A 147 20.97 15.31 -62.06
C MET A 147 19.47 15.28 -61.76
N ILE A 148 19.12 15.53 -60.51
CA ILE A 148 17.72 15.56 -60.10
C ILE A 148 17.36 17.01 -59.76
N PHE A 149 16.60 17.66 -60.63
CA PHE A 149 16.18 19.04 -60.39
C PHE A 149 14.78 19.08 -59.80
N VAL A 150 14.54 20.02 -58.89
CA VAL A 150 13.23 20.16 -58.26
C VAL A 150 12.79 21.61 -58.42
N PHE A 151 11.50 21.79 -58.67
CA PHE A 151 10.95 23.13 -58.83
C PHE A 151 10.43 23.55 -57.45
N VAL A 152 11.24 24.32 -56.72
CA VAL A 152 10.88 24.77 -55.39
C VAL A 152 9.92 25.95 -55.52
N ARG A 153 8.67 25.73 -55.14
CA ARG A 153 7.63 26.75 -55.27
C ARG A 153 6.86 27.03 -53.98
N GLU A 154 6.13 28.14 -53.99
CA GLU A 154 5.29 28.51 -52.85
C GLU A 154 4.09 27.56 -52.90
N ASP A 155 3.46 27.36 -51.75
CA ASP A 155 2.31 26.46 -51.64
C ASP A 155 1.21 26.71 -52.65
N ASP A 156 1.00 27.98 -53.01
CA ASP A 156 -0.07 28.34 -53.94
C ASP A 156 0.29 28.52 -55.42
N PHE A 157 1.54 28.22 -55.80
CA PHE A 157 1.93 28.36 -57.20
C PHE A 157 1.27 27.24 -58.02
N PRO A 158 0.40 27.61 -58.97
CA PRO A 158 -0.33 26.65 -59.82
C PRO A 158 0.53 25.69 -60.63
N ASP A 159 0.11 24.43 -60.69
CA ASP A 159 0.80 23.41 -61.46
C ASP A 159 0.90 23.84 -62.92
N GLU A 160 -0.18 24.39 -63.45
CA GLU A 160 -0.22 24.82 -64.85
C GLU A 160 0.79 25.93 -65.19
N ASP A 161 1.27 26.64 -64.17
CA ASP A 161 2.22 27.71 -64.38
C ASP A 161 3.69 27.30 -64.31
N VAL A 162 3.95 26.05 -63.94
CA VAL A 162 5.33 25.57 -63.85
C VAL A 162 5.99 25.54 -65.22
N PRO A 163 7.08 26.31 -65.38
CA PRO A 163 7.85 26.43 -66.62
C PRO A 163 8.80 25.27 -66.87
N PRO A 164 9.28 25.12 -68.12
CA PRO A 164 10.22 24.05 -68.45
C PRO A 164 11.51 24.27 -67.67
N LEU A 165 12.21 23.19 -67.36
CA LEU A 165 13.47 23.28 -66.63
C LEU A 165 14.47 24.16 -67.42
N ALA A 166 14.43 24.03 -68.74
CA ALA A 166 15.34 24.78 -69.61
C ALA A 166 15.31 26.28 -69.31
N HIS A 167 14.14 26.80 -68.93
CA HIS A 167 14.02 28.22 -68.63
C HIS A 167 14.87 28.69 -67.45
N ASP A 168 15.28 27.75 -66.60
CA ASP A 168 16.12 28.09 -65.45
C ASP A 168 17.49 27.44 -65.56
N LEU A 169 17.91 27.16 -66.79
CA LEU A 169 19.21 26.54 -67.06
C LEU A 169 19.95 27.48 -68.01
N PRO A 170 21.30 27.47 -67.96
CA PRO A 170 22.08 28.35 -68.86
C PRO A 170 21.72 28.23 -70.34
N PHE A 171 22.13 29.24 -71.11
CA PHE A 171 21.87 29.27 -72.56
C PHE A 171 22.51 28.05 -73.22
N ARG A 172 21.81 27.44 -74.18
CA ARG A 172 22.31 26.26 -74.85
C ARG A 172 22.98 26.55 -76.20
N PHE A 173 24.00 25.76 -76.52
CA PHE A 173 24.74 25.85 -77.78
C PHE A 173 24.71 24.45 -78.39
N PRO A 174 24.79 24.34 -79.72
CA PRO A 174 24.91 25.41 -80.72
C PRO A 174 23.64 26.24 -80.96
N GLU A 175 22.53 25.86 -80.34
CA GLU A 175 21.27 26.58 -80.52
C GLU A 175 21.45 28.10 -80.51
N ARG A 176 22.26 28.60 -79.60
CA ARG A 176 22.45 30.03 -79.50
C ARG A 176 23.83 30.52 -79.98
N SER A 177 24.51 29.67 -80.76
CA SER A 177 25.82 30.01 -81.28
C SER A 177 25.80 31.28 -82.11
N GLU A 178 24.71 31.52 -82.84
CA GLU A 178 24.59 32.72 -83.67
C GLU A 178 24.45 33.97 -82.80
N GLN A 179 23.60 33.86 -81.79
CA GLN A 179 23.34 34.96 -80.85
C GLN A 179 24.58 35.30 -80.02
N PHE A 180 25.31 34.27 -79.60
CA PHE A 180 26.53 34.47 -78.81
C PHE A 180 27.69 33.77 -79.50
N PRO A 181 28.21 34.38 -80.57
CA PRO A 181 29.33 33.81 -81.34
C PRO A 181 30.54 33.41 -80.49
N HIS A 182 31.09 32.24 -80.79
CA HIS A 182 32.25 31.72 -80.07
C HIS A 182 33.22 31.04 -81.03
N PRO A 183 33.94 31.85 -81.83
CA PRO A 183 34.90 31.32 -82.80
C PRO A 183 36.15 30.66 -82.20
N LEU A 184 36.50 31.03 -80.98
CA LEU A 184 37.69 30.51 -80.31
C LEU A 184 37.53 29.19 -79.57
N TRP A 185 36.36 28.56 -79.65
CA TRP A 185 36.14 27.29 -78.98
C TRP A 185 34.85 26.60 -79.38
N PRO A 186 34.80 25.26 -79.27
CA PRO A 186 33.60 24.51 -79.64
C PRO A 186 32.43 24.68 -78.66
N SER A 187 31.23 24.40 -79.15
CA SER A 187 30.01 24.53 -78.37
C SER A 187 30.00 23.74 -77.06
N SER A 188 29.60 24.41 -75.97
CA SER A 188 29.53 23.76 -74.67
C SER A 188 28.23 22.97 -74.59
N PRO A 189 28.31 21.74 -74.07
CA PRO A 189 27.12 20.90 -73.94
C PRO A 189 26.25 21.31 -72.76
N SER A 190 25.00 20.89 -72.78
CA SER A 190 24.04 21.20 -71.71
C SER A 190 23.76 19.90 -70.96
N VAL A 191 23.27 19.96 -69.72
CA VAL A 191 22.97 18.72 -69.02
C VAL A 191 21.72 18.10 -69.64
N LEU A 192 21.06 18.86 -70.53
CA LEU A 192 19.86 18.38 -71.21
C LEU A 192 20.19 17.60 -72.49
N ASP A 193 21.43 17.74 -72.96
CA ASP A 193 21.88 17.07 -74.18
C ASP A 193 21.98 15.56 -74.05
N ASP A 194 21.68 14.86 -75.14
CA ASP A 194 21.77 13.41 -75.13
C ASP A 194 23.23 13.00 -74.93
N ASN A 195 23.44 11.95 -74.15
CA ASN A 195 24.78 11.45 -73.86
C ASN A 195 25.67 12.41 -73.07
N ALA A 196 25.08 13.49 -72.55
CA ALA A 196 25.86 14.42 -71.74
C ALA A 196 26.13 13.73 -70.42
N VAL A 197 27.39 13.72 -69.99
CA VAL A 197 27.73 13.08 -68.72
C VAL A 197 28.10 14.13 -67.68
N VAL A 198 27.65 13.93 -66.45
CA VAL A 198 27.93 14.86 -65.37
C VAL A 198 28.78 14.27 -64.25
N HIS A 199 29.83 14.99 -63.87
CA HIS A 199 30.71 14.59 -62.76
C HIS A 199 30.87 15.83 -61.92
N GLY A 200 30.77 15.69 -60.61
CA GLY A 200 30.91 16.86 -59.77
C GLY A 200 30.59 16.64 -58.31
N MET A 201 30.27 17.74 -57.63
CA MET A 201 29.97 17.67 -56.21
C MET A 201 29.22 18.90 -55.75
N HIS A 202 28.67 18.82 -54.55
CA HIS A 202 27.99 19.96 -53.95
C HIS A 202 28.35 19.97 -52.47
N ARG A 203 28.69 21.15 -51.96
CA ARG A 203 29.08 21.30 -50.57
C ARG A 203 28.38 22.47 -49.92
N THR A 204 28.00 22.29 -48.66
CA THR A 204 27.32 23.36 -47.94
C THR A 204 28.29 24.51 -47.73
N GLY A 205 27.84 25.71 -48.12
CA GLY A 205 28.64 26.91 -47.96
C GLY A 205 28.12 27.71 -46.77
N PHE A 206 29.01 28.31 -46.02
CA PHE A 206 28.59 29.07 -44.85
C PHE A 206 28.56 30.55 -45.14
N GLY A 207 27.35 31.03 -45.38
CA GLY A 207 27.10 32.41 -45.71
C GLY A 207 25.95 32.47 -46.69
N ASN A 208 25.45 33.68 -46.95
CA ASN A 208 24.33 33.88 -47.85
C ASN A 208 24.66 33.54 -49.31
N TRP A 209 23.66 33.02 -50.02
CA TRP A 209 23.84 32.61 -51.41
C TRP A 209 24.24 33.68 -52.43
N ARG A 210 23.71 34.89 -52.29
CA ARG A 210 24.02 35.97 -53.22
C ARG A 210 25.51 36.30 -53.25
N ILE A 211 26.12 36.32 -52.07
CA ILE A 211 27.54 36.63 -51.97
C ILE A 211 28.38 35.56 -52.67
N ALA A 212 27.93 34.31 -52.58
CA ALA A 212 28.63 33.21 -53.21
C ALA A 212 28.43 33.26 -54.73
N CYS A 213 27.20 33.50 -55.16
CA CYS A 213 26.86 33.56 -56.59
C CYS A 213 27.67 34.63 -57.33
N GLU A 214 27.75 35.83 -56.76
CA GLU A 214 28.48 36.92 -57.40
C GLU A 214 29.96 36.63 -57.57
N ASN A 215 30.52 35.88 -56.63
CA ASN A 215 31.93 35.52 -56.73
C ASN A 215 32.11 34.56 -57.90
N GLY A 216 31.11 33.70 -58.09
CA GLY A 216 31.16 32.72 -59.17
C GLY A 216 31.48 33.27 -60.55
N PHE A 217 30.90 34.42 -60.89
CA PHE A 217 31.15 35.01 -62.21
C PHE A 217 31.94 36.30 -62.16
N ASP A 218 32.69 36.50 -61.07
CA ASP A 218 33.53 37.68 -60.92
C ASP A 218 34.69 37.58 -61.93
N ASN A 219 34.93 38.65 -62.68
CA ASN A 219 35.98 38.64 -63.68
C ASN A 219 37.34 39.13 -63.20
N ALA A 220 37.39 39.85 -62.09
CA ALA A 220 38.67 40.38 -61.65
C ALA A 220 39.15 40.01 -60.23
N HIS A 221 39.69 38.80 -60.05
CA HIS A 221 40.20 38.41 -58.74
C HIS A 221 41.36 37.44 -58.85
N ILE A 222 42.42 37.91 -59.51
CA ILE A 222 43.63 37.10 -59.71
C ILE A 222 44.33 36.71 -58.40
N LEU A 223 44.43 37.66 -57.48
CA LEU A 223 45.10 37.42 -56.20
C LEU A 223 44.57 36.17 -55.48
N VAL A 224 43.32 35.82 -55.76
CA VAL A 224 42.66 34.66 -55.17
C VAL A 224 43.13 33.33 -55.75
N HIS A 225 43.43 33.30 -57.04
CA HIS A 225 43.84 32.08 -57.74
C HIS A 225 45.29 32.07 -58.22
N LYS A 226 46.03 33.14 -58.00
CA LYS A 226 47.41 33.22 -58.47
C LYS A 226 48.32 32.09 -57.99
N ASP A 227 48.11 31.60 -56.77
CA ASP A 227 48.94 30.52 -56.22
C ASP A 227 48.42 29.11 -56.50
N ASN A 228 47.26 29.01 -57.14
CA ASN A 228 46.70 27.70 -57.44
C ASN A 228 47.69 26.85 -58.24
N THR A 229 47.76 25.58 -57.88
CA THR A 229 48.68 24.65 -58.52
C THR A 229 48.49 24.54 -60.02
N ILE A 230 47.23 24.48 -60.47
CA ILE A 230 46.94 24.35 -61.90
C ILE A 230 47.52 25.52 -62.71
N VAL A 231 47.51 26.70 -62.11
CA VAL A 231 48.02 27.89 -62.78
C VAL A 231 49.52 27.76 -63.07
N HIS A 232 50.26 27.20 -62.11
CA HIS A 232 51.71 27.03 -62.29
C HIS A 232 52.06 25.78 -63.09
N ALA A 233 51.24 24.73 -62.96
CA ALA A 233 51.47 23.51 -63.70
C ALA A 233 51.26 23.74 -65.20
N MET A 234 50.32 24.61 -65.53
CA MET A 234 50.02 24.91 -66.93
C MET A 234 50.88 26.06 -67.48
N ASP A 235 51.70 26.64 -66.61
CA ASP A 235 52.55 27.76 -67.00
C ASP A 235 51.74 28.97 -67.42
N TRP A 236 50.61 29.18 -66.77
CA TRP A 236 49.75 30.30 -67.07
C TRP A 236 50.31 31.59 -66.49
N VAL A 237 49.97 32.70 -67.14
CA VAL A 237 50.39 34.02 -66.70
C VAL A 237 49.10 34.83 -66.74
N LEU A 238 48.43 34.93 -65.60
CA LEU A 238 47.17 35.64 -65.51
C LEU A 238 47.31 37.15 -65.50
N PRO A 239 46.28 37.85 -66.01
CA PRO A 239 46.26 39.32 -66.06
C PRO A 239 45.84 39.90 -64.70
N LEU A 240 46.29 41.11 -64.39
CA LEU A 240 45.95 41.73 -63.11
C LEU A 240 44.43 41.89 -63.00
N GLY A 241 43.76 41.92 -64.15
CA GLY A 241 42.31 42.07 -64.16
C GLY A 241 41.76 42.27 -65.57
N LEU A 242 40.44 42.19 -65.69
CA LEU A 242 39.74 42.38 -66.95
C LEU A 242 38.83 43.60 -66.82
N LEU A 243 38.90 44.50 -67.80
CA LEU A 243 38.09 45.71 -67.77
C LEU A 243 37.12 45.84 -68.93
N PRO A 244 35.93 46.38 -68.65
CA PRO A 244 34.94 46.57 -69.70
C PRO A 244 35.34 47.82 -70.48
N THR A 245 35.41 47.71 -71.80
CA THR A 245 35.80 48.82 -72.65
C THR A 245 34.61 49.58 -73.20
N SER A 246 33.46 48.91 -73.22
CA SER A 246 32.26 49.52 -73.73
C SER A 246 31.07 49.26 -72.82
N ASP A 247 29.98 49.94 -73.13
CA ASP A 247 28.76 49.85 -72.37
C ASP A 247 28.06 48.52 -72.57
N ASP A 248 28.16 47.97 -73.77
CA ASP A 248 27.52 46.71 -74.11
C ASP A 248 28.46 45.52 -73.92
N CYS A 249 29.35 45.60 -72.94
CA CYS A 249 30.28 44.52 -72.67
C CYS A 249 29.52 43.27 -72.22
N ILE A 250 28.28 43.47 -71.80
CA ILE A 250 27.42 42.38 -71.35
C ILE A 250 26.08 42.43 -72.09
N ALA A 251 25.60 41.28 -72.51
CA ALA A 251 24.33 41.21 -73.22
C ALA A 251 23.27 40.62 -72.29
N VAL A 252 22.21 41.39 -72.04
CA VAL A 252 21.13 40.92 -71.18
C VAL A 252 20.05 40.25 -72.01
N VAL A 253 19.71 39.02 -71.67
CA VAL A 253 18.69 38.27 -72.38
C VAL A 253 17.42 38.28 -71.53
N GLU A 254 16.33 38.71 -72.13
CA GLU A 254 15.06 38.84 -71.43
C GLU A 254 13.84 38.26 -72.12
N ASP A 255 14.03 37.37 -73.10
CA ASP A 255 12.91 36.78 -73.82
C ASP A 255 12.10 35.84 -72.97
N ASP A 256 10.88 35.68 -73.43
CA ASP A 256 9.91 34.86 -72.73
C ASP A 256 10.29 33.41 -72.66
N ASP A 257 10.41 32.85 -73.86
CA ASP A 257 10.73 31.45 -74.06
C ASP A 257 12.23 31.27 -74.01
N GLY A 258 12.74 31.12 -72.79
CA GLY A 258 14.16 30.94 -72.63
C GLY A 258 14.64 31.43 -71.28
N PRO A 259 15.93 31.21 -70.97
CA PRO A 259 16.46 31.66 -69.68
C PRO A 259 16.63 33.18 -69.59
N LYS A 260 16.52 33.71 -68.38
CA LYS A 260 16.70 35.14 -68.14
C LYS A 260 18.06 35.34 -67.51
N GLY A 261 18.93 36.06 -68.19
CA GLY A 261 20.26 36.28 -67.63
C GLY A 261 21.13 37.20 -68.47
N MET A 262 22.44 37.03 -68.34
CA MET A 262 23.39 37.85 -69.07
C MET A 262 24.57 37.03 -69.54
N MET A 263 25.06 37.39 -70.73
CA MET A 263 26.22 36.75 -71.34
C MET A 263 27.33 37.78 -71.39
N GLN A 264 28.49 37.44 -70.82
CA GLN A 264 29.62 38.35 -70.83
C GLN A 264 30.50 38.08 -72.05
N TRP A 265 30.71 39.12 -72.86
CA TRP A 265 31.50 39.00 -74.08
C TRP A 265 33.01 38.92 -73.77
N LEU A 266 33.42 37.81 -73.17
CA LEU A 266 34.82 37.63 -72.84
C LEU A 266 35.63 37.28 -74.09
N PHE A 267 36.89 37.70 -74.07
CA PHE A 267 37.80 37.46 -75.18
C PHE A 267 37.36 38.14 -76.48
N THR A 268 36.89 39.37 -76.32
CA THR A 268 36.48 40.20 -77.43
C THR A 268 37.05 41.56 -77.05
N ASP A 269 36.93 42.55 -77.91
CA ASP A 269 37.47 43.85 -77.58
C ASP A 269 36.68 44.60 -76.49
N LYS A 270 35.56 44.02 -76.06
CA LYS A 270 34.72 44.64 -75.04
C LYS A 270 35.31 44.47 -73.64
N TRP A 271 36.22 43.50 -73.50
CA TRP A 271 36.88 43.25 -72.24
C TRP A 271 38.39 43.22 -72.47
N ALA A 272 39.11 44.15 -71.85
CA ALA A 272 40.56 44.22 -72.01
C ALA A 272 41.31 43.88 -70.73
N PRO A 273 42.37 43.06 -70.85
CA PRO A 273 43.16 42.66 -69.69
C PRO A 273 44.03 43.81 -69.19
N VAL A 274 44.31 43.81 -67.90
CA VAL A 274 45.15 44.84 -67.28
C VAL A 274 46.48 44.14 -67.05
N LEU A 275 47.55 44.68 -67.63
CA LEU A 275 48.87 44.07 -67.49
C LEU A 275 49.80 44.76 -66.52
N GLU A 276 49.39 45.90 -65.97
CA GLU A 276 50.28 46.56 -65.03
C GLU A 276 49.61 47.53 -64.08
N ASN A 277 50.36 47.91 -63.05
CA ASN A 277 49.93 48.85 -62.03
C ASN A 277 51.13 49.71 -61.71
N GLN A 278 51.19 50.89 -62.31
CA GLN A 278 52.32 51.81 -62.12
C GLN A 278 52.54 52.29 -60.69
N GLU A 279 51.45 52.41 -59.93
CA GLU A 279 51.54 52.88 -58.55
C GLU A 279 52.28 51.87 -57.66
N LEU A 280 52.03 50.58 -57.87
CA LEU A 280 52.67 49.54 -57.08
C LEU A 280 53.89 48.94 -57.77
N GLY A 281 54.16 49.37 -58.99
CA GLY A 281 55.30 48.87 -59.73
C GLY A 281 55.12 47.43 -60.19
N LEU A 282 53.90 47.07 -60.55
CA LEU A 282 53.59 45.72 -61.00
C LEU A 282 53.38 45.70 -62.51
N LYS A 283 53.83 44.62 -63.14
CA LYS A 283 53.64 44.49 -64.56
C LYS A 283 53.81 43.05 -65.04
N VAL A 284 52.83 42.59 -65.80
CA VAL A 284 52.79 41.25 -66.33
C VAL A 284 53.13 41.26 -67.82
N GLU A 285 53.89 40.26 -68.25
CA GLU A 285 54.25 40.15 -69.65
C GLU A 285 54.17 38.69 -70.06
N GLY A 286 53.95 38.42 -71.34
CA GLY A 286 53.90 37.02 -71.73
C GLY A 286 52.65 36.31 -71.29
N LEU A 287 51.53 36.96 -71.61
CA LEU A 287 50.17 36.56 -71.35
C LEU A 287 49.84 35.08 -71.68
N LYS A 288 49.69 34.20 -70.70
CA LYS A 288 49.36 32.82 -71.08
C LYS A 288 48.17 32.31 -70.27
N GLY A 289 47.18 31.74 -70.94
CA GLY A 289 46.01 31.24 -70.24
C GLY A 289 45.09 30.38 -71.08
N ARG A 290 43.81 30.40 -70.76
CA ARG A 290 42.81 29.61 -71.48
C ARG A 290 41.65 30.45 -71.96
N HIS A 291 41.04 30.05 -73.07
CA HIS A 291 39.89 30.75 -73.59
C HIS A 291 38.67 30.17 -72.90
N TYR A 292 37.83 31.04 -72.36
CA TYR A 292 36.62 30.63 -71.65
C TYR A 292 35.65 31.82 -71.60
N ARG A 293 34.39 31.54 -71.33
CA ARG A 293 33.38 32.58 -71.25
C ARG A 293 32.36 32.27 -70.14
N THR A 294 32.02 33.27 -69.35
CA THR A 294 31.06 33.10 -68.27
C THR A 294 29.76 33.86 -68.48
N SER A 295 28.67 33.25 -68.01
CA SER A 295 27.35 33.85 -68.11
C SER A 295 26.58 33.39 -66.87
N VAL A 296 25.51 34.11 -66.53
CA VAL A 296 24.71 33.76 -65.37
C VAL A 296 23.23 34.01 -65.66
N VAL A 297 22.39 33.06 -65.26
CA VAL A 297 20.95 33.16 -65.45
C VAL A 297 20.21 32.86 -64.15
N LEU A 298 18.98 33.35 -64.05
CA LEU A 298 18.17 33.09 -62.85
C LEU A 298 17.93 31.57 -62.79
N PRO A 299 17.85 31.00 -61.57
CA PRO A 299 17.89 31.62 -60.25
C PRO A 299 19.28 31.96 -59.73
N GLY A 300 20.29 31.81 -60.59
CA GLY A 300 21.66 32.08 -60.22
C GLY A 300 22.53 30.90 -60.60
N VAL A 301 22.57 30.62 -61.91
CA VAL A 301 23.34 29.50 -62.43
C VAL A 301 24.47 29.95 -63.33
N LEU A 302 25.69 29.54 -62.98
CA LEU A 302 26.89 29.90 -63.74
C LEU A 302 27.26 28.90 -64.81
N MET A 303 27.75 29.41 -65.94
CA MET A 303 28.22 28.57 -67.03
C MET A 303 29.58 29.08 -67.44
N VAL A 304 30.57 28.19 -67.46
CA VAL A 304 31.91 28.55 -67.86
C VAL A 304 32.26 27.71 -69.08
N GLU A 305 32.00 28.25 -70.27
CA GLU A 305 32.28 27.57 -71.52
C GLU A 305 33.77 27.30 -71.70
N ASN A 306 34.09 26.18 -72.32
CA ASN A 306 35.47 25.80 -72.60
C ASN A 306 36.36 25.70 -71.35
N TRP A 307 35.81 25.11 -70.29
CA TRP A 307 36.54 24.94 -69.05
C TRP A 307 36.22 23.58 -68.43
N PRO A 308 37.26 22.84 -67.98
CA PRO A 308 38.67 23.23 -68.02
C PRO A 308 39.37 22.97 -69.37
N GLU A 309 38.68 22.27 -70.25
CA GLU A 309 39.20 21.97 -71.58
C GLU A 309 38.08 21.98 -72.62
N GLU A 310 38.45 21.97 -73.89
CA GLU A 310 37.47 22.00 -74.96
C GLU A 310 36.47 20.87 -74.85
N HIS A 311 35.23 21.14 -75.22
CA HIS A 311 34.14 20.17 -75.15
C HIS A 311 33.68 19.87 -73.73
N VAL A 312 34.33 20.51 -72.76
CA VAL A 312 33.97 20.35 -71.36
C VAL A 312 33.48 21.71 -70.89
N VAL A 313 32.46 21.72 -70.02
CA VAL A 313 31.91 22.97 -69.50
C VAL A 313 31.62 22.84 -68.00
N GLN A 314 31.80 23.95 -67.27
CA GLN A 314 31.54 23.94 -65.83
C GLN A 314 30.31 24.76 -65.46
N TYR A 315 29.43 24.14 -64.68
CA TYR A 315 28.20 24.78 -64.24
C TYR A 315 28.19 24.85 -62.71
N GLU A 316 27.68 25.95 -62.17
CA GLU A 316 27.60 26.10 -60.73
C GLU A 316 26.26 26.66 -60.29
N TRP A 317 25.85 26.24 -59.10
CA TRP A 317 24.61 26.69 -58.48
C TRP A 317 25.02 27.09 -57.07
N TYR A 318 24.26 28.01 -56.48
CA TYR A 318 24.50 28.50 -55.12
C TYR A 318 23.10 28.48 -54.53
N VAL A 319 22.61 27.27 -54.32
CA VAL A 319 21.26 27.04 -53.83
C VAL A 319 21.04 27.48 -52.39
N PRO A 320 20.14 28.44 -52.17
CA PRO A 320 19.88 28.88 -50.80
C PRO A 320 19.25 27.79 -49.97
N ILE A 321 19.75 27.64 -48.74
CA ILE A 321 19.22 26.64 -47.82
C ILE A 321 18.39 27.43 -46.80
N THR A 322 19.05 28.38 -46.15
CA THR A 322 18.40 29.29 -45.22
C THR A 322 18.91 30.63 -45.73
N ASP A 323 18.78 31.69 -44.93
CA ASP A 323 19.27 32.98 -45.40
C ASP A 323 20.76 33.17 -45.13
N ASP A 324 21.40 32.20 -44.46
CA ASP A 324 22.83 32.35 -44.22
C ASP A 324 23.64 31.09 -44.54
N THR A 325 23.04 30.17 -45.30
CA THR A 325 23.72 28.95 -45.74
C THR A 325 23.19 28.63 -47.13
N HIS A 326 24.04 28.00 -47.95
CA HIS A 326 23.67 27.63 -49.32
C HIS A 326 24.42 26.37 -49.68
N GLU A 327 23.96 25.70 -50.74
CA GLU A 327 24.61 24.48 -51.20
C GLU A 327 25.31 24.82 -52.53
N TYR A 328 26.64 24.79 -52.50
CA TYR A 328 27.43 25.13 -53.68
C TYR A 328 27.71 23.93 -54.58
N TRP A 329 27.13 23.97 -55.78
CA TRP A 329 27.30 22.90 -56.75
C TRP A 329 28.36 23.23 -57.78
N GLU A 330 29.18 22.23 -58.12
CA GLU A 330 30.23 22.36 -59.12
C GLU A 330 30.19 21.11 -59.99
N ILE A 331 29.79 21.24 -61.25
CA ILE A 331 29.79 20.07 -62.12
C ILE A 331 30.47 20.35 -63.44
N LEU A 332 31.03 19.29 -64.02
CA LEU A 332 31.70 19.36 -65.31
C LEU A 332 30.91 18.44 -66.21
N VAL A 333 30.56 18.94 -67.39
CA VAL A 333 29.77 18.18 -68.34
C VAL A 333 30.53 17.98 -69.65
N ARG A 334 30.41 16.78 -70.21
CA ARG A 334 31.03 16.46 -71.49
C ARG A 334 30.20 15.37 -72.15
N VAL A 335 29.86 15.56 -73.41
CA VAL A 335 29.06 14.56 -74.12
C VAL A 335 29.96 13.37 -74.45
N CYS A 336 29.55 12.21 -73.98
CA CYS A 336 30.29 10.98 -74.20
C CYS A 336 29.41 9.95 -74.88
N PRO A 337 29.51 9.84 -76.21
CA PRO A 337 28.71 8.90 -77.00
C PRO A 337 28.91 7.42 -76.67
N THR A 338 30.15 6.98 -76.67
CA THR A 338 30.44 5.58 -76.39
C THR A 338 30.87 5.40 -74.94
N ASP A 339 30.92 4.18 -74.46
CA ASP A 339 31.32 4.04 -73.08
C ASP A 339 32.84 4.12 -72.89
N GLU A 340 33.56 4.25 -74.00
CA GLU A 340 35.01 4.41 -73.97
C GLU A 340 35.24 5.87 -73.60
N ASP A 341 34.41 6.73 -74.20
CA ASP A 341 34.48 8.17 -73.95
C ASP A 341 34.15 8.44 -72.48
N ARG A 342 33.20 7.67 -71.95
CA ARG A 342 32.78 7.81 -70.57
C ARG A 342 33.89 7.43 -69.60
N LYS A 343 34.67 6.42 -69.95
CA LYS A 343 35.76 5.97 -69.09
C LYS A 343 36.90 6.97 -69.11
N LYS A 344 37.14 7.59 -70.26
CA LYS A 344 38.21 8.58 -70.35
C LYS A 344 37.86 9.82 -69.56
N PHE A 345 36.61 10.25 -69.68
CA PHE A 345 36.10 11.42 -68.99
C PHE A 345 36.09 11.18 -67.47
N GLN A 346 35.63 10.00 -67.06
CA GLN A 346 35.58 9.64 -65.65
C GLN A 346 36.99 9.65 -65.08
N TYR A 347 37.90 9.03 -65.82
CA TYR A 347 39.30 8.94 -65.42
C TYR A 347 39.99 10.30 -65.33
N ARG A 348 39.80 11.15 -66.33
CA ARG A 348 40.42 12.47 -66.32
C ARG A 348 39.78 13.36 -65.26
N TYR A 349 38.53 13.07 -64.91
CA TYR A 349 37.84 13.84 -63.88
C TYR A 349 38.48 13.48 -62.53
N ASP A 350 38.56 12.19 -62.27
CA ASP A 350 39.12 11.69 -61.02
C ASP A 350 40.56 12.09 -60.71
N HIS A 351 41.40 12.11 -61.74
CA HIS A 351 42.80 12.42 -61.54
C HIS A 351 43.30 13.73 -62.12
N MET A 352 42.38 14.55 -62.61
CA MET A 352 42.77 15.83 -63.18
C MET A 352 41.83 16.96 -62.80
N TYR A 353 40.64 16.96 -63.38
CA TYR A 353 39.65 18.01 -63.11
C TYR A 353 39.26 18.17 -61.64
N LYS A 354 38.91 17.06 -60.97
CA LYS A 354 38.51 17.15 -59.58
C LYS A 354 39.58 17.70 -58.64
N PRO A 355 40.73 17.01 -58.53
CA PRO A 355 41.76 17.53 -57.62
C PRO A 355 42.36 18.88 -58.00
N LEU A 356 42.64 19.09 -59.27
CA LEU A 356 43.26 20.35 -59.70
C LEU A 356 42.32 21.51 -59.98
N CYS A 357 41.11 21.23 -60.46
CA CYS A 357 40.17 22.31 -60.78
C CYS A 357 39.02 22.52 -59.81
N LEU A 358 38.10 21.57 -59.71
CA LEU A 358 36.97 21.72 -58.81
C LEU A 358 37.44 21.98 -57.37
N HIS A 359 38.59 21.42 -57.02
CA HIS A 359 39.16 21.62 -55.69
C HIS A 359 40.34 22.60 -55.72
N GLY A 360 41.37 22.25 -56.48
CA GLY A 360 42.57 23.08 -56.55
C GLY A 360 42.38 24.53 -56.94
N PHE A 361 41.43 24.78 -57.83
CA PHE A 361 41.15 26.14 -58.30
C PHE A 361 40.05 26.81 -57.47
N ASN A 362 38.87 26.18 -57.45
CA ASN A 362 37.71 26.74 -56.75
C ASN A 362 37.67 26.72 -55.21
N ASP A 363 38.50 25.93 -54.55
CA ASP A 363 38.49 25.93 -53.09
C ASP A 363 38.87 27.32 -52.59
N SER A 364 39.71 28.03 -53.34
CA SER A 364 40.14 29.37 -52.96
C SER A 364 38.97 30.34 -52.90
N ASP A 365 37.98 30.12 -53.75
CA ASP A 365 36.80 30.98 -53.79
C ASP A 365 35.96 30.87 -52.55
N LEU A 366 36.07 29.74 -51.86
CA LEU A 366 35.33 29.48 -50.63
C LEU A 366 35.73 30.44 -49.53
N TYR A 367 37.03 30.64 -49.37
CA TYR A 367 37.53 31.53 -48.34
C TYR A 367 37.18 32.97 -48.69
N ALA A 368 37.15 33.28 -49.97
CA ALA A 368 36.79 34.62 -50.42
C ALA A 368 35.32 34.90 -50.09
N ARG A 369 34.46 33.92 -50.33
CA ARG A 369 33.04 34.11 -50.05
C ARG A 369 32.78 34.30 -48.55
N GLU A 370 33.31 33.41 -47.71
CA GLU A 370 33.07 33.53 -46.26
C GLU A 370 33.58 34.85 -45.71
N ALA A 371 34.69 35.33 -46.22
CA ALA A 371 35.29 36.59 -45.77
C ALA A 371 34.43 37.83 -45.99
N MET A 372 33.54 37.77 -46.97
CA MET A 372 32.64 38.87 -47.30
C MET A 372 31.33 38.85 -46.52
N GLN A 373 30.92 37.66 -46.06
CA GLN A 373 29.63 37.50 -45.38
C GLN A 373 29.29 38.42 -44.21
N ASN A 374 30.24 38.71 -43.33
CA ASN A 374 29.97 39.56 -42.16
C ASN A 374 29.58 41.00 -42.51
N PHE A 375 30.06 41.48 -43.64
CA PHE A 375 29.78 42.85 -44.06
C PHE A 375 28.34 42.98 -44.55
N TYR A 376 27.79 41.89 -45.09
CA TYR A 376 26.43 41.92 -45.65
C TYR A 376 25.27 41.35 -44.87
N TYR A 377 25.50 40.40 -43.97
CA TYR A 377 24.36 39.80 -43.29
C TYR A 377 23.40 40.74 -42.57
N ASP A 378 23.91 41.67 -41.76
CA ASP A 378 23.01 42.58 -41.05
C ASP A 378 22.50 43.73 -41.92
N GLY A 379 22.79 43.64 -43.22
CA GLY A 379 22.31 44.67 -44.13
C GLY A 379 23.29 45.76 -44.51
N THR A 380 24.31 45.95 -43.68
CA THR A 380 25.29 46.99 -43.94
C THR A 380 25.85 46.99 -45.36
N GLY A 381 26.50 45.88 -45.75
CA GLY A 381 27.11 45.77 -47.07
C GLY A 381 26.27 46.12 -48.28
N TRP A 382 24.99 45.75 -48.26
CA TRP A 382 24.11 46.04 -49.38
C TRP A 382 23.92 47.54 -49.63
N ASP A 383 24.25 48.35 -48.64
CA ASP A 383 24.13 49.80 -48.77
C ASP A 383 25.48 50.48 -48.80
N ASP A 384 26.39 50.05 -47.94
CA ASP A 384 27.72 50.66 -47.82
C ASP A 384 28.86 50.13 -48.70
N GLU A 385 28.63 49.03 -49.41
CA GLU A 385 29.67 48.51 -50.29
C GLU A 385 30.00 49.65 -51.28
N GLN A 386 31.26 49.73 -51.70
CA GLN A 386 31.64 50.78 -52.67
C GLN A 386 32.11 50.10 -53.95
N LEU A 387 31.15 49.83 -54.83
CA LEU A 387 31.45 49.16 -56.10
C LEU A 387 32.11 50.10 -57.09
N VAL A 388 32.80 49.52 -58.08
CA VAL A 388 33.51 50.29 -59.08
C VAL A 388 33.15 49.88 -60.50
N ALA A 389 33.88 50.43 -61.47
CA ALA A 389 33.63 50.16 -62.89
C ALA A 389 33.49 48.69 -63.26
N THR A 390 34.36 47.84 -62.72
CA THR A 390 34.31 46.41 -63.03
C THR A 390 33.06 45.74 -62.45
N ASP A 391 32.41 46.41 -61.51
CA ASP A 391 31.22 45.85 -60.88
C ASP A 391 29.98 46.00 -61.73
N ILE A 392 30.17 46.37 -62.99
CA ILE A 392 29.04 46.49 -63.88
C ILE A 392 28.45 45.09 -64.08
N SER A 393 29.28 44.07 -63.87
CA SER A 393 28.85 42.69 -64.01
C SER A 393 27.82 42.34 -62.94
N PRO A 394 28.26 42.33 -61.67
CA PRO A 394 27.27 41.98 -60.62
C PRO A 394 26.06 42.90 -60.58
N ILE A 395 26.25 44.19 -60.83
CA ILE A 395 25.13 45.13 -60.82
C ILE A 395 24.11 44.76 -61.89
N THR A 396 24.60 44.45 -63.09
CA THR A 396 23.71 44.07 -64.17
C THR A 396 22.94 42.81 -63.80
N TRP A 397 23.60 41.90 -63.09
CA TRP A 397 22.95 40.65 -62.67
C TRP A 397 21.89 40.95 -61.62
N ARG A 398 22.21 41.81 -60.66
CA ARG A 398 21.26 42.16 -59.61
C ARG A 398 20.01 42.79 -60.20
N LYS A 399 20.18 43.67 -61.18
CA LYS A 399 19.04 44.34 -61.81
C LYS A 399 18.14 43.35 -62.55
N LEU A 400 18.72 42.48 -63.36
CA LEU A 400 17.93 41.52 -64.12
C LEU A 400 17.27 40.52 -63.18
N ALA A 401 17.94 40.16 -62.10
CA ALA A 401 17.38 39.21 -61.14
C ALA A 401 16.17 39.86 -60.46
N SER A 402 16.28 41.14 -60.15
CA SER A 402 15.21 41.86 -59.49
C SER A 402 13.99 41.96 -60.41
N ARG A 403 14.24 42.15 -61.70
CA ARG A 403 13.17 42.27 -62.67
C ARG A 403 12.47 40.98 -63.08
N TRP A 404 13.22 39.88 -63.18
CA TRP A 404 12.62 38.62 -63.62
C TRP A 404 12.47 37.45 -62.67
N ASN A 405 12.79 37.60 -61.39
CA ASN A 405 12.62 36.47 -60.49
C ASN A 405 11.14 36.15 -60.40
N ARG A 406 10.80 34.89 -60.13
CA ARG A 406 9.38 34.50 -60.05
C ARG A 406 8.84 34.59 -58.64
N GLY A 407 9.61 35.15 -57.72
CA GLY A 407 9.15 35.26 -56.35
C GLY A 407 10.27 35.35 -55.34
N ILE A 408 10.00 36.00 -54.23
CA ILE A 408 10.98 36.16 -53.16
C ILE A 408 10.53 35.26 -52.02
N ALA A 409 11.37 34.30 -51.67
CA ALA A 409 11.06 33.36 -50.61
C ALA A 409 10.89 34.06 -49.26
N LYS A 410 9.92 33.60 -48.49
CA LYS A 410 9.69 34.18 -47.18
C LYS A 410 10.51 33.41 -46.17
N PRO A 411 10.83 34.05 -45.03
CA PRO A 411 11.62 33.36 -44.01
C PRO A 411 10.92 32.09 -43.57
N GLY A 412 11.70 31.07 -43.21
CA GLY A 412 11.08 29.84 -42.75
C GLY A 412 10.31 30.04 -41.45
N ARG A 413 9.19 29.34 -41.30
CA ARG A 413 8.37 29.43 -40.09
C ARG A 413 7.94 28.02 -39.66
N GLY A 414 8.33 27.61 -38.47
CA GLY A 414 7.97 26.28 -38.00
C GLY A 414 8.74 25.17 -38.68
N VAL A 415 9.93 25.48 -39.15
CA VAL A 415 10.81 24.53 -39.83
C VAL A 415 12.25 24.78 -39.37
N ALA A 416 13.16 23.88 -39.74
CA ALA A 416 14.56 24.06 -39.36
C ALA A 416 15.07 25.35 -39.96
N GLY A 417 15.89 26.09 -39.22
CA GLY A 417 16.42 27.34 -39.73
C GLY A 417 15.53 28.54 -39.45
N ALA A 418 14.29 28.30 -39.06
CA ALA A 418 13.36 29.40 -38.74
C ALA A 418 13.92 30.16 -37.54
N VAL A 419 14.55 29.43 -36.63
CA VAL A 419 15.17 30.00 -35.44
C VAL A 419 16.61 29.50 -35.48
N LYS A 420 17.58 30.40 -35.37
CA LYS A 420 18.98 30.00 -35.45
C LYS A 420 19.68 29.55 -34.19
N ASP A 421 19.15 29.90 -33.01
CA ASP A 421 19.83 29.51 -31.77
C ASP A 421 19.07 28.57 -30.84
N THR A 422 18.46 27.52 -31.41
CA THR A 422 17.72 26.54 -30.60
C THR A 422 18.66 25.59 -29.85
N SER A 423 18.14 24.95 -28.80
CA SER A 423 18.95 24.03 -28.02
C SER A 423 19.35 22.83 -28.86
N LEU A 424 18.57 22.56 -29.91
CA LEU A 424 18.88 21.44 -30.80
C LEU A 424 20.12 21.77 -31.63
N ILE A 425 20.19 23.01 -32.12
CA ILE A 425 21.34 23.43 -32.90
C ILE A 425 22.58 23.46 -32.03
N PHE A 426 22.45 23.89 -30.77
CA PHE A 426 23.61 23.92 -29.88
C PHE A 426 24.04 22.48 -29.53
N LYS A 427 23.08 21.58 -29.44
CA LYS A 427 23.39 20.17 -29.16
C LYS A 427 24.25 19.63 -30.32
N GLN A 428 23.75 19.84 -31.53
CA GLN A 428 24.44 19.39 -32.72
C GLN A 428 25.83 19.99 -32.84
N THR A 429 25.92 21.29 -32.58
CA THR A 429 27.19 22.01 -32.66
C THR A 429 28.16 21.46 -31.63
N ALA A 430 27.65 21.21 -30.42
CA ALA A 430 28.48 20.67 -29.34
C ALA A 430 29.05 19.31 -29.75
N ASP A 431 28.25 18.57 -30.52
CA ASP A 431 28.65 17.24 -31.01
C ASP A 431 29.63 17.33 -32.17
N GLY A 432 29.93 18.54 -32.62
CA GLY A 432 30.86 18.70 -33.71
C GLY A 432 30.24 18.78 -35.10
N LYS A 433 28.91 18.84 -35.18
CA LYS A 433 28.22 18.89 -36.46
C LYS A 433 28.03 20.31 -36.98
N ARG A 434 28.53 20.57 -38.18
CA ARG A 434 28.40 21.88 -38.80
C ARG A 434 27.03 22.05 -39.44
N PRO A 435 26.66 23.30 -39.78
CA PRO A 435 25.36 23.52 -40.42
C PRO A 435 25.40 22.68 -41.70
N GLY A 436 24.28 22.08 -42.09
CA GLY A 436 24.30 21.24 -43.27
C GLY A 436 23.18 21.39 -44.29
N TYR A 437 22.99 20.33 -45.09
CA TYR A 437 21.98 20.33 -46.14
C TYR A 437 21.12 19.07 -46.13
N LYS A 438 21.76 17.91 -46.20
CA LYS A 438 21.05 16.64 -46.20
C LYS A 438 20.60 16.27 -44.79
N VAL A 439 19.30 16.03 -44.63
CA VAL A 439 18.75 15.67 -43.32
C VAL A 439 19.30 14.33 -42.85
N GLU A 440 19.79 14.32 -41.61
CA GLU A 440 20.36 13.13 -40.99
C GLU A 440 19.21 12.19 -40.61
N GLN A 441 19.37 10.91 -40.90
CA GLN A 441 18.32 9.95 -40.61
C GLN A 441 18.39 9.17 -39.31
N ILE A 442 17.19 8.72 -38.93
CA ILE A 442 16.80 7.95 -37.75
C ILE A 442 16.73 8.74 -36.47
N ILE B 16 -4.61 24.30 -44.25
CA ILE B 16 -5.27 23.94 -42.97
C ILE B 16 -6.74 23.63 -43.19
N SER B 17 -7.11 22.37 -42.90
CA SER B 17 -8.47 21.87 -43.08
C SER B 17 -9.43 22.15 -41.92
N ASP B 18 -10.67 22.50 -42.26
CA ASP B 18 -11.70 22.76 -41.25
C ASP B 18 -12.13 21.47 -40.56
N ALA B 19 -11.61 20.34 -41.02
CA ALA B 19 -11.95 19.05 -40.44
C ALA B 19 -11.03 18.65 -39.28
N ARG B 20 -10.03 19.48 -38.98
CA ARG B 20 -9.13 19.18 -37.87
C ARG B 20 -9.87 19.32 -36.55
N ALA B 21 -9.43 18.57 -35.55
CA ALA B 21 -10.07 18.59 -34.23
C ALA B 21 -9.86 19.89 -33.48
N ASN B 22 -8.68 20.50 -33.64
CA ASN B 22 -8.36 21.73 -32.94
C ASN B 22 -8.86 23.00 -33.62
N ASN B 23 -10.17 23.20 -33.62
CA ASN B 23 -10.75 24.37 -34.24
C ASN B 23 -10.55 25.58 -33.32
N ALA B 24 -10.83 26.76 -33.85
CA ALA B 24 -10.65 28.01 -33.13
C ALA B 24 -11.20 27.99 -31.71
N LYS B 25 -12.42 27.49 -31.56
CA LYS B 25 -13.05 27.44 -30.27
C LYS B 25 -12.25 26.57 -29.30
N THR B 26 -11.84 25.40 -29.77
CA THR B 26 -11.04 24.49 -28.95
C THR B 26 -9.71 25.10 -28.57
N GLN B 27 -9.04 25.73 -29.53
CA GLN B 27 -7.75 26.35 -29.25
C GLN B 27 -7.83 27.45 -28.20
N SER B 28 -8.95 28.19 -28.20
CA SER B 28 -9.13 29.28 -27.25
C SER B 28 -9.29 28.74 -25.84
N GLN B 29 -9.52 27.44 -25.71
CA GLN B 29 -9.67 26.82 -24.41
C GLN B 29 -8.37 26.39 -23.74
N TYR B 30 -7.24 26.56 -24.43
CA TYR B 30 -5.95 26.23 -23.83
C TYR B 30 -4.87 27.25 -24.15
N GLN B 31 -5.28 28.51 -24.20
CA GLN B 31 -4.35 29.59 -24.45
C GLN B 31 -3.28 29.64 -23.35
N PRO B 32 -3.67 29.40 -22.08
CA PRO B 32 -2.69 29.43 -20.99
C PRO B 32 -1.56 28.42 -21.20
N TYR B 33 -1.91 27.27 -21.78
CA TYR B 33 -0.96 26.21 -22.06
C TYR B 33 -0.01 26.66 -23.17
N LYS B 34 -0.57 27.35 -24.17
CA LYS B 34 0.25 27.85 -25.26
C LYS B 34 1.22 28.88 -24.71
N ASP B 35 0.80 29.57 -23.65
CA ASP B 35 1.62 30.60 -23.03
C ASP B 35 2.65 30.09 -22.04
N ALA B 36 2.59 28.82 -21.67
CA ALA B 36 3.51 28.27 -20.67
C ALA B 36 4.79 27.59 -21.15
N ALA B 37 5.49 28.20 -22.11
CA ALA B 37 6.72 27.62 -22.64
C ALA B 37 7.75 27.37 -21.55
N TRP B 38 7.87 28.29 -20.60
CA TRP B 38 8.82 28.16 -19.51
C TRP B 38 8.35 27.25 -18.39
N GLY B 39 7.13 26.72 -18.53
CA GLY B 39 6.58 25.82 -17.51
C GLY B 39 5.55 26.41 -16.57
N PHE B 40 4.87 25.54 -15.84
CA PHE B 40 3.87 25.96 -14.87
C PHE B 40 4.62 26.05 -13.54
N ILE B 41 4.62 27.23 -12.93
CA ILE B 41 5.34 27.43 -11.68
C ILE B 41 4.41 27.28 -10.48
N ASN B 42 4.99 27.11 -9.29
CA ASN B 42 4.23 26.90 -8.05
C ASN B 42 3.70 25.45 -8.07
N HIS B 43 4.60 24.53 -8.44
CA HIS B 43 4.27 23.11 -8.49
C HIS B 43 5.47 22.30 -7.99
N TRP B 44 5.19 21.06 -7.58
CA TRP B 44 6.23 20.14 -7.10
C TRP B 44 6.88 19.42 -8.28
N TYR B 45 8.21 19.39 -8.28
CA TYR B 45 8.96 18.70 -9.35
C TYR B 45 10.09 17.89 -8.76
N PRO B 46 10.48 16.81 -9.46
CA PRO B 46 11.59 15.98 -8.97
C PRO B 46 12.85 16.83 -9.19
N ALA B 47 13.72 16.90 -8.19
CA ALA B 47 14.92 17.72 -8.35
C ALA B 47 16.16 16.86 -8.62
N LEU B 48 16.38 15.88 -7.74
CA LEU B 48 17.53 14.98 -7.82
C LEU B 48 17.18 13.67 -7.12
N PHE B 49 17.91 12.61 -7.47
CA PHE B 49 17.70 11.34 -6.79
C PHE B 49 18.45 11.52 -5.47
N THR B 50 18.04 10.79 -4.44
CA THR B 50 18.71 10.90 -3.16
C THR B 50 20.22 10.64 -3.33
N HIS B 51 20.59 9.63 -4.11
CA HIS B 51 22.01 9.30 -4.29
C HIS B 51 22.84 10.41 -4.94
N GLU B 52 22.17 11.44 -5.48
CA GLU B 52 22.88 12.55 -6.13
C GLU B 52 23.20 13.67 -5.14
N LEU B 53 22.78 13.50 -3.89
CA LEU B 53 23.04 14.51 -2.87
C LEU B 53 23.33 13.88 -1.52
N GLU B 54 24.61 13.65 -1.24
CA GLU B 54 25.03 13.06 0.03
C GLU B 54 25.20 14.13 1.10
N GLU B 55 25.50 13.70 2.32
CA GLU B 55 25.69 14.63 3.43
C GLU B 55 26.73 15.67 3.08
N ASP B 56 26.39 16.94 3.31
CA ASP B 56 27.29 18.05 3.02
C ASP B 56 27.53 18.32 1.54
N GLN B 57 26.81 17.62 0.66
CA GLN B 57 26.99 17.86 -0.76
C GLN B 57 26.07 19.00 -1.19
N VAL B 58 26.55 19.81 -2.13
CA VAL B 58 25.81 20.94 -2.65
C VAL B 58 25.65 20.75 -4.14
N GLN B 59 24.45 20.97 -4.67
CA GLN B 59 24.22 20.80 -6.10
C GLN B 59 23.32 21.88 -6.68
N GLY B 60 23.69 22.40 -7.85
CA GLY B 60 22.90 23.42 -8.52
C GLY B 60 22.13 22.85 -9.71
N ILE B 61 20.90 23.30 -9.88
CA ILE B 61 20.01 22.87 -10.96
C ILE B 61 19.18 24.06 -11.45
N GLN B 62 18.25 23.79 -12.36
CA GLN B 62 17.38 24.84 -12.88
C GLN B 62 16.06 24.21 -13.29
N ILE B 63 14.95 24.79 -12.83
CA ILE B 63 13.61 24.31 -13.14
C ILE B 63 12.72 25.53 -13.39
N CYS B 64 11.95 25.50 -14.48
CA CYS B 64 11.07 26.61 -14.84
C CYS B 64 11.84 27.92 -14.92
N GLY B 65 13.09 27.82 -15.37
CA GLY B 65 13.93 28.99 -15.50
C GLY B 65 14.50 29.48 -14.18
N VAL B 66 14.13 28.83 -13.08
CA VAL B 66 14.61 29.23 -11.77
C VAL B 66 15.86 28.47 -11.34
N PRO B 67 16.98 29.18 -11.12
CA PRO B 67 18.22 28.52 -10.68
C PRO B 67 18.06 28.12 -9.22
N ILE B 68 18.30 26.85 -8.92
CA ILE B 68 18.15 26.33 -7.57
C ILE B 68 19.38 25.60 -7.06
N VAL B 69 19.71 25.83 -5.79
CA VAL B 69 20.85 25.15 -5.19
C VAL B 69 20.35 24.35 -3.99
N LEU B 70 20.79 23.09 -3.89
CA LEU B 70 20.39 22.23 -2.78
C LEU B 70 21.59 21.78 -1.97
N ARG B 71 21.37 21.49 -0.70
CA ARG B 71 22.43 21.03 0.19
C ARG B 71 21.80 20.16 1.25
N ARG B 72 22.50 19.08 1.63
CA ARG B 72 22.01 18.19 2.67
C ARG B 72 22.83 18.41 3.94
N VAL B 73 22.14 18.72 5.03
CA VAL B 73 22.79 18.96 6.32
C VAL B 73 22.09 18.14 7.39
N ASN B 74 22.84 17.24 8.03
CA ASN B 74 22.30 16.37 9.08
C ASN B 74 21.12 15.59 8.54
N GLY B 75 21.30 15.04 7.34
CA GLY B 75 20.27 14.24 6.71
C GLY B 75 19.17 15.02 6.01
N LYS B 76 19.00 16.29 6.36
CA LYS B 76 17.94 17.09 5.74
C LYS B 76 18.41 17.94 4.57
N VAL B 77 17.63 17.91 3.50
CA VAL B 77 17.94 18.67 2.30
C VAL B 77 17.23 20.05 2.28
N PHE B 78 17.96 21.10 1.94
CA PHE B 78 17.39 22.44 1.85
C PHE B 78 17.58 22.94 0.42
N ALA B 79 16.72 23.87 0.00
CA ALA B 79 16.79 24.43 -1.35
C ALA B 79 16.58 25.93 -1.35
N LEU B 80 17.51 26.66 -1.98
CA LEU B 80 17.45 28.11 -2.07
C LEU B 80 17.66 28.52 -3.53
N LYS B 81 17.42 29.78 -3.85
CA LYS B 81 17.63 30.23 -5.22
C LYS B 81 19.14 30.30 -5.46
N ASP B 82 19.60 29.68 -6.55
CA ASP B 82 21.03 29.66 -6.85
C ASP B 82 21.47 30.97 -7.49
N GLN B 83 21.29 32.06 -6.76
CA GLN B 83 21.65 33.39 -7.27
C GLN B 83 21.99 34.30 -6.12
N CYS B 84 23.26 34.69 -6.00
CA CYS B 84 23.64 35.58 -4.92
C CYS B 84 22.98 36.93 -5.20
N LEU B 85 22.44 37.58 -4.18
CA LEU B 85 21.78 38.84 -4.40
C LEU B 85 22.74 40.02 -4.49
N HIS B 86 24.03 39.78 -4.24
CA HIS B 86 25.02 40.86 -4.36
C HIS B 86 25.22 41.13 -5.85
N ARG B 87 25.92 40.21 -6.51
CA ARG B 87 26.20 40.37 -7.95
C ARG B 87 25.84 39.18 -8.82
N GLY B 88 24.80 38.46 -8.41
CA GLY B 88 24.28 37.36 -9.17
C GLY B 88 25.03 36.07 -9.49
N VAL B 89 26.09 35.73 -8.77
CA VAL B 89 26.77 34.48 -9.09
C VAL B 89 26.03 33.29 -8.51
N ARG B 90 26.16 32.14 -9.16
CA ARG B 90 25.52 30.91 -8.69
C ARG B 90 26.34 30.39 -7.53
N LEU B 91 25.70 30.27 -6.38
CA LEU B 91 26.35 29.79 -5.17
C LEU B 91 26.89 28.37 -5.32
N SER B 92 26.25 27.59 -6.19
CA SER B 92 26.62 26.20 -6.41
C SER B 92 27.87 25.91 -7.24
N GLU B 93 28.44 26.91 -7.89
CA GLU B 93 29.60 26.66 -8.74
C GLU B 93 30.81 26.32 -7.88
N LYS B 94 30.81 26.80 -6.65
CA LYS B 94 31.92 26.51 -5.75
C LYS B 94 31.39 26.46 -4.32
N PRO B 95 30.76 25.33 -3.97
CA PRO B 95 30.17 25.09 -2.65
C PRO B 95 31.02 25.59 -1.49
N THR B 96 30.50 26.60 -0.78
CA THR B 96 31.20 27.18 0.35
C THR B 96 30.24 27.36 1.54
N CYS B 97 30.38 26.52 2.54
CA CYS B 97 29.51 26.59 3.73
C CYS B 97 30.35 26.61 5.01
N PHE B 98 30.13 27.63 5.84
CA PHE B 98 30.87 27.75 7.09
C PHE B 98 30.20 27.11 8.29
N THR B 99 28.88 27.02 8.27
CA THR B 99 28.14 26.41 9.36
C THR B 99 27.09 25.44 8.82
N LYS B 100 26.49 24.67 9.72
CA LYS B 100 25.49 23.68 9.37
C LYS B 100 24.16 24.30 8.91
N SER B 101 23.93 25.57 9.24
CA SER B 101 22.66 26.21 8.88
C SER B 101 22.74 27.25 7.77
N THR B 102 23.89 27.38 7.14
CA THR B 102 24.04 28.39 6.09
C THR B 102 24.76 27.91 4.85
N ILE B 103 24.81 28.80 3.87
CA ILE B 103 25.52 28.59 2.61
C ILE B 103 26.00 29.97 2.19
N SER B 104 27.27 30.08 1.81
CA SER B 104 27.83 31.36 1.42
C SER B 104 28.21 31.47 -0.05
N CYS B 105 28.17 32.71 -0.55
CA CYS B 105 28.56 32.95 -1.93
C CYS B 105 30.09 32.91 -1.88
N TRP B 106 30.69 32.23 -2.85
CA TRP B 106 32.14 32.07 -2.88
C TRP B 106 32.92 33.28 -3.40
N TYR B 107 32.21 34.34 -3.76
CA TYR B 107 32.89 35.53 -4.25
C TYR B 107 33.20 36.50 -3.12
N HIS B 108 32.19 37.14 -2.55
CA HIS B 108 32.39 38.09 -1.46
C HIS B 108 31.87 37.62 -0.09
N GLY B 109 31.34 36.40 -0.04
CA GLY B 109 30.87 35.88 1.24
C GLY B 109 29.49 36.25 1.74
N PHE B 110 28.59 36.72 0.87
CA PHE B 110 27.22 37.02 1.30
C PHE B 110 26.73 35.67 1.83
N THR B 111 26.20 35.63 3.05
CA THR B 111 25.76 34.36 3.63
C THR B 111 24.25 34.28 3.90
N PHE B 112 23.65 33.15 3.54
CA PHE B 112 22.21 32.96 3.70
C PHE B 112 21.86 31.78 4.59
N ASP B 113 20.75 31.93 5.31
CA ASP B 113 20.23 30.90 6.21
C ASP B 113 19.49 29.88 5.34
N LEU B 114 19.86 28.61 5.48
CA LEU B 114 19.24 27.55 4.69
C LEU B 114 17.72 27.47 4.90
N GLU B 115 17.29 27.61 6.14
CA GLU B 115 15.88 27.54 6.50
C GLU B 115 15.01 28.68 5.96
N THR B 116 15.45 29.92 6.17
CA THR B 116 14.68 31.09 5.75
C THR B 116 15.22 31.86 4.55
N GLY B 117 16.47 31.58 4.18
CA GLY B 117 17.07 32.27 3.05
C GLY B 117 17.54 33.68 3.37
N LYS B 118 17.34 34.11 4.60
CA LYS B 118 17.74 35.45 5.03
C LYS B 118 19.23 35.66 4.96
N LEU B 119 19.61 36.89 4.64
CA LEU B 119 21.01 37.29 4.57
C LEU B 119 21.41 37.49 6.02
N VAL B 120 22.07 36.49 6.60
CA VAL B 120 22.47 36.54 7.99
C VAL B 120 23.78 37.28 8.25
N THR B 121 24.61 37.41 7.21
CA THR B 121 25.88 38.13 7.33
C THR B 121 26.64 38.12 6.02
N ILE B 122 27.73 38.89 6.02
CA ILE B 122 28.63 38.98 4.88
C ILE B 122 30.01 38.78 5.48
N VAL B 123 30.65 37.67 5.14
CA VAL B 123 31.99 37.36 5.66
C VAL B 123 32.93 38.57 5.61
N ALA B 124 32.93 39.29 4.50
CA ALA B 124 33.81 40.45 4.30
C ALA B 124 33.32 41.75 4.93
N ASN B 125 32.11 41.75 5.50
CA ASN B 125 31.55 42.96 6.07
C ASN B 125 30.39 42.58 7.01
N PRO B 126 30.72 42.13 8.23
CA PRO B 126 29.77 41.70 9.26
C PRO B 126 28.78 42.76 9.75
N GLU B 127 29.12 44.03 9.59
CA GLU B 127 28.25 45.08 10.08
C GLU B 127 27.55 45.92 9.01
N ASP B 128 27.51 45.41 7.79
CA ASP B 128 26.86 46.17 6.73
C ASP B 128 25.37 46.30 7.00
N LYS B 129 24.81 47.45 6.61
CA LYS B 129 23.40 47.72 6.84
C LYS B 129 22.47 46.83 6.01
N LEU B 130 22.97 46.27 4.92
CA LEU B 130 22.13 45.41 4.08
C LEU B 130 21.77 44.11 4.79
N ILE B 131 22.65 43.65 5.68
CA ILE B 131 22.42 42.40 6.39
C ILE B 131 21.07 42.35 7.10
N GLY B 132 20.38 41.22 6.94
CA GLY B 132 19.08 41.02 7.57
C GLY B 132 17.89 41.74 6.96
N THR B 133 18.12 42.68 6.04
CA THR B 133 17.03 43.42 5.42
C THR B 133 16.49 42.72 4.18
N THR B 134 17.08 41.58 3.82
CA THR B 134 16.64 40.84 2.65
C THR B 134 17.21 39.42 2.66
N GLY B 135 17.04 38.71 1.54
CA GLY B 135 17.55 37.34 1.45
C GLY B 135 17.14 36.70 0.12
N VAL B 136 17.45 35.41 -0.03
CA VAL B 136 17.08 34.72 -1.26
C VAL B 136 15.84 33.84 -1.05
N THR B 137 15.19 33.50 -2.16
CA THR B 137 13.98 32.70 -2.10
C THR B 137 14.28 31.27 -1.64
N THR B 138 13.40 30.72 -0.82
CA THR B 138 13.56 29.35 -0.38
C THR B 138 12.53 28.50 -1.11
N TYR B 139 12.83 27.23 -1.32
CA TYR B 139 11.89 26.33 -2.00
C TYR B 139 11.66 25.10 -1.14
N PRO B 140 10.40 24.80 -0.82
CA PRO B 140 10.05 23.64 0.00
C PRO B 140 10.60 22.33 -0.62
N VAL B 141 11.10 21.46 0.25
CA VAL B 141 11.65 20.18 -0.19
C VAL B 141 10.90 19.04 0.50
N HIS B 142 10.67 17.96 -0.25
CA HIS B 142 10.00 16.78 0.26
C HIS B 142 10.77 15.59 -0.31
N GLU B 143 11.61 14.98 0.53
CA GLU B 143 12.40 13.82 0.09
C GLU B 143 11.70 12.55 0.53
N VAL B 144 11.51 11.62 -0.40
CA VAL B 144 10.84 10.37 -0.08
C VAL B 144 11.24 9.20 -1.00
N ASN B 145 11.57 8.07 -0.35
CA ASN B 145 11.96 6.84 -1.03
C ASN B 145 12.96 6.97 -2.19
N GLY B 146 14.04 7.73 -1.96
CA GLY B 146 15.05 7.91 -2.97
C GLY B 146 14.86 9.06 -3.94
N MET B 147 13.81 9.86 -3.73
CA MET B 147 13.53 11.00 -4.60
C MET B 147 13.53 12.29 -3.80
N ILE B 148 14.10 13.35 -4.37
CA ILE B 148 14.11 14.66 -3.73
C ILE B 148 13.23 15.61 -4.55
N PHE B 149 12.03 15.89 -4.06
CA PHE B 149 11.11 16.80 -4.73
C PHE B 149 11.25 18.21 -4.18
N VAL B 150 11.08 19.20 -5.05
CA VAL B 150 11.18 20.61 -4.66
C VAL B 150 9.96 21.35 -5.18
N PHE B 151 9.38 22.21 -4.36
CA PHE B 151 8.23 23.01 -4.78
C PHE B 151 8.79 24.28 -5.42
N VAL B 152 8.91 24.29 -6.74
CA VAL B 152 9.42 25.45 -7.46
C VAL B 152 8.31 26.49 -7.51
N ARG B 153 8.54 27.62 -6.85
CA ARG B 153 7.54 28.67 -6.75
C ARG B 153 8.03 30.08 -7.10
N GLU B 154 7.09 31.01 -7.26
CA GLU B 154 7.44 32.40 -7.56
C GLU B 154 7.95 32.99 -6.25
N ASP B 155 8.69 34.08 -6.34
CA ASP B 155 9.22 34.71 -5.14
C ASP B 155 8.17 35.10 -4.10
N ASP B 156 6.99 35.52 -4.56
CA ASP B 156 5.95 35.95 -3.64
C ASP B 156 4.90 34.90 -3.27
N PHE B 157 5.08 33.65 -3.69
CA PHE B 157 4.10 32.62 -3.34
C PHE B 157 4.28 32.31 -1.87
N PRO B 158 3.25 32.62 -1.04
CA PRO B 158 3.31 32.39 0.41
C PRO B 158 3.53 30.96 0.90
N ASP B 159 4.27 30.84 1.99
CA ASP B 159 4.57 29.55 2.59
C ASP B 159 3.30 28.80 2.98
N GLU B 160 2.34 29.52 3.55
CA GLU B 160 1.10 28.89 4.00
C GLU B 160 0.25 28.32 2.87
N ASP B 161 0.55 28.70 1.63
CA ASP B 161 -0.22 28.20 0.50
C ASP B 161 0.42 26.98 -0.16
N VAL B 162 1.62 26.61 0.27
CA VAL B 162 2.29 25.46 -0.31
C VAL B 162 1.46 24.20 -0.03
N PRO B 163 1.02 23.52 -1.09
CA PRO B 163 0.21 22.30 -0.96
C PRO B 163 1.01 21.02 -0.72
N PRO B 164 0.31 19.93 -0.37
CA PRO B 164 0.98 18.64 -0.12
C PRO B 164 1.57 18.12 -1.43
N LEU B 165 2.69 17.40 -1.34
CA LEU B 165 3.35 16.83 -2.52
C LEU B 165 2.39 15.94 -3.31
N ALA B 166 1.53 15.22 -2.60
CA ALA B 166 0.56 14.33 -3.24
C ALA B 166 -0.34 15.00 -4.26
N HIS B 167 -0.64 16.28 -4.06
CA HIS B 167 -1.51 16.98 -5.00
C HIS B 167 -0.86 17.09 -6.38
N ASP B 168 0.46 16.96 -6.41
CA ASP B 168 1.20 17.05 -7.68
C ASP B 168 1.83 15.70 -8.07
N LEU B 169 1.22 14.63 -7.59
CA LEU B 169 1.66 13.26 -7.91
C LEU B 169 0.46 12.51 -8.45
N PRO B 170 0.70 11.46 -9.26
CA PRO B 170 -0.40 10.69 -9.83
C PRO B 170 -1.36 10.10 -8.80
N PHE B 171 -2.56 9.75 -9.28
CA PHE B 171 -3.61 9.16 -8.46
C PHE B 171 -3.08 7.93 -7.76
N ARG B 172 -3.48 7.74 -6.50
CA ARG B 172 -3.00 6.60 -5.72
C ARG B 172 -3.94 5.41 -5.63
N PHE B 173 -3.37 4.22 -5.58
CA PHE B 173 -4.11 2.97 -5.47
C PHE B 173 -3.54 2.20 -4.29
N PRO B 174 -4.38 1.40 -3.58
CA PRO B 174 -5.80 1.17 -3.82
C PRO B 174 -6.76 2.29 -3.42
N GLU B 175 -6.22 3.37 -2.86
CA GLU B 175 -7.05 4.49 -2.44
C GLU B 175 -8.12 4.85 -3.48
N ARG B 176 -7.74 4.88 -4.76
CA ARG B 176 -8.69 5.23 -5.81
C ARG B 176 -9.09 4.10 -6.75
N SER B 177 -8.92 2.86 -6.30
CA SER B 177 -9.27 1.71 -7.12
C SER B 177 -10.76 1.70 -7.48
N GLU B 178 -11.60 2.18 -6.58
CA GLU B 178 -13.03 2.22 -6.83
C GLU B 178 -13.35 3.27 -7.90
N GLN B 179 -12.73 4.44 -7.79
CA GLN B 179 -12.95 5.51 -8.75
C GLN B 179 -12.42 5.14 -10.15
N PHE B 180 -11.28 4.45 -10.19
CA PHE B 180 -10.68 4.04 -11.46
C PHE B 180 -10.44 2.54 -11.46
N PRO B 181 -11.53 1.74 -11.58
CA PRO B 181 -11.46 0.28 -11.57
C PRO B 181 -10.41 -0.29 -12.51
N HIS B 182 -9.65 -1.27 -12.01
CA HIS B 182 -8.60 -1.93 -12.78
C HIS B 182 -8.62 -3.44 -12.49
N PRO B 183 -9.66 -4.15 -12.96
CA PRO B 183 -9.78 -5.59 -12.74
C PRO B 183 -8.73 -6.46 -13.42
N LEU B 184 -8.06 -5.94 -14.44
CA LEU B 184 -7.04 -6.73 -15.15
C LEU B 184 -5.62 -6.69 -14.59
N TRP B 185 -5.41 -5.96 -13.50
CA TRP B 185 -4.08 -5.89 -12.92
C TRP B 185 -4.09 -5.39 -11.48
N PRO B 186 -3.07 -5.78 -10.70
CA PRO B 186 -3.01 -5.33 -9.31
C PRO B 186 -2.63 -3.85 -9.18
N SER B 187 -2.97 -3.25 -8.04
CA SER B 187 -2.70 -1.84 -7.78
C SER B 187 -1.23 -1.41 -7.97
N SER B 188 -1.04 -0.27 -8.61
CA SER B 188 0.30 0.29 -8.83
C SER B 188 0.69 1.05 -7.58
N PRO B 189 1.94 0.90 -7.13
CA PRO B 189 2.41 1.61 -5.94
C PRO B 189 2.74 3.08 -6.24
N SER B 190 2.78 3.90 -5.21
CA SER B 190 3.11 5.32 -5.33
C SER B 190 4.50 5.51 -4.72
N VAL B 191 5.23 6.55 -5.12
CA VAL B 191 6.55 6.77 -4.53
C VAL B 191 6.37 7.12 -3.04
N LEU B 192 5.15 7.49 -2.69
CA LEU B 192 4.81 7.85 -1.30
C LEU B 192 4.58 6.64 -0.40
N ASP B 193 4.40 5.47 -1.01
CA ASP B 193 4.13 4.24 -0.26
C ASP B 193 5.32 3.75 0.57
N ASP B 194 5.03 3.15 1.71
CA ASP B 194 6.08 2.61 2.57
C ASP B 194 6.72 1.44 1.85
N ASN B 195 8.05 1.39 1.88
CA ASN B 195 8.81 0.33 1.23
C ASN B 195 8.78 0.39 -0.29
N ALA B 196 8.29 1.49 -0.85
CA ALA B 196 8.28 1.63 -2.30
C ALA B 196 9.72 1.91 -2.68
N VAL B 197 10.24 1.21 -3.67
CA VAL B 197 11.62 1.43 -4.11
C VAL B 197 11.61 2.03 -5.50
N VAL B 198 12.50 2.99 -5.71
CA VAL B 198 12.62 3.69 -6.99
C VAL B 198 13.95 3.41 -7.67
N HIS B 199 13.88 3.09 -8.96
CA HIS B 199 15.08 2.87 -9.78
C HIS B 199 14.80 3.65 -11.06
N GLY B 200 15.80 4.36 -11.57
CA GLY B 200 15.58 5.12 -12.80
C GLY B 200 16.64 6.11 -13.19
N MET B 201 16.25 7.05 -14.05
CA MET B 201 17.19 8.06 -14.53
C MET B 201 16.49 9.31 -15.05
N HIS B 202 17.27 10.36 -15.22
CA HIS B 202 16.76 11.60 -15.79
C HIS B 202 17.84 12.11 -16.72
N ARG B 203 17.43 12.51 -17.92
CA ARG B 203 18.36 13.00 -18.93
C ARG B 203 17.81 14.28 -19.50
N THR B 204 18.70 15.23 -19.76
CA THR B 204 18.28 16.51 -20.33
C THR B 204 17.72 16.24 -21.72
N GLY B 205 16.59 16.85 -22.04
CA GLY B 205 15.99 16.67 -23.35
C GLY B 205 16.14 17.97 -24.13
N PHE B 206 16.36 17.88 -25.44
CA PHE B 206 16.53 19.09 -26.24
C PHE B 206 15.23 19.45 -26.96
N GLY B 207 14.53 20.41 -26.36
CA GLY B 207 13.26 20.87 -26.88
C GLY B 207 12.37 21.25 -25.72
N ASN B 208 11.25 21.89 -26.03
CA ASN B 208 10.29 22.32 -25.02
C ASN B 208 9.63 21.16 -24.27
N TRP B 209 9.32 21.38 -22.99
CA TRP B 209 8.72 20.35 -22.14
C TRP B 209 7.34 19.84 -22.54
N ARG B 210 6.49 20.72 -23.08
CA ARG B 210 5.12 20.33 -23.46
C ARG B 210 5.11 19.25 -24.53
N ILE B 211 5.97 19.41 -25.52
CA ILE B 211 6.10 18.48 -26.63
C ILE B 211 6.51 17.10 -26.15
N ALA B 212 7.39 17.08 -25.15
CA ALA B 212 7.87 15.83 -24.59
C ALA B 212 6.74 15.17 -23.79
N CYS B 213 6.12 15.95 -22.92
CA CYS B 213 5.02 15.47 -22.08
C CYS B 213 3.90 14.80 -22.86
N GLU B 214 3.44 15.46 -23.92
CA GLU B 214 2.36 14.91 -24.70
C GLU B 214 2.71 13.58 -25.37
N ASN B 215 3.99 13.41 -25.70
CA ASN B 215 4.42 12.16 -26.29
C ASN B 215 4.35 11.06 -25.24
N GLY B 216 4.57 11.46 -23.99
CA GLY B 216 4.55 10.52 -22.88
C GLY B 216 3.30 9.68 -22.77
N PHE B 217 2.13 10.31 -22.95
CA PHE B 217 0.86 9.59 -22.84
C PHE B 217 0.11 9.41 -24.16
N ASP B 218 0.83 9.56 -25.27
CA ASP B 218 0.22 9.38 -26.60
C ASP B 218 -0.17 7.91 -26.70
N ASN B 219 -1.37 7.62 -27.19
CA ASN B 219 -1.85 6.25 -27.30
C ASN B 219 -1.62 5.60 -28.66
N ALA B 220 -1.38 6.41 -29.68
CA ALA B 220 -1.21 5.87 -31.03
C ALA B 220 0.09 6.17 -31.78
N HIS B 221 1.18 5.50 -31.42
CA HIS B 221 2.42 5.70 -32.17
C HIS B 221 3.23 4.43 -32.29
N ILE B 222 2.58 3.39 -32.81
CA ILE B 222 3.20 2.09 -33.00
C ILE B 222 4.46 2.10 -33.86
N LEU B 223 4.47 2.94 -34.90
CA LEU B 223 5.61 3.02 -35.80
C LEU B 223 6.89 3.42 -35.05
N VAL B 224 6.74 4.13 -33.96
CA VAL B 224 7.89 4.57 -33.18
C VAL B 224 8.53 3.44 -32.37
N HIS B 225 7.72 2.48 -31.96
CA HIS B 225 8.20 1.37 -31.15
C HIS B 225 8.17 -0.02 -31.79
N LYS B 226 7.64 -0.11 -33.02
CA LYS B 226 7.54 -1.39 -33.72
C LYS B 226 8.83 -2.22 -33.80
N ASP B 227 9.96 -1.56 -34.00
CA ASP B 227 11.24 -2.25 -34.11
C ASP B 227 11.97 -2.47 -32.79
N ASN B 228 11.43 -1.95 -31.68
CA ASN B 228 12.08 -2.13 -30.39
C ASN B 228 12.31 -3.59 -30.06
N THR B 229 13.47 -3.90 -29.50
CA THR B 229 13.84 -5.25 -29.16
C THR B 229 12.87 -5.95 -28.20
N ILE B 230 12.39 -5.23 -27.19
CA ILE B 230 11.46 -5.85 -26.24
C ILE B 230 10.17 -6.34 -26.91
N VAL B 231 9.74 -5.63 -27.95
CA VAL B 231 8.53 -6.00 -28.66
C VAL B 231 8.69 -7.37 -29.30
N HIS B 232 9.85 -7.61 -29.91
CA HIS B 232 10.09 -8.89 -30.58
C HIS B 232 10.53 -10.00 -29.66
N ALA B 233 11.22 -9.66 -28.58
CA ALA B 233 11.67 -10.65 -27.64
C ALA B 233 10.46 -11.22 -26.90
N MET B 234 9.43 -10.40 -26.73
CA MET B 234 8.21 -10.83 -26.03
C MET B 234 7.14 -11.36 -26.99
N ASP B 235 7.47 -11.39 -28.28
CA ASP B 235 6.53 -11.87 -29.29
C ASP B 235 5.24 -11.07 -29.31
N TRP B 236 5.34 -9.76 -29.04
CA TRP B 236 4.15 -8.92 -29.05
C TRP B 236 3.73 -8.62 -30.47
N VAL B 237 2.44 -8.34 -30.63
CA VAL B 237 1.86 -7.96 -31.92
C VAL B 237 0.99 -6.75 -31.59
N LEU B 238 1.57 -5.57 -31.77
CA LEU B 238 0.89 -4.32 -31.46
C LEU B 238 -0.20 -3.93 -32.47
N PRO B 239 -1.18 -3.15 -32.02
CA PRO B 239 -2.27 -2.68 -32.88
C PRO B 239 -1.82 -1.44 -33.63
N LEU B 240 -2.34 -1.24 -34.84
CA LEU B 240 -1.96 -0.07 -35.62
C LEU B 240 -2.25 1.21 -34.84
N GLY B 241 -3.13 1.11 -33.86
CA GLY B 241 -3.48 2.26 -33.06
C GLY B 241 -4.66 1.99 -32.12
N LEU B 242 -5.04 2.99 -31.34
CA LEU B 242 -6.14 2.90 -30.38
C LEU B 242 -7.09 4.06 -30.62
N LEU B 243 -8.37 3.78 -30.71
CA LEU B 243 -9.35 4.83 -30.96
C LEU B 243 -10.35 5.02 -29.86
N PRO B 244 -10.73 6.26 -29.59
CA PRO B 244 -11.74 6.53 -28.56
C PRO B 244 -13.09 6.22 -29.18
N THR B 245 -13.92 5.44 -28.51
CA THR B 245 -15.23 5.08 -29.05
C THR B 245 -16.37 5.94 -28.51
N SER B 246 -16.14 6.65 -27.42
CA SER B 246 -17.17 7.48 -26.82
C SER B 246 -16.47 8.77 -26.33
N ASP B 247 -17.23 9.83 -26.06
CA ASP B 247 -16.54 11.03 -25.59
C ASP B 247 -16.18 11.00 -24.10
N ASP B 248 -16.54 9.94 -23.38
CA ASP B 248 -16.15 9.85 -21.98
C ASP B 248 -15.02 8.82 -21.83
N CYS B 249 -14.25 8.66 -22.91
CA CYS B 249 -13.14 7.73 -22.93
C CYS B 249 -12.04 8.17 -21.96
N ILE B 250 -12.12 9.41 -21.51
CA ILE B 250 -11.15 9.96 -20.58
C ILE B 250 -11.91 10.61 -19.43
N ALA B 251 -11.45 10.35 -18.21
CA ALA B 251 -12.08 10.94 -17.02
C ALA B 251 -11.22 12.09 -16.52
N VAL B 252 -11.84 13.23 -16.26
CA VAL B 252 -11.12 14.39 -15.77
C VAL B 252 -11.41 14.61 -14.28
N VAL B 253 -10.36 14.66 -13.48
CA VAL B 253 -10.50 14.85 -12.04
C VAL B 253 -10.06 16.26 -11.68
N GLU B 254 -10.91 17.01 -10.99
CA GLU B 254 -10.59 18.40 -10.66
C GLU B 254 -10.87 18.88 -9.26
N ASP B 255 -11.25 18.00 -8.34
CA ASP B 255 -11.55 18.50 -7.00
C ASP B 255 -10.30 18.94 -6.24
N ASP B 256 -10.52 19.73 -5.20
CA ASP B 256 -9.44 20.29 -4.41
C ASP B 256 -8.45 19.38 -3.71
N ASP B 257 -8.94 18.47 -2.85
CA ASP B 257 -8.02 17.61 -2.14
C ASP B 257 -7.58 16.42 -2.98
N GLY B 258 -6.59 16.65 -3.84
CA GLY B 258 -6.10 15.58 -4.69
C GLY B 258 -5.47 16.11 -5.95
N PRO B 259 -4.88 15.25 -6.79
CA PRO B 259 -4.24 15.66 -8.05
C PRO B 259 -5.24 16.17 -9.07
N LYS B 260 -4.78 17.06 -9.95
CA LYS B 260 -5.61 17.60 -11.02
C LYS B 260 -5.10 16.93 -12.30
N GLY B 261 -5.92 16.13 -12.95
CA GLY B 261 -5.47 15.47 -14.15
C GLY B 261 -6.54 14.63 -14.82
N MET B 262 -6.12 13.67 -15.63
CA MET B 262 -7.06 12.83 -16.35
C MET B 262 -6.66 11.36 -16.34
N MET B 263 -7.66 10.48 -16.32
CA MET B 263 -7.44 9.05 -16.35
C MET B 263 -8.00 8.51 -17.67
N GLN B 264 -7.16 7.82 -18.44
CA GLN B 264 -7.60 7.24 -19.70
C GLN B 264 -8.06 5.81 -19.45
N TRP B 265 -9.31 5.52 -19.80
CA TRP B 265 -9.90 4.19 -19.61
C TRP B 265 -9.40 3.19 -20.64
N LEU B 266 -8.10 2.89 -20.57
CA LEU B 266 -7.53 1.92 -21.48
C LEU B 266 -7.98 0.52 -21.11
N PHE B 267 -8.03 -0.34 -22.13
CA PHE B 267 -8.46 -1.73 -21.97
C PHE B 267 -9.86 -1.86 -21.40
N THR B 268 -10.72 -1.02 -21.95
CA THR B 268 -12.12 -1.05 -21.63
C THR B 268 -12.75 -0.82 -22.99
N ASP B 269 -14.07 -0.78 -22.97
CA ASP B 269 -14.91 -0.59 -24.12
C ASP B 269 -14.73 0.77 -24.81
N LYS B 270 -14.20 1.73 -24.08
CA LYS B 270 -14.00 3.10 -24.55
C LYS B 270 -12.81 3.34 -25.47
N TRP B 271 -11.93 2.35 -25.58
CA TRP B 271 -10.74 2.44 -26.43
C TRP B 271 -10.56 1.18 -27.25
N ALA B 272 -10.87 1.25 -28.54
CA ALA B 272 -10.75 0.11 -29.44
C ALA B 272 -9.48 0.10 -30.30
N PRO B 273 -8.80 -1.05 -30.37
CA PRO B 273 -7.58 -1.14 -31.18
C PRO B 273 -7.92 -1.21 -32.66
N VAL B 274 -7.03 -0.69 -33.48
CA VAL B 274 -7.18 -0.68 -34.93
C VAL B 274 -6.30 -1.81 -35.46
N LEU B 275 -6.90 -2.75 -36.18
CA LEU B 275 -6.13 -3.87 -36.68
C LEU B 275 -5.80 -3.82 -38.16
N GLU B 276 -6.36 -2.86 -38.90
CA GLU B 276 -6.06 -2.81 -40.32
C GLU B 276 -6.22 -1.45 -40.99
N ASN B 277 -5.62 -1.32 -42.16
CA ASN B 277 -5.70 -0.10 -42.95
C ASN B 277 -5.92 -0.58 -44.38
N GLN B 278 -7.16 -0.53 -44.84
CA GLN B 278 -7.50 -0.98 -46.18
C GLN B 278 -6.79 -0.23 -47.28
N GLU B 279 -6.63 1.08 -47.11
CA GLU B 279 -5.97 1.92 -48.12
C GLU B 279 -4.54 1.47 -48.45
N LEU B 280 -3.80 1.12 -47.41
CA LEU B 280 -2.41 0.71 -47.56
C LEU B 280 -2.25 -0.81 -47.62
N GLY B 281 -3.32 -1.54 -47.34
CA GLY B 281 -3.25 -2.98 -47.37
C GLY B 281 -2.55 -3.53 -46.14
N LEU B 282 -2.76 -2.89 -44.99
CA LEU B 282 -2.15 -3.34 -43.76
C LEU B 282 -3.16 -4.13 -42.94
N LYS B 283 -2.68 -5.11 -42.20
CA LYS B 283 -3.57 -5.94 -41.43
C LYS B 283 -2.85 -6.73 -40.35
N VAL B 284 -3.29 -6.56 -39.11
CA VAL B 284 -2.70 -7.23 -37.96
C VAL B 284 -3.61 -8.36 -37.49
N GLU B 285 -3.02 -9.48 -37.09
CA GLU B 285 -3.76 -10.65 -36.59
C GLU B 285 -3.15 -11.07 -35.26
N GLY B 286 -3.88 -11.87 -34.50
CA GLY B 286 -3.40 -12.35 -33.22
C GLY B 286 -2.59 -11.35 -32.43
N LEU B 287 -3.23 -10.27 -31.98
CA LEU B 287 -2.52 -9.25 -31.23
C LEU B 287 -2.13 -9.73 -29.84
N LYS B 288 -0.84 -9.60 -29.56
CA LYS B 288 -0.25 -9.98 -28.29
C LYS B 288 0.38 -8.76 -27.64
N GLY B 289 0.29 -8.65 -26.33
CA GLY B 289 0.88 -7.52 -25.66
C GLY B 289 0.65 -7.62 -24.17
N ARG B 290 0.50 -6.49 -23.52
CA ARG B 290 0.23 -6.53 -22.10
C ARG B 290 -0.73 -5.44 -21.66
N HIS B 291 -1.37 -5.66 -20.53
CA HIS B 291 -2.33 -4.72 -19.99
C HIS B 291 -1.60 -3.60 -19.25
N TYR B 292 -1.99 -2.36 -19.54
CA TYR B 292 -1.38 -1.20 -18.92
C TYR B 292 -2.35 -0.04 -19.01
N ARG B 293 -2.10 1.03 -18.26
CA ARG B 293 -2.99 2.19 -18.30
C ARG B 293 -2.23 3.47 -18.01
N THR B 294 -2.50 4.50 -18.82
CA THR B 294 -1.83 5.78 -18.65
C THR B 294 -2.76 6.90 -18.20
N SER B 295 -2.19 7.81 -17.42
CA SER B 295 -2.90 8.98 -16.90
C SER B 295 -1.84 10.06 -16.71
N VAL B 296 -2.27 11.32 -16.72
CA VAL B 296 -1.35 12.43 -16.53
C VAL B 296 -1.99 13.47 -15.61
N VAL B 297 -1.19 14.07 -14.75
CA VAL B 297 -1.68 15.08 -13.81
C VAL B 297 -0.70 16.25 -13.82
N LEU B 298 -1.17 17.43 -13.41
CA LEU B 298 -0.29 18.59 -13.35
C LEU B 298 0.77 18.29 -12.31
N PRO B 299 2.00 18.81 -12.49
CA PRO B 299 2.46 19.68 -13.58
C PRO B 299 2.83 19.02 -14.91
N GLY B 300 2.56 17.73 -15.03
CA GLY B 300 2.87 16.99 -16.24
C GLY B 300 3.54 15.69 -15.86
N VAL B 301 2.83 14.90 -15.06
CA VAL B 301 3.36 13.65 -14.55
C VAL B 301 2.62 12.43 -15.08
N LEU B 302 3.36 11.57 -15.77
CA LEU B 302 2.80 10.36 -16.35
C LEU B 302 2.87 9.18 -15.40
N MET B 303 1.84 8.35 -15.44
CA MET B 303 1.78 7.12 -14.66
C MET B 303 1.38 6.03 -15.63
N VAL B 304 2.16 4.96 -15.68
CA VAL B 304 1.86 3.84 -16.55
C VAL B 304 1.69 2.62 -15.64
N GLU B 305 0.43 2.32 -15.31
CA GLU B 305 0.11 1.20 -14.45
C GLU B 305 0.42 -0.16 -15.08
N ASN B 306 0.91 -1.09 -14.27
CA ASN B 306 1.21 -2.44 -14.74
C ASN B 306 2.28 -2.49 -15.82
N TRP B 307 3.30 -1.64 -15.70
CA TRP B 307 4.39 -1.58 -16.67
C TRP B 307 5.72 -1.45 -15.94
N PRO B 308 6.73 -2.22 -16.34
CA PRO B 308 6.69 -3.22 -17.42
C PRO B 308 6.12 -4.58 -17.04
N GLU B 309 5.85 -4.77 -15.74
CA GLU B 309 5.29 -6.02 -15.23
C GLU B 309 4.36 -5.77 -14.04
N GLU B 310 3.61 -6.78 -13.63
CA GLU B 310 2.69 -6.62 -12.51
C GLU B 310 3.42 -6.13 -11.27
N HIS B 311 2.76 -5.27 -10.50
CA HIS B 311 3.32 -4.70 -9.27
C HIS B 311 4.40 -3.66 -9.52
N VAL B 312 4.71 -3.42 -10.79
CA VAL B 312 5.71 -2.43 -11.17
C VAL B 312 4.98 -1.32 -11.91
N VAL B 313 5.43 -0.09 -11.73
CA VAL B 313 4.80 1.05 -12.40
C VAL B 313 5.86 2.04 -12.88
N GLN B 314 5.59 2.68 -14.02
CA GLN B 314 6.52 3.67 -14.54
C GLN B 314 5.95 5.09 -14.41
N TYR B 315 6.79 6.00 -13.92
CA TYR B 315 6.41 7.40 -13.76
C TYR B 315 7.41 8.23 -14.56
N GLU B 316 6.92 9.30 -15.19
CA GLU B 316 7.80 10.18 -15.94
C GLU B 316 7.44 11.61 -15.64
N TRP B 317 8.45 12.47 -15.78
CA TRP B 317 8.29 13.90 -15.59
C TRP B 317 9.03 14.52 -16.76
N TYR B 318 8.62 15.72 -17.16
CA TYR B 318 9.24 16.44 -18.26
C TYR B 318 9.41 17.82 -17.64
N VAL B 319 10.43 17.93 -16.80
CA VAL B 319 10.70 19.15 -16.06
C VAL B 319 11.31 20.27 -16.88
N PRO B 320 10.57 21.38 -17.03
CA PRO B 320 11.15 22.46 -17.82
C PRO B 320 12.38 23.05 -17.14
N ILE B 321 13.42 23.28 -17.93
CA ILE B 321 14.65 23.87 -17.42
C ILE B 321 14.62 25.30 -17.93
N THR B 322 14.40 25.44 -19.23
CA THR B 322 14.27 26.75 -19.87
C THR B 322 13.08 26.54 -20.80
N ASP B 323 12.89 27.44 -21.76
CA ASP B 323 11.75 27.26 -22.65
C ASP B 323 12.05 26.30 -23.80
N ASP B 324 13.30 25.85 -23.93
CA ASP B 324 13.61 24.90 -24.99
C ASP B 324 14.44 23.70 -24.56
N THR B 325 14.47 23.45 -23.26
CA THR B 325 15.15 22.28 -22.69
C THR B 325 14.32 21.81 -21.49
N HIS B 326 14.38 20.51 -21.22
CA HIS B 326 13.66 19.95 -20.10
C HIS B 326 14.46 18.77 -19.58
N GLU B 327 14.15 18.34 -18.36
CA GLU B 327 14.82 17.19 -17.78
C GLU B 327 13.79 16.05 -17.79
N TYR B 328 14.04 15.03 -18.61
CA TYR B 328 13.15 13.88 -18.77
C TYR B 328 13.45 12.77 -17.75
N TRP B 329 12.53 12.58 -16.81
CA TRP B 329 12.67 11.57 -15.78
C TRP B 329 11.90 10.30 -16.10
N GLU B 330 12.53 9.16 -15.84
CA GLU B 330 11.93 7.84 -16.04
C GLU B 330 12.25 7.02 -14.82
N ILE B 331 11.25 6.63 -14.07
CA ILE B 331 11.49 5.80 -12.90
C ILE B 331 10.49 4.66 -12.87
N LEU B 332 10.93 3.56 -12.25
CA LEU B 332 10.12 2.36 -12.07
C LEU B 332 10.02 2.17 -10.57
N VAL B 333 8.81 1.89 -10.10
CA VAL B 333 8.57 1.73 -8.69
C VAL B 333 7.95 0.38 -8.37
N ARG B 334 8.41 -0.22 -7.28
CA ARG B 334 7.88 -1.50 -6.82
C ARG B 334 8.08 -1.56 -5.31
N VAL B 335 7.04 -1.97 -4.59
CA VAL B 335 7.14 -2.07 -3.15
C VAL B 335 7.93 -3.34 -2.86
N CYS B 336 8.99 -3.20 -2.07
CA CYS B 336 9.87 -4.30 -1.71
C CYS B 336 9.94 -4.38 -0.19
N PRO B 337 9.11 -5.23 0.42
CA PRO B 337 9.05 -5.41 1.88
C PRO B 337 10.33 -5.89 2.54
N THR B 338 10.99 -6.85 1.90
CA THR B 338 12.21 -7.41 2.44
C THR B 338 13.45 -7.11 1.62
N ASP B 339 14.60 -7.34 2.25
CA ASP B 339 15.88 -7.10 1.65
C ASP B 339 16.07 -7.95 0.39
N GLU B 340 15.45 -9.13 0.38
CA GLU B 340 15.52 -10.05 -0.77
C GLU B 340 14.77 -9.46 -1.95
N ASP B 341 13.60 -8.91 -1.66
CA ASP B 341 12.77 -8.27 -2.69
C ASP B 341 13.54 -7.15 -3.36
N ARG B 342 14.23 -6.34 -2.56
CA ARG B 342 15.01 -5.23 -3.08
C ARG B 342 16.14 -5.69 -4.00
N LYS B 343 16.77 -6.81 -3.64
CA LYS B 343 17.84 -7.35 -4.46
C LYS B 343 17.31 -7.90 -5.79
N LYS B 344 16.12 -8.49 -5.76
CA LYS B 344 15.53 -9.03 -6.99
C LYS B 344 15.17 -7.89 -7.93
N PHE B 345 14.58 -6.85 -7.34
CA PHE B 345 14.14 -5.68 -8.11
C PHE B 345 15.36 -4.94 -8.69
N GLN B 346 16.37 -4.74 -7.86
CA GLN B 346 17.59 -4.06 -8.28
C GLN B 346 18.23 -4.82 -9.44
N TYR B 347 18.23 -6.14 -9.31
CA TYR B 347 18.82 -7.01 -10.31
C TYR B 347 18.05 -7.00 -11.61
N ARG B 348 16.73 -7.19 -11.52
CA ARG B 348 15.91 -7.22 -12.73
C ARG B 348 15.89 -5.86 -13.41
N TYR B 349 16.09 -4.80 -12.63
CA TYR B 349 16.13 -3.46 -13.19
C TYR B 349 17.39 -3.34 -14.06
N ASP B 350 18.52 -3.65 -13.45
CA ASP B 350 19.82 -3.56 -14.11
C ASP B 350 19.98 -4.37 -15.40
N HIS B 351 19.42 -5.56 -15.44
CA HIS B 351 19.59 -6.41 -16.61
C HIS B 351 18.35 -6.70 -17.43
N MET B 352 17.26 -6.01 -17.12
CA MET B 352 16.03 -6.22 -17.85
C MET B 352 15.32 -4.89 -18.14
N TYR B 353 14.75 -4.29 -17.10
CA TYR B 353 14.02 -3.03 -17.25
C TYR B 353 14.82 -1.88 -17.87
N LYS B 354 15.98 -1.58 -17.30
CA LYS B 354 16.77 -0.48 -17.81
C LYS B 354 17.21 -0.61 -19.27
N PRO B 355 17.90 -1.71 -19.62
CA PRO B 355 18.33 -1.85 -21.01
C PRO B 355 17.24 -2.11 -22.06
N LEU B 356 16.22 -2.88 -21.69
CA LEU B 356 15.16 -3.19 -22.65
C LEU B 356 13.95 -2.26 -22.64
N CYS B 357 13.70 -1.59 -21.52
CA CYS B 357 12.56 -0.72 -21.43
C CYS B 357 12.89 0.76 -21.32
N LEU B 358 13.44 1.20 -20.19
CA LEU B 358 13.75 2.61 -20.02
C LEU B 358 14.62 3.12 -21.16
N HIS B 359 15.44 2.24 -21.72
CA HIS B 359 16.31 2.59 -22.84
C HIS B 359 15.76 2.00 -24.14
N GLY B 360 15.79 0.67 -24.23
CA GLY B 360 15.32 -0.02 -25.41
C GLY B 360 13.96 0.34 -25.97
N PHE B 361 13.04 0.77 -25.10
CA PHE B 361 11.71 1.15 -25.55
C PHE B 361 11.57 2.66 -25.67
N ASN B 362 11.85 3.37 -24.59
CA ASN B 362 11.68 4.82 -24.57
C ASN B 362 12.69 5.67 -25.32
N ASP B 363 13.87 5.14 -25.60
CA ASP B 363 14.85 5.94 -26.32
C ASP B 363 14.27 6.37 -27.65
N SER B 364 13.41 5.55 -28.24
CA SER B 364 12.78 5.89 -29.51
C SER B 364 11.91 7.13 -29.36
N ASP B 365 11.34 7.31 -28.17
CA ASP B 365 10.50 8.47 -27.91
C ASP B 365 11.28 9.77 -27.99
N LEU B 366 12.57 9.71 -27.63
CA LEU B 366 13.46 10.86 -27.67
C LEU B 366 13.58 11.49 -29.05
N TYR B 367 13.76 10.66 -30.06
CA TYR B 367 13.89 11.16 -31.41
C TYR B 367 12.57 11.71 -31.91
N ALA B 368 11.47 11.11 -31.47
CA ALA B 368 10.16 11.57 -31.90
C ALA B 368 9.93 12.98 -31.38
N ARG B 369 10.25 13.19 -30.10
CA ARG B 369 10.08 14.49 -29.48
C ARG B 369 10.92 15.58 -30.14
N GLU B 370 12.20 15.29 -30.36
CA GLU B 370 13.08 16.26 -30.97
C GLU B 370 12.60 16.65 -32.35
N ALA B 371 12.12 15.65 -33.11
CA ALA B 371 11.64 15.89 -34.47
C ALA B 371 10.48 16.89 -34.56
N MET B 372 9.70 17.01 -33.49
CA MET B 372 8.55 17.92 -33.45
C MET B 372 8.87 19.36 -33.06
N GLN B 373 9.91 19.55 -32.25
CA GLN B 373 10.24 20.87 -31.74
C GLN B 373 10.28 22.08 -32.71
N ASN B 374 10.94 21.94 -33.85
CA ASN B 374 11.03 23.05 -34.82
C ASN B 374 9.67 23.61 -35.27
N PHE B 375 8.66 22.74 -35.39
CA PHE B 375 7.34 23.17 -35.83
C PHE B 375 6.70 24.08 -34.79
N TYR B 376 7.02 23.83 -33.52
CA TYR B 376 6.44 24.56 -32.40
C TYR B 376 7.17 25.71 -31.72
N TYR B 377 8.49 25.69 -31.67
CA TYR B 377 9.18 26.74 -30.95
C TYR B 377 8.83 28.18 -31.29
N ASP B 378 8.80 28.54 -32.56
CA ASP B 378 8.48 29.91 -32.92
C ASP B 378 6.98 30.20 -32.87
N GLY B 379 6.22 29.26 -32.30
CA GLY B 379 4.78 29.41 -32.18
C GLY B 379 3.92 28.86 -33.30
N THR B 380 4.53 28.51 -34.42
CA THR B 380 3.77 28.02 -35.58
C THR B 380 2.86 26.83 -35.28
N GLY B 381 3.44 25.75 -34.78
CA GLY B 381 2.67 24.55 -34.48
C GLY B 381 1.51 24.66 -33.50
N TRP B 382 1.63 25.55 -32.52
CA TRP B 382 0.56 25.72 -31.56
C TRP B 382 -0.71 26.23 -32.24
N ASP B 383 -0.56 26.77 -33.45
CA ASP B 383 -1.71 27.28 -34.20
C ASP B 383 -2.05 26.44 -35.42
N ASP B 384 -1.01 26.05 -36.17
CA ASP B 384 -1.16 25.31 -37.41
C ASP B 384 -1.14 23.79 -37.38
N GLU B 385 -0.91 23.21 -36.21
CA GLU B 385 -0.92 21.75 -36.10
C GLU B 385 -2.34 21.33 -36.48
N GLN B 386 -2.49 20.18 -37.14
CA GLN B 386 -3.81 19.71 -37.52
C GLN B 386 -4.14 18.43 -36.78
N LEU B 387 -4.71 18.58 -35.58
CA LEU B 387 -5.05 17.46 -34.73
C LEU B 387 -6.30 16.72 -35.19
N VAL B 388 -6.40 15.46 -34.78
CA VAL B 388 -7.51 14.61 -35.18
C VAL B 388 -8.23 13.94 -33.99
N ALA B 389 -9.13 13.02 -34.32
CA ALA B 389 -9.94 12.32 -33.32
C ALA B 389 -9.18 11.76 -32.12
N THR B 390 -8.05 11.13 -32.38
CA THR B 390 -7.26 10.53 -31.32
C THR B 390 -6.58 11.57 -30.43
N ASP B 391 -6.55 12.81 -30.90
CA ASP B 391 -5.93 13.90 -30.16
C ASP B 391 -6.81 14.46 -29.06
N ILE B 392 -7.94 13.80 -28.81
CA ILE B 392 -8.86 14.21 -27.75
C ILE B 392 -8.07 14.11 -26.44
N SER B 393 -7.09 13.21 -26.48
CA SER B 393 -6.22 12.95 -25.35
C SER B 393 -5.37 14.17 -24.97
N PRO B 394 -4.47 14.63 -25.88
CA PRO B 394 -3.66 15.79 -25.51
C PRO B 394 -4.48 17.08 -25.36
N ILE B 395 -5.55 17.21 -26.14
CA ILE B 395 -6.41 18.39 -26.06
C ILE B 395 -7.05 18.49 -24.67
N THR B 396 -7.52 17.35 -24.15
CA THR B 396 -8.15 17.31 -22.84
C THR B 396 -7.15 17.73 -21.77
N TRP B 397 -5.89 17.29 -21.94
CA TRP B 397 -4.82 17.63 -21.01
C TRP B 397 -4.53 19.13 -21.08
N ARG B 398 -4.39 19.67 -22.30
CA ARG B 398 -4.11 21.08 -22.45
C ARG B 398 -5.17 21.94 -21.76
N LYS B 399 -6.43 21.52 -21.87
CA LYS B 399 -7.52 22.27 -21.26
C LYS B 399 -7.50 22.24 -19.74
N LEU B 400 -7.36 21.05 -19.17
CA LEU B 400 -7.33 20.96 -17.71
C LEU B 400 -6.09 21.65 -17.15
N ALA B 401 -4.97 21.56 -17.88
CA ALA B 401 -3.73 22.21 -17.46
C ALA B 401 -3.93 23.71 -17.44
N SER B 402 -4.59 24.23 -18.47
CA SER B 402 -4.84 25.67 -18.58
C SER B 402 -5.72 26.16 -17.43
N ARG B 403 -6.68 25.34 -17.02
CA ARG B 403 -7.60 25.69 -15.95
C ARG B 403 -7.07 25.56 -14.54
N TRP B 404 -6.28 24.52 -14.27
CA TRP B 404 -5.79 24.28 -12.90
C TRP B 404 -4.35 24.53 -12.52
N ASN B 405 -3.51 24.97 -13.45
CA ASN B 405 -2.10 25.24 -13.13
C ASN B 405 -2.03 26.33 -12.06
N ARG B 406 -1.01 26.31 -11.23
CA ARG B 406 -0.89 27.31 -10.17
C ARG B 406 -0.05 28.51 -10.57
N GLY B 407 0.23 28.64 -11.86
CA GLY B 407 1.03 29.77 -12.31
C GLY B 407 1.81 29.48 -13.58
N ILE B 408 2.06 30.53 -14.35
CA ILE B 408 2.82 30.40 -15.57
C ILE B 408 4.15 31.11 -15.32
N ALA B 409 5.24 30.35 -15.39
CA ALA B 409 6.58 30.89 -15.17
C ALA B 409 6.92 31.98 -16.17
N LYS B 410 7.60 33.02 -15.70
CA LYS B 410 8.03 34.10 -16.56
C LYS B 410 9.39 33.75 -17.13
N PRO B 411 9.73 34.33 -18.29
CA PRO B 411 11.03 34.04 -18.89
C PRO B 411 12.14 34.37 -17.90
N GLY B 412 13.28 33.70 -18.03
CA GLY B 412 14.37 33.99 -17.13
C GLY B 412 14.96 35.35 -17.43
N ARG B 413 15.41 36.05 -16.39
CA ARG B 413 16.04 37.36 -16.53
C ARG B 413 17.25 37.38 -15.62
N GLY B 414 18.43 37.64 -16.20
CA GLY B 414 19.63 37.72 -15.41
C GLY B 414 20.09 36.40 -14.81
N VAL B 415 19.71 35.30 -15.47
CA VAL B 415 20.10 33.96 -15.04
C VAL B 415 20.49 33.19 -16.29
N ALA B 416 21.02 31.98 -16.11
CA ALA B 416 21.43 31.15 -17.24
C ALA B 416 20.20 30.83 -18.03
N GLY B 417 20.31 30.92 -19.36
CA GLY B 417 19.16 30.61 -20.20
C GLY B 417 18.32 31.83 -20.53
N ALA B 418 18.58 32.97 -19.88
CA ALA B 418 17.83 34.18 -20.16
C ALA B 418 18.18 34.66 -21.57
N VAL B 419 19.44 34.48 -21.94
CA VAL B 419 19.94 34.85 -23.27
C VAL B 419 20.52 33.56 -23.84
N LYS B 420 20.12 33.20 -25.06
CA LYS B 420 20.54 31.94 -25.65
C LYS B 420 21.83 31.89 -26.44
N ASP B 421 22.35 33.05 -26.86
CA ASP B 421 23.57 33.07 -27.66
C ASP B 421 24.75 33.84 -27.06
N THR B 422 24.98 33.69 -25.76
CA THR B 422 26.10 34.37 -25.11
C THR B 422 27.45 33.78 -25.53
N SER B 423 28.53 34.52 -25.34
CA SER B 423 29.85 34.01 -25.68
C SER B 423 30.19 32.85 -24.73
N LEU B 424 29.59 32.85 -23.54
CA LEU B 424 29.80 31.77 -22.58
C LEU B 424 29.24 30.47 -23.13
N ILE B 425 28.04 30.53 -23.70
CA ILE B 425 27.42 29.35 -24.28
C ILE B 425 28.19 28.87 -25.52
N PHE B 426 28.72 29.78 -26.33
CA PHE B 426 29.48 29.35 -27.50
C PHE B 426 30.79 28.72 -27.08
N LYS B 427 31.35 29.20 -25.97
CA LYS B 427 32.59 28.67 -25.43
C LYS B 427 32.38 27.23 -25.00
N GLN B 428 31.31 26.99 -24.25
CA GLN B 428 30.98 25.65 -23.77
C GLN B 428 30.68 24.70 -24.92
N THR B 429 29.94 25.20 -25.91
CA THR B 429 29.58 24.40 -27.08
C THR B 429 30.85 24.06 -27.86
N ALA B 430 31.73 25.04 -28.03
CA ALA B 430 33.01 24.83 -28.72
C ALA B 430 33.80 23.71 -28.05
N ASP B 431 33.76 23.67 -26.72
CA ASP B 431 34.44 22.66 -25.91
C ASP B 431 33.72 21.30 -25.95
N GLY B 432 32.59 21.24 -26.65
CA GLY B 432 31.85 19.99 -26.76
C GLY B 432 30.76 19.75 -25.71
N LYS B 433 30.40 20.77 -24.94
CA LYS B 433 29.36 20.61 -23.94
C LYS B 433 27.98 20.99 -24.42
N ARG B 434 27.06 20.03 -24.35
CA ARG B 434 25.68 20.23 -24.75
C ARG B 434 24.90 20.98 -23.67
N PRO B 435 23.73 21.52 -24.02
CA PRO B 435 22.94 22.22 -23.01
C PRO B 435 22.68 21.19 -21.90
N GLY B 436 22.66 21.62 -20.64
CA GLY B 436 22.47 20.65 -19.58
C GLY B 436 21.48 20.97 -18.46
N TYR B 437 21.73 20.38 -17.29
CA TYR B 437 20.82 20.56 -16.15
C TYR B 437 21.55 20.81 -14.82
N LYS B 438 22.46 19.92 -14.46
CA LYS B 438 23.22 20.07 -13.22
C LYS B 438 24.37 21.04 -13.46
N VAL B 439 24.46 22.05 -12.61
CA VAL B 439 25.49 23.07 -12.73
C VAL B 439 26.87 22.48 -12.49
N GLU B 440 27.78 22.72 -13.44
CA GLU B 440 29.14 22.22 -13.35
C GLU B 440 29.85 22.98 -12.24
N GLN B 441 30.59 22.26 -11.40
CA GLN B 441 31.28 22.92 -10.31
C GLN B 441 32.71 23.32 -10.58
N ILE B 442 33.13 24.31 -9.80
CA ILE B 442 34.44 24.93 -9.83
C ILE B 442 34.50 26.11 -10.73
N ILE C 16 14.53 43.43 -3.49
CA ILE C 16 15.61 44.45 -3.50
C ILE C 16 15.44 45.36 -2.28
N SER C 17 16.48 45.39 -1.45
CA SER C 17 16.48 46.18 -0.22
C SER C 17 16.88 47.65 -0.39
N ASP C 18 16.24 48.52 0.39
CA ASP C 18 16.53 49.95 0.35
C ASP C 18 17.85 50.26 1.05
N ALA C 19 18.45 49.24 1.65
CA ALA C 19 19.72 49.39 2.36
C ALA C 19 20.93 49.23 1.43
N ARG C 20 20.71 48.87 0.17
CA ARG C 20 21.81 48.71 -0.76
C ARG C 20 22.44 50.05 -1.09
N ALA C 21 23.73 50.03 -1.42
CA ALA C 21 24.47 51.25 -1.73
C ALA C 21 24.08 51.89 -3.05
N ASN C 22 23.73 51.06 -4.04
CA ASN C 22 23.36 51.57 -5.36
C ASN C 22 21.89 51.97 -5.49
N ASN C 23 21.51 53.05 -4.82
CA ASN C 23 20.14 53.56 -4.89
C ASN C 23 19.93 54.27 -6.23
N ALA C 24 18.69 54.61 -6.53
CA ALA C 24 18.33 55.28 -7.78
C ALA C 24 19.23 56.46 -8.13
N LYS C 25 19.48 57.35 -7.17
CA LYS C 25 20.31 58.51 -7.43
C LYS C 25 21.71 58.09 -7.85
N THR C 26 22.29 57.17 -7.11
CA THR C 26 23.64 56.69 -7.39
C THR C 26 23.73 56.07 -8.78
N GLN C 27 22.76 55.23 -9.12
CA GLN C 27 22.77 54.57 -10.42
C GLN C 27 22.67 55.55 -11.58
N SER C 28 21.97 56.67 -11.37
CA SER C 28 21.82 57.67 -12.42
C SER C 28 23.14 58.36 -12.67
N GLN C 29 24.03 58.30 -11.69
CA GLN C 29 25.34 58.93 -11.83
C GLN C 29 26.31 58.13 -12.68
N TYR C 30 25.96 56.89 -13.01
CA TYR C 30 26.85 56.10 -13.87
C TYR C 30 26.12 55.48 -15.04
N GLN C 31 25.14 56.21 -15.57
CA GLN C 31 24.37 55.74 -16.72
C GLN C 31 25.28 55.53 -17.94
N PRO C 32 26.21 56.46 -18.21
CA PRO C 32 27.09 56.29 -19.37
C PRO C 32 27.86 54.96 -19.30
N TYR C 33 28.27 54.58 -18.09
CA TYR C 33 28.97 53.33 -17.88
C TYR C 33 28.05 52.16 -18.23
N LYS C 34 26.81 52.22 -17.77
CA LYS C 34 25.84 51.16 -18.06
C LYS C 34 25.65 51.07 -19.58
N ASP C 35 25.76 52.21 -20.25
CA ASP C 35 25.59 52.27 -21.70
C ASP C 35 26.81 51.84 -22.52
N ALA C 36 27.96 51.63 -21.87
CA ALA C 36 29.18 51.28 -22.61
C ALA C 36 29.58 49.80 -22.68
N ALA C 37 28.64 48.92 -23.01
CA ALA C 37 28.92 47.50 -23.13
C ALA C 37 30.03 47.22 -24.16
N TRP C 38 30.01 47.96 -25.27
CA TRP C 38 31.02 47.78 -26.31
C TRP C 38 32.34 48.48 -25.99
N GLY C 39 32.40 49.14 -24.84
CA GLY C 39 33.62 49.82 -24.42
C GLY C 39 33.66 51.33 -24.64
N PHE C 40 34.68 51.96 -24.08
CA PHE C 40 34.90 53.39 -24.24
C PHE C 40 35.81 53.56 -25.45
N ILE C 41 35.38 54.34 -26.43
CA ILE C 41 36.18 54.54 -27.63
C ILE C 41 36.99 55.85 -27.51
N ASN C 42 37.99 56.02 -28.38
CA ASN C 42 38.84 57.20 -28.35
C ASN C 42 39.77 57.09 -27.13
N HIS C 43 40.37 55.91 -26.97
CA HIS C 43 41.28 55.63 -25.87
C HIS C 43 42.38 54.70 -26.34
N TRP C 44 43.49 54.71 -25.61
CA TRP C 44 44.63 53.86 -25.93
C TRP C 44 44.44 52.47 -25.33
N TYR C 45 44.74 51.44 -26.11
CA TYR C 45 44.62 50.06 -25.64
C TYR C 45 45.80 49.23 -26.10
N PRO C 46 46.20 48.24 -25.30
CA PRO C 46 47.33 47.40 -25.73
C PRO C 46 46.76 46.54 -26.85
N ALA C 47 47.49 46.46 -27.97
CA ALA C 47 47.03 45.66 -29.12
C ALA C 47 47.71 44.31 -29.24
N LEU C 48 49.03 44.32 -29.11
CA LEU C 48 49.84 43.10 -29.24
C LEU C 48 51.19 43.32 -28.60
N PHE C 49 51.83 42.24 -28.18
CA PHE C 49 53.18 42.35 -27.63
C PHE C 49 54.05 42.54 -28.87
N THR C 50 55.23 43.13 -28.67
CA THR C 50 56.13 43.34 -29.80
C THR C 50 56.48 42.04 -30.50
N HIS C 51 56.72 40.98 -29.72
CA HIS C 51 57.06 39.68 -30.29
C HIS C 51 55.96 39.06 -31.15
N GLU C 52 54.76 39.65 -31.10
CA GLU C 52 53.64 39.14 -31.88
C GLU C 52 53.58 39.75 -33.28
N LEU C 53 54.46 40.72 -33.53
CA LEU C 53 54.49 41.37 -34.84
C LEU C 53 55.92 41.68 -35.25
N GLU C 54 56.50 40.76 -36.02
CA GLU C 54 57.87 40.93 -36.50
C GLU C 54 57.84 41.71 -37.82
N GLU C 55 59.01 42.06 -38.32
CA GLU C 55 59.12 42.82 -39.57
C GLU C 55 58.33 42.15 -40.69
N ASP C 56 57.53 42.93 -41.38
CA ASP C 56 56.71 42.44 -42.50
C ASP C 56 55.55 41.54 -42.09
N GLN C 57 55.32 41.40 -40.79
CA GLN C 57 54.23 40.58 -40.32
C GLN C 57 52.96 41.42 -40.29
N VAL C 58 51.82 40.79 -40.60
CA VAL C 58 50.53 41.45 -40.59
C VAL C 58 49.64 40.66 -39.65
N GLN C 59 48.89 41.37 -38.81
CA GLN C 59 48.00 40.72 -37.85
C GLN C 59 46.68 41.50 -37.68
N GLY C 60 45.57 40.77 -37.59
CA GLY C 60 44.27 41.39 -37.40
C GLY C 60 43.75 41.13 -36.00
N ILE C 61 43.08 42.13 -35.42
CA ILE C 61 42.50 42.04 -34.08
C ILE C 61 41.17 42.82 -34.10
N GLN C 62 40.55 42.97 -32.93
CA GLN C 62 39.30 43.70 -32.80
C GLN C 62 39.21 44.28 -31.39
N ILE C 63 38.97 45.59 -31.30
CA ILE C 63 38.89 46.30 -30.02
C ILE C 63 37.71 47.25 -30.04
N CYS C 64 36.86 47.21 -29.01
CA CYS C 64 35.66 48.07 -28.98
C CYS C 64 34.81 47.87 -30.24
N GLY C 65 34.82 46.64 -30.74
CA GLY C 65 34.05 46.31 -31.93
C GLY C 65 34.67 46.72 -33.25
N VAL C 66 35.80 47.41 -33.19
CA VAL C 66 36.47 47.89 -34.39
C VAL C 66 37.54 46.91 -34.90
N PRO C 67 37.39 46.42 -36.14
CA PRO C 67 38.36 45.49 -36.71
C PRO C 67 39.62 46.28 -37.07
N ILE C 68 40.76 45.84 -36.56
CA ILE C 68 42.02 46.53 -36.79
C ILE C 68 43.08 45.60 -37.34
N VAL C 69 43.86 46.09 -38.29
CA VAL C 69 44.94 45.32 -38.86
C VAL C 69 46.24 46.10 -38.70
N LEU C 70 47.28 45.41 -38.22
CA LEU C 70 48.58 46.06 -38.01
C LEU C 70 49.68 45.38 -38.80
N ARG C 71 50.65 46.17 -39.24
CA ARG C 71 51.80 45.68 -39.99
C ARG C 71 53.05 46.44 -39.56
N ARG C 72 54.18 45.74 -39.43
CA ARG C 72 55.44 46.40 -39.08
C ARG C 72 56.26 46.52 -40.36
N VAL C 73 56.68 47.74 -40.66
CA VAL C 73 57.48 48.00 -41.86
C VAL C 73 58.67 48.86 -41.49
N ASN C 74 59.87 48.37 -41.79
CA ASN C 74 61.08 49.10 -41.46
C ASN C 74 61.11 49.41 -39.98
N GLY C 75 60.69 48.42 -39.19
CA GLY C 75 60.68 48.57 -37.75
C GLY C 75 59.51 49.34 -37.17
N LYS C 76 58.74 50.03 -38.01
CA LYS C 76 57.60 50.81 -37.54
C LYS C 76 56.26 50.09 -37.75
N VAL C 77 55.39 50.17 -36.75
CA VAL C 77 54.08 49.54 -36.78
C VAL C 77 52.95 50.50 -37.17
N PHE C 78 52.13 50.08 -38.15
CA PHE C 78 51.00 50.91 -38.57
C PHE C 78 49.70 50.16 -38.28
N ALA C 79 48.61 50.89 -38.14
CA ALA C 79 47.31 50.29 -37.85
C ALA C 79 46.21 50.96 -38.66
N LEU C 80 45.38 50.12 -39.28
CA LEU C 80 44.27 50.58 -40.12
C LEU C 80 43.06 49.72 -39.80
N LYS C 81 41.89 50.18 -40.21
CA LYS C 81 40.68 49.40 -39.97
C LYS C 81 40.76 48.17 -40.86
N ASP C 82 40.55 47.01 -40.25
CA ASP C 82 40.61 45.75 -40.98
C ASP C 82 39.31 45.51 -41.74
N GLN C 83 38.99 46.43 -42.66
CA GLN C 83 37.78 46.32 -43.46
C GLN C 83 37.93 46.98 -44.83
N CYS C 84 37.99 46.19 -45.89
CA CYS C 84 38.10 46.73 -47.24
C CYS C 84 36.85 47.53 -47.59
N LEU C 85 37.02 48.70 -48.21
CA LEU C 85 35.88 49.56 -48.59
C LEU C 85 35.05 48.96 -49.69
N HIS C 86 35.66 48.15 -50.53
CA HIS C 86 34.94 47.58 -51.64
C HIS C 86 33.80 46.71 -51.15
N ARG C 87 34.13 45.53 -50.63
CA ARG C 87 33.08 44.63 -50.16
C ARG C 87 33.26 44.05 -48.76
N GLY C 88 33.84 44.85 -47.87
CA GLY C 88 33.99 44.45 -46.48
C GLY C 88 34.88 43.31 -46.04
N VAL C 89 35.75 42.83 -46.91
CA VAL C 89 36.66 41.74 -46.55
C VAL C 89 37.68 42.21 -45.52
N ARG C 90 38.11 41.31 -44.66
CA ARG C 90 39.11 41.62 -43.65
C ARG C 90 40.47 41.50 -44.33
N LEU C 91 41.21 42.60 -44.41
CA LEU C 91 42.52 42.58 -45.06
C LEU C 91 43.49 41.59 -44.43
N SER C 92 43.41 41.46 -43.10
CA SER C 92 44.31 40.59 -42.35
C SER C 92 44.17 39.08 -42.55
N GLU C 93 43.07 38.62 -43.14
CA GLU C 93 42.89 37.18 -43.35
C GLU C 93 43.91 36.55 -44.29
N LYS C 94 44.42 37.33 -45.23
CA LYS C 94 45.43 36.85 -46.16
C LYS C 94 46.34 38.02 -46.50
N PRO C 95 47.28 38.34 -45.60
CA PRO C 95 48.23 39.45 -45.77
C PRO C 95 48.81 39.52 -47.17
N THR C 96 48.55 40.65 -47.85
CA THR C 96 49.02 40.88 -49.20
C THR C 96 49.54 42.32 -49.31
N CYS C 97 50.86 42.47 -49.34
CA CYS C 97 51.49 43.80 -49.44
C CYS C 97 52.47 43.85 -50.60
N PHE C 98 52.26 44.78 -51.53
CA PHE C 98 53.16 44.90 -52.67
C PHE C 98 54.27 45.91 -52.49
N THR C 99 54.10 46.85 -51.57
CA THR C 99 55.13 47.85 -51.33
C THR C 99 55.32 48.08 -49.84
N LYS C 100 56.37 48.80 -49.48
CA LYS C 100 56.68 49.08 -48.08
C LYS C 100 55.73 50.05 -47.43
N SER C 101 54.99 50.81 -48.22
CA SER C 101 54.08 51.80 -47.67
C SER C 101 52.61 51.46 -47.82
N THR C 102 52.29 50.25 -48.25
CA THR C 102 50.88 49.90 -48.44
C THR C 102 50.47 48.50 -48.01
N ILE C 103 49.16 48.27 -48.07
CA ILE C 103 48.59 46.97 -47.77
C ILE C 103 47.42 46.84 -48.74
N SER C 104 47.29 45.66 -49.34
CA SER C 104 46.22 45.46 -50.31
C SER C 104 45.19 44.42 -49.86
N CYS C 105 43.99 44.54 -50.41
CA CYS C 105 42.95 43.57 -50.10
C CYS C 105 43.24 42.38 -51.03
N TRP C 106 43.23 41.18 -50.48
CA TRP C 106 43.52 39.97 -51.24
C TRP C 106 42.44 39.49 -52.20
N TYR C 107 41.34 40.22 -52.31
CA TYR C 107 40.28 39.81 -53.21
C TYR C 107 40.41 40.51 -54.57
N HIS C 108 40.15 41.83 -54.61
CA HIS C 108 40.26 42.57 -55.88
C HIS C 108 41.44 43.54 -55.94
N GLY C 109 42.20 43.60 -54.85
CA GLY C 109 43.36 44.48 -54.85
C GLY C 109 43.20 45.93 -54.44
N PHE C 110 42.10 46.28 -53.77
CA PHE C 110 41.95 47.66 -53.31
C PHE C 110 43.19 47.84 -52.45
N THR C 111 43.94 48.91 -52.68
CA THR C 111 45.18 49.15 -51.94
C THR C 111 45.16 50.45 -51.13
N PHE C 112 45.64 50.38 -49.89
CA PHE C 112 45.65 51.53 -49.01
C PHE C 112 47.03 51.94 -48.48
N ASP C 113 47.23 53.24 -48.32
CA ASP C 113 48.47 53.79 -47.80
C ASP C 113 48.50 53.57 -46.27
N LEU C 114 49.56 52.92 -45.78
CA LEU C 114 49.67 52.65 -44.34
C LEU C 114 49.57 53.90 -43.48
N GLU C 115 50.27 54.96 -43.90
CA GLU C 115 50.30 56.23 -43.18
C GLU C 115 48.98 56.99 -43.08
N THR C 116 48.30 57.17 -44.22
CA THR C 116 47.04 57.91 -44.25
C THR C 116 45.77 57.09 -44.45
N GLY C 117 45.92 55.84 -44.87
CA GLY C 117 44.74 55.00 -45.08
C GLY C 117 44.07 55.26 -46.40
N LYS C 118 44.59 56.22 -47.18
CA LYS C 118 43.99 56.55 -48.47
C LYS C 118 44.03 55.42 -49.51
N LEU C 119 42.99 55.33 -50.32
CA LEU C 119 42.92 54.33 -51.38
C LEU C 119 43.85 54.84 -52.48
N VAL C 120 45.08 54.32 -52.53
CA VAL C 120 46.05 54.77 -53.51
C VAL C 120 45.91 54.12 -54.88
N THR C 121 45.24 52.97 -54.93
CA THR C 121 45.05 52.30 -56.21
C THR C 121 44.26 51.01 -56.04
N ILE C 122 43.91 50.41 -57.17
CA ILE C 122 43.19 49.15 -57.20
C ILE C 122 43.96 48.33 -58.22
N VAL C 123 44.57 47.25 -57.75
CA VAL C 123 45.38 46.38 -58.60
C VAL C 123 44.76 46.07 -59.95
N ALA C 124 43.49 45.68 -59.94
CA ALA C 124 42.79 45.33 -61.16
C ALA C 124 42.08 46.47 -61.88
N ASN C 125 42.34 47.71 -61.46
CA ASN C 125 41.67 48.85 -62.07
C ASN C 125 42.34 50.13 -61.56
N PRO C 126 43.59 50.37 -62.00
CA PRO C 126 44.38 51.55 -61.60
C PRO C 126 43.84 52.89 -62.06
N GLU C 127 42.86 52.89 -62.95
CA GLU C 127 42.32 54.15 -63.44
C GLU C 127 40.89 54.45 -63.02
N ASP C 128 40.34 53.65 -62.11
CA ASP C 128 38.97 53.88 -61.64
C ASP C 128 38.87 55.22 -60.93
N LYS C 129 37.72 55.89 -61.11
CA LYS C 129 37.50 57.21 -60.50
C LYS C 129 37.42 57.21 -58.98
N LEU C 130 37.26 56.03 -58.37
CA LEU C 130 37.14 55.91 -56.91
C LEU C 130 38.46 56.17 -56.21
N ILE C 131 39.56 55.74 -56.84
CA ILE C 131 40.89 55.90 -56.28
C ILE C 131 41.20 57.30 -55.78
N GLY C 132 41.70 57.39 -54.55
CA GLY C 132 42.04 58.67 -53.97
C GLY C 132 40.90 59.49 -53.40
N THR C 133 39.65 59.11 -53.69
CA THR C 133 38.50 59.86 -53.20
C THR C 133 38.01 59.43 -51.82
N THR C 134 38.67 58.42 -51.25
CA THR C 134 38.33 57.92 -49.92
C THR C 134 39.47 57.03 -49.39
N GLY C 135 39.22 56.32 -48.29
CA GLY C 135 40.23 55.45 -47.71
C GLY C 135 39.72 54.83 -46.42
N VAL C 136 40.54 54.04 -45.74
CA VAL C 136 40.10 53.45 -44.48
C VAL C 136 40.65 54.26 -43.33
N THR C 137 40.06 54.05 -42.16
CA THR C 137 40.46 54.77 -40.95
C THR C 137 41.86 54.34 -40.47
N THR C 138 42.61 55.29 -39.93
CA THR C 138 43.94 54.97 -39.39
C THR C 138 43.85 55.12 -37.87
N TYR C 139 44.65 54.32 -37.16
CA TYR C 139 44.68 54.39 -35.71
C TYR C 139 46.12 54.63 -35.26
N PRO C 140 46.37 55.71 -34.50
CA PRO C 140 47.71 56.05 -34.00
C PRO C 140 48.30 54.87 -33.24
N VAL C 141 49.61 54.66 -33.40
CA VAL C 141 50.30 53.57 -32.71
C VAL C 141 51.43 54.13 -31.85
N HIS C 142 51.66 53.48 -30.71
CA HIS C 142 52.72 53.87 -29.80
C HIS C 142 53.30 52.58 -29.25
N GLU C 143 54.46 52.19 -29.78
CA GLU C 143 55.13 50.97 -29.33
C GLU C 143 56.20 51.35 -28.33
N VAL C 144 56.23 50.65 -27.19
CA VAL C 144 57.22 50.95 -26.17
C VAL C 144 57.52 49.77 -25.26
N ASN C 145 58.80 49.50 -25.08
CA ASN C 145 59.27 48.41 -24.22
C ASN C 145 58.53 47.08 -24.31
N GLY C 146 58.34 46.59 -25.54
CA GLY C 146 57.67 45.32 -25.74
C GLY C 146 56.16 45.35 -25.87
N MET C 147 55.59 46.55 -25.80
CA MET C 147 54.14 46.75 -25.90
C MET C 147 53.76 47.60 -27.11
N ILE C 148 52.72 47.18 -27.83
CA ILE C 148 52.24 47.94 -28.97
C ILE C 148 50.87 48.46 -28.63
N PHE C 149 50.78 49.76 -28.39
CA PHE C 149 49.50 50.39 -28.03
C PHE C 149 48.88 51.04 -29.27
N VAL C 150 47.57 50.97 -29.34
CA VAL C 150 46.83 51.56 -30.46
C VAL C 150 45.75 52.49 -29.92
N PHE C 151 45.58 53.64 -30.56
CA PHE C 151 44.54 54.57 -30.13
C PHE C 151 43.29 54.23 -30.92
N VAL C 152 42.40 53.41 -30.35
CA VAL C 152 41.16 53.01 -31.02
C VAL C 152 40.20 54.19 -30.96
N ARG C 153 39.89 54.77 -32.12
CA ARG C 153 39.02 55.94 -32.18
C ARG C 153 37.91 55.85 -33.22
N GLU C 154 36.95 56.76 -33.10
CA GLU C 154 35.84 56.82 -34.04
C GLU C 154 36.38 57.36 -35.36
N ASP C 155 35.69 57.03 -36.44
CA ASP C 155 36.11 57.48 -37.76
C ASP C 155 36.31 59.00 -37.86
N ASP C 156 35.53 59.78 -37.13
CA ASP C 156 35.64 61.24 -37.21
C ASP C 156 36.40 61.93 -36.08
N PHE C 157 37.18 61.17 -35.31
CA PHE C 157 37.94 61.76 -34.23
C PHE C 157 39.19 62.36 -34.88
N PRO C 158 39.34 63.70 -34.83
CA PRO C 158 40.50 64.35 -35.44
C PRO C 158 41.87 63.95 -34.91
N ASP C 159 42.84 63.88 -35.82
CA ASP C 159 44.21 63.52 -35.48
C ASP C 159 44.77 64.45 -34.43
N GLU C 160 44.57 65.76 -34.63
CA GLU C 160 45.07 66.77 -33.70
C GLU C 160 44.57 66.59 -32.28
N ASP C 161 43.47 65.87 -32.10
CA ASP C 161 42.89 65.65 -30.78
C ASP C 161 43.42 64.41 -30.06
N VAL C 162 44.26 63.64 -30.74
CA VAL C 162 44.80 62.43 -30.12
C VAL C 162 45.72 62.79 -28.95
N PRO C 163 45.36 62.34 -27.75
CA PRO C 163 46.16 62.62 -26.55
C PRO C 163 47.37 61.71 -26.40
N PRO C 164 48.30 62.08 -25.52
CA PRO C 164 49.48 61.24 -25.32
C PRO C 164 49.11 59.95 -24.61
N LEU C 165 49.83 58.87 -24.95
CA LEU C 165 49.60 57.54 -24.35
C LEU C 165 49.56 57.59 -22.83
N ALA C 166 50.44 58.38 -22.24
CA ALA C 166 50.53 58.50 -20.79
C ALA C 166 49.19 58.86 -20.11
N HIS C 167 48.32 59.56 -20.82
CA HIS C 167 47.04 59.94 -20.25
C HIS C 167 46.09 58.76 -20.02
N ASP C 168 46.37 57.64 -20.70
CA ASP C 168 45.56 56.45 -20.55
C ASP C 168 46.37 55.32 -19.91
N LEU C 169 47.41 55.70 -19.16
CA LEU C 169 48.24 54.73 -18.48
C LEU C 169 48.24 55.11 -17.00
N PRO C 170 48.45 54.14 -16.10
CA PRO C 170 48.45 54.39 -14.65
C PRO C 170 49.40 55.49 -14.16
N PHE C 171 49.10 56.03 -12.98
CA PHE C 171 49.92 57.09 -12.38
C PHE C 171 51.37 56.64 -12.28
N ARG C 172 52.30 57.56 -12.53
CA ARG C 172 53.72 57.24 -12.50
C ARG C 172 54.46 57.61 -11.22
N PHE C 173 55.41 56.77 -10.84
CA PHE C 173 56.23 57.02 -9.66
C PHE C 173 57.69 56.96 -10.13
N PRO C 174 58.58 57.70 -9.45
CA PRO C 174 58.34 58.55 -8.29
C PRO C 174 57.65 59.88 -8.62
N GLU C 175 57.36 60.11 -9.89
CA GLU C 175 56.72 61.36 -10.31
C GLU C 175 55.58 61.78 -9.39
N ARG C 176 54.81 60.80 -8.92
CA ARG C 176 53.66 61.10 -8.07
C ARG C 176 53.76 60.52 -6.67
N SER C 177 54.97 60.22 -6.22
CA SER C 177 55.16 59.67 -4.88
C SER C 177 54.64 60.63 -3.82
N GLU C 178 54.83 61.93 -4.04
CA GLU C 178 54.37 62.93 -3.09
C GLU C 178 52.85 62.93 -3.01
N GLN C 179 52.20 62.87 -4.16
CA GLN C 179 50.75 62.86 -4.23
C GLN C 179 50.14 61.57 -3.66
N PHE C 180 50.80 60.45 -3.92
CA PHE C 180 50.34 59.15 -3.42
C PHE C 180 51.43 58.47 -2.61
N PRO C 181 51.67 58.94 -1.37
CA PRO C 181 52.68 58.41 -0.46
C PRO C 181 52.69 56.88 -0.31
N HIS C 182 53.87 56.29 -0.42
CA HIS C 182 54.03 54.84 -0.29
C HIS C 182 55.28 54.48 0.52
N PRO C 183 55.30 54.85 1.81
CA PRO C 183 56.42 54.58 2.71
C PRO C 183 56.77 53.11 2.91
N LEU C 184 55.83 52.22 2.59
CA LEU C 184 56.05 50.79 2.79
C LEU C 184 56.64 50.02 1.62
N TRP C 185 56.96 50.69 0.52
CA TRP C 185 57.51 50.00 -0.63
C TRP C 185 58.13 50.95 -1.63
N PRO C 186 59.11 50.46 -2.40
CA PRO C 186 59.76 51.30 -3.41
C PRO C 186 58.84 51.61 -4.58
N SER C 187 59.16 52.67 -5.31
CA SER C 187 58.36 53.09 -6.47
C SER C 187 58.15 52.03 -7.57
N SER C 188 56.92 51.94 -8.04
CA SER C 188 56.60 51.00 -9.11
C SER C 188 56.99 51.62 -10.46
N PRO C 189 57.64 50.84 -11.33
CA PRO C 189 58.05 51.33 -12.64
C PRO C 189 56.84 51.41 -13.59
N SER C 190 57.00 52.18 -14.66
CA SER C 190 55.97 52.34 -15.67
C SER C 190 56.47 51.70 -16.96
N VAL C 191 55.55 51.29 -17.81
CA VAL C 191 55.91 50.68 -19.08
C VAL C 191 56.68 51.72 -19.91
N LEU C 192 56.52 52.99 -19.55
CA LEU C 192 57.18 54.10 -20.25
C LEU C 192 58.60 54.36 -19.75
N ASP C 193 58.96 53.82 -18.58
CA ASP C 193 60.29 54.01 -18.02
C ASP C 193 61.40 53.37 -18.87
N ASP C 194 62.56 54.02 -18.90
CA ASP C 194 63.72 53.51 -19.63
C ASP C 194 64.19 52.22 -18.99
N ASN C 195 64.50 51.23 -19.80
CA ASN C 195 64.96 49.94 -19.31
C ASN C 195 63.88 49.15 -18.56
N ALA C 196 62.63 49.56 -18.74
CA ALA C 196 61.51 48.85 -18.12
C ALA C 196 61.33 47.60 -18.98
N VAL C 197 61.19 46.44 -18.33
CA VAL C 197 61.01 45.21 -19.09
C VAL C 197 59.65 44.60 -18.81
N VAL C 198 58.98 44.18 -19.88
CA VAL C 198 57.65 43.59 -19.75
C VAL C 198 57.60 42.09 -20.07
N HIS C 199 56.93 41.33 -19.20
CA HIS C 199 56.71 39.90 -19.37
C HIS C 199 55.24 39.70 -19.05
N GLY C 200 54.56 38.84 -19.78
CA GLY C 200 53.15 38.63 -19.49
C GLY C 200 52.37 37.94 -20.60
N MET C 201 51.04 38.04 -20.51
CA MET C 201 50.19 37.40 -21.47
C MET C 201 48.83 38.10 -21.58
N HIS C 202 48.06 37.72 -22.59
CA HIS C 202 46.72 38.23 -22.74
C HIS C 202 45.87 37.07 -23.29
N ARG C 203 44.75 36.80 -22.62
CA ARG C 203 43.86 35.71 -23.00
C ARG C 203 42.44 36.23 -23.21
N THR C 204 41.74 35.66 -24.18
CA THR C 204 40.38 36.11 -24.46
C THR C 204 39.51 35.70 -23.29
N GLY C 205 38.74 36.65 -22.77
CA GLY C 205 37.88 36.38 -21.65
C GLY C 205 36.45 36.30 -22.13
N PHE C 206 35.65 35.40 -21.58
CA PHE C 206 34.27 35.26 -22.03
C PHE C 206 33.28 35.97 -21.12
N GLY C 207 32.79 37.11 -21.61
CA GLY C 207 31.87 37.96 -20.88
C GLY C 207 32.26 39.41 -21.08
N ASN C 208 31.39 40.32 -20.64
CA ASN C 208 31.62 41.75 -20.79
C ASN C 208 32.85 42.28 -20.05
N TRP C 209 33.55 43.24 -20.66
CA TRP C 209 34.77 43.81 -20.07
C TRP C 209 34.60 44.50 -18.72
N ARG C 210 33.46 45.15 -18.51
CA ARG C 210 33.21 45.86 -17.25
C ARG C 210 33.24 44.96 -16.02
N ILE C 211 32.64 43.79 -16.14
CA ILE C 211 32.60 42.82 -15.04
C ILE C 211 34.00 42.32 -14.74
N ALA C 212 34.82 42.17 -15.78
CA ALA C 212 36.19 41.70 -15.59
C ALA C 212 37.02 42.78 -14.90
N CYS C 213 36.90 44.01 -15.38
CA CYS C 213 37.64 45.17 -14.85
C CYS C 213 37.40 45.38 -13.36
N GLU C 214 36.13 45.42 -12.96
CA GLU C 214 35.78 45.63 -11.56
C GLU C 214 36.34 44.53 -10.66
N ASN C 215 36.49 43.32 -11.21
CA ASN C 215 37.05 42.23 -10.44
C ASN C 215 38.53 42.53 -10.22
N GLY C 216 39.14 43.16 -11.22
CA GLY C 216 40.55 43.50 -11.15
C GLY C 216 40.98 44.24 -9.90
N PHE C 217 40.17 45.20 -9.44
CA PHE C 217 40.57 45.97 -8.26
C PHE C 217 39.68 45.76 -7.05
N ASP C 218 38.91 44.68 -7.05
CA ASP C 218 38.03 44.38 -5.93
C ASP C 218 38.93 44.17 -4.71
N ASN C 219 38.59 44.80 -3.59
CA ASN C 219 39.44 44.65 -2.41
C ASN C 219 39.14 43.47 -1.51
N ALA C 220 37.95 42.89 -1.61
CA ALA C 220 37.64 41.78 -0.71
C ALA C 220 36.99 40.54 -1.29
N HIS C 221 37.80 39.62 -1.80
CA HIS C 221 37.30 38.36 -2.32
C HIS C 221 38.29 37.25 -2.00
N ILE C 222 38.61 37.15 -0.70
CA ILE C 222 39.53 36.16 -0.18
C ILE C 222 39.14 34.73 -0.54
N LEU C 223 37.85 34.44 -0.50
CA LEU C 223 37.38 33.09 -0.82
C LEU C 223 37.85 32.65 -2.20
N VAL C 224 38.00 33.61 -3.10
CA VAL C 224 38.43 33.33 -4.46
C VAL C 224 39.89 32.87 -4.53
N HIS C 225 40.73 33.40 -3.64
CA HIS C 225 42.15 33.07 -3.64
C HIS C 225 42.65 32.27 -2.46
N LYS C 226 41.80 32.05 -1.45
CA LYS C 226 42.20 31.32 -0.25
C LYS C 226 42.96 30.01 -0.50
N ASP C 227 42.57 29.27 -1.53
CA ASP C 227 43.21 28.00 -1.85
C ASP C 227 44.40 28.05 -2.80
N ASN C 228 44.72 29.23 -3.33
CA ASN C 228 45.84 29.37 -4.26
C ASN C 228 47.14 28.86 -3.63
N THR C 229 47.94 28.20 -4.45
CA THR C 229 49.21 27.63 -4.01
C THR C 229 50.15 28.66 -3.40
N ILE C 230 50.30 29.78 -4.09
CA ILE C 230 51.19 30.83 -3.62
C ILE C 230 50.86 31.29 -2.22
N VAL C 231 49.56 31.36 -1.90
CA VAL C 231 49.11 31.77 -0.58
C VAL C 231 49.65 30.83 0.50
N HIS C 232 49.67 29.54 0.20
CA HIS C 232 50.15 28.55 1.16
C HIS C 232 51.65 28.35 1.13
N ALA C 233 52.27 28.53 -0.03
CA ALA C 233 53.70 28.37 -0.15
C ALA C 233 54.40 29.49 0.60
N MET C 234 53.77 30.67 0.62
CA MET C 234 54.32 31.83 1.30
C MET C 234 53.84 31.93 2.77
N ASP C 235 53.05 30.95 3.20
CA ASP C 235 52.53 30.94 4.56
C ASP C 235 51.72 32.19 4.89
N TRP C 236 51.02 32.73 3.89
CA TRP C 236 50.20 33.91 4.11
C TRP C 236 48.94 33.55 4.89
N VAL C 237 48.40 34.53 5.61
CA VAL C 237 47.18 34.37 6.38
C VAL C 237 46.35 35.59 6.01
N LEU C 238 45.50 35.42 5.01
CA LEU C 238 44.67 36.51 4.50
C LEU C 238 43.55 36.94 5.43
N PRO C 239 43.14 38.21 5.34
CA PRO C 239 42.05 38.75 6.16
C PRO C 239 40.71 38.39 5.51
N LEU C 240 39.65 38.32 6.31
CA LEU C 240 38.34 37.99 5.77
C LEU C 240 37.92 39.03 4.73
N GLY C 241 38.50 40.23 4.84
CA GLY C 241 38.18 41.30 3.92
C GLY C 241 38.77 42.63 4.35
N LEU C 242 38.57 43.65 3.52
CA LEU C 242 39.07 44.99 3.79
C LEU C 242 37.91 45.97 3.69
N LEU C 243 37.68 46.75 4.73
CA LEU C 243 36.60 47.71 4.62
C LEU C 243 37.02 49.15 4.85
N PRO C 244 36.36 50.07 4.14
CA PRO C 244 36.65 51.51 4.25
C PRO C 244 36.22 52.04 5.60
N THR C 245 37.08 52.86 6.21
CA THR C 245 36.81 53.43 7.52
C THR C 245 36.36 54.88 7.40
N SER C 246 36.59 55.47 6.23
CA SER C 246 36.19 56.84 6.00
C SER C 246 35.78 57.04 4.57
N ASP C 247 35.17 58.20 4.36
CA ASP C 247 34.67 58.60 3.08
C ASP C 247 35.76 58.81 2.03
N ASP C 248 36.93 59.24 2.48
CA ASP C 248 38.03 59.51 1.57
C ASP C 248 39.04 58.36 1.46
N CYS C 249 38.55 57.12 1.55
CA CYS C 249 39.40 55.94 1.45
C CYS C 249 39.97 55.78 0.04
N ILE C 250 39.42 56.53 -0.89
CA ILE C 250 39.84 56.50 -2.29
C ILE C 250 40.02 57.94 -2.76
N ALA C 251 41.05 58.18 -3.55
CA ALA C 251 41.30 59.52 -4.06
C ALA C 251 41.06 59.56 -5.57
N VAL C 252 40.17 60.45 -5.99
CA VAL C 252 39.85 60.58 -7.40
C VAL C 252 40.69 61.69 -8.03
N VAL C 253 41.32 61.35 -9.15
CA VAL C 253 42.16 62.31 -9.88
C VAL C 253 41.51 62.62 -11.22
N GLU C 254 41.25 63.91 -11.47
CA GLU C 254 40.59 64.32 -12.72
C GLU C 254 41.24 65.47 -13.46
N ASP C 255 42.52 65.76 -13.20
CA ASP C 255 43.20 66.85 -13.87
C ASP C 255 43.23 66.59 -15.37
N ASP C 256 43.38 67.66 -16.15
CA ASP C 256 43.42 67.50 -17.59
C ASP C 256 44.74 66.95 -18.12
N ASP C 257 45.85 67.29 -17.48
CA ASP C 257 47.14 66.76 -17.93
C ASP C 257 47.51 65.58 -17.04
N GLY C 258 47.06 64.40 -17.44
CA GLY C 258 47.37 63.21 -16.67
C GLY C 258 46.25 62.20 -16.76
N PRO C 259 46.42 61.00 -16.19
CA PRO C 259 45.40 59.94 -16.21
C PRO C 259 44.17 60.29 -15.38
N LYS C 260 43.02 59.76 -15.80
CA LYS C 260 41.76 59.98 -15.10
C LYS C 260 41.43 58.66 -14.40
N GLY C 261 41.52 58.64 -13.07
CA GLY C 261 41.21 57.43 -12.36
C GLY C 261 41.12 57.63 -10.86
N MET C 262 41.33 56.56 -10.11
CA MET C 262 41.27 56.63 -8.67
C MET C 262 42.38 55.82 -8.02
N MET C 263 42.85 56.27 -6.87
CA MET C 263 43.91 55.61 -6.13
C MET C 263 43.31 55.14 -4.81
N GLN C 264 43.51 53.87 -4.48
CA GLN C 264 42.97 53.36 -3.22
C GLN C 264 44.05 53.36 -2.16
N TRP C 265 43.80 54.09 -1.07
CA TRP C 265 44.77 54.20 0.02
C TRP C 265 44.90 52.92 0.82
N LEU C 266 45.31 51.83 0.16
CA LEU C 266 45.47 50.56 0.89
C LEU C 266 46.65 50.64 1.86
N PHE C 267 46.57 49.83 2.91
CA PHE C 267 47.61 49.77 3.94
C PHE C 267 47.85 51.09 4.63
N THR C 268 46.75 51.76 4.90
CA THR C 268 46.75 53.00 5.63
C THR C 268 45.54 52.80 6.53
N ASP C 269 45.20 53.83 7.27
CA ASP C 269 44.10 53.77 8.20
C ASP C 269 42.73 53.73 7.57
N LYS C 270 42.66 54.20 6.35
CA LYS C 270 41.41 54.29 5.62
C LYS C 270 40.84 52.95 5.19
N TRP C 271 41.63 51.90 5.31
CA TRP C 271 41.18 50.56 4.97
C TRP C 271 41.58 49.60 6.08
N ALA C 272 40.59 49.10 6.81
CA ALA C 272 40.85 48.18 7.91
C ALA C 272 40.48 46.73 7.58
N PRO C 273 41.41 45.79 7.87
CA PRO C 273 41.18 44.37 7.60
C PRO C 273 40.20 43.76 8.60
N VAL C 274 39.31 42.91 8.11
CA VAL C 274 38.32 42.24 8.95
C VAL C 274 38.90 40.89 9.37
N LEU C 275 39.01 40.68 10.68
CA LEU C 275 39.60 39.43 11.19
C LEU C 275 38.61 38.41 11.72
N GLU C 276 37.34 38.77 11.84
CA GLU C 276 36.38 37.80 12.35
C GLU C 276 34.93 38.03 11.95
N ASN C 277 34.15 36.98 12.06
CA ASN C 277 32.74 37.01 11.74
C ASN C 277 32.08 36.25 12.87
N GLN C 278 31.50 36.99 13.80
CA GLN C 278 30.85 36.39 14.95
C GLN C 278 29.67 35.48 14.63
N GLU C 279 28.89 35.84 13.61
CA GLU C 279 27.73 35.05 13.22
C GLU C 279 28.14 33.65 12.79
N LEU C 280 29.19 33.57 11.96
CA LEU C 280 29.66 32.28 11.47
C LEU C 280 30.71 31.62 12.37
N GLY C 281 31.16 32.36 13.38
CA GLY C 281 32.17 31.83 14.29
C GLY C 281 33.54 31.77 13.65
N LEU C 282 33.81 32.70 12.75
CA LEU C 282 35.11 32.75 12.07
C LEU C 282 36.00 33.76 12.75
N LYS C 283 37.29 33.44 12.76
CA LYS C 283 38.27 34.28 13.39
C LYS C 283 39.67 34.00 12.87
N VAL C 284 40.33 35.03 12.37
CA VAL C 284 41.69 34.91 11.85
C VAL C 284 42.65 35.57 12.82
N GLU C 285 43.81 34.96 13.00
CA GLU C 285 44.82 35.52 13.88
C GLU C 285 46.20 35.36 13.25
N GLY C 286 47.12 36.26 13.57
CA GLY C 286 48.44 36.20 13.00
C GLY C 286 48.40 36.39 11.49
N LEU C 287 47.80 37.49 11.03
CA LEU C 287 47.72 37.73 9.59
C LEU C 287 49.08 38.03 9.01
N LYS C 288 49.36 37.34 7.91
CA LYS C 288 50.61 37.48 7.22
C LYS C 288 50.31 37.68 5.73
N GLY C 289 51.07 38.55 5.09
CA GLY C 289 50.84 38.80 3.69
C GLY C 289 51.84 39.77 3.07
N ARG C 290 51.42 40.43 2.01
CA ARG C 290 52.24 41.40 1.30
C ARG C 290 51.65 42.79 1.31
N HIS C 291 52.53 43.77 1.18
CA HIS C 291 52.11 45.15 1.09
C HIS C 291 51.95 45.40 -0.41
N TYR C 292 50.82 45.97 -0.80
CA TYR C 292 50.56 46.27 -2.20
C TYR C 292 49.48 47.34 -2.27
N ARG C 293 49.29 47.91 -3.46
CA ARG C 293 48.28 48.93 -3.64
C ARG C 293 47.73 48.92 -5.06
N THR C 294 46.42 48.97 -5.15
CA THR C 294 45.74 48.95 -6.43
C THR C 294 45.10 50.29 -6.78
N SER C 295 45.08 50.58 -8.06
CA SER C 295 44.47 51.81 -8.55
C SER C 295 44.00 51.51 -9.97
N VAL C 296 43.08 52.31 -10.48
CA VAL C 296 42.56 52.09 -11.81
C VAL C 296 42.28 53.41 -12.51
N VAL C 297 42.56 53.46 -13.80
CA VAL C 297 42.34 54.67 -14.58
C VAL C 297 41.68 54.32 -15.90
N LEU C 298 41.09 55.32 -16.53
CA LEU C 298 40.43 55.15 -17.81
C LEU C 298 41.48 54.73 -18.82
N PRO C 299 41.14 53.87 -19.78
CA PRO C 299 39.86 53.24 -20.08
C PRO C 299 39.54 52.01 -19.23
N GLY C 300 40.37 51.72 -18.22
CA GLY C 300 40.15 50.58 -17.36
C GLY C 300 41.46 49.82 -17.20
N VAL C 301 42.45 50.51 -16.66
CA VAL C 301 43.76 49.91 -16.49
C VAL C 301 44.11 49.79 -15.02
N LEU C 302 44.40 48.56 -14.60
CA LEU C 302 44.76 48.29 -13.22
C LEU C 302 46.26 48.37 -13.00
N MET C 303 46.65 48.78 -11.80
CA MET C 303 48.05 48.84 -11.41
C MET C 303 48.09 48.27 -10.01
N VAL C 304 48.98 47.33 -9.80
CA VAL C 304 49.14 46.73 -8.48
C VAL C 304 50.60 46.94 -8.09
N GLU C 305 50.85 47.97 -7.28
CA GLU C 305 52.19 48.30 -6.82
C GLU C 305 52.72 47.25 -5.85
N ASN C 306 54.03 46.98 -5.93
CA ASN C 306 54.69 46.03 -5.05
C ASN C 306 54.15 44.60 -5.17
N TRP C 307 53.85 44.18 -6.40
CA TRP C 307 53.32 42.85 -6.64
C TRP C 307 53.91 42.26 -7.91
N PRO C 308 54.38 41.01 -7.87
CA PRO C 308 54.39 40.11 -6.71
C PRO C 308 55.52 40.32 -5.70
N GLU C 309 56.51 41.11 -6.07
CA GLU C 309 57.65 41.40 -5.20
C GLU C 309 58.08 42.84 -5.36
N GLU C 310 58.98 43.31 -4.49
CA GLU C 310 59.46 44.68 -4.54
C GLU C 310 60.07 45.01 -5.89
N HIS C 311 59.87 46.25 -6.34
CA HIS C 311 60.38 46.73 -7.61
C HIS C 311 59.66 46.13 -8.82
N VAL C 312 58.72 45.22 -8.56
CA VAL C 312 57.95 44.62 -9.64
C VAL C 312 56.53 45.13 -9.53
N VAL C 313 55.84 45.28 -10.65
CA VAL C 313 54.48 45.77 -10.65
C VAL C 313 53.63 44.99 -11.65
N GLN C 314 52.34 44.87 -11.36
CA GLN C 314 51.44 44.18 -12.28
C GLN C 314 50.43 45.16 -12.86
N TYR C 315 50.26 45.12 -14.17
CA TYR C 315 49.31 45.97 -14.85
C TYR C 315 48.34 45.05 -15.58
N GLU C 316 47.06 45.42 -15.60
CA GLU C 316 46.06 44.62 -16.29
C GLU C 316 45.16 45.52 -17.13
N TRP C 317 44.66 44.96 -18.22
CA TRP C 317 43.74 45.63 -19.11
C TRP C 317 42.63 44.63 -19.32
N TYR C 318 41.45 45.12 -19.67
CA TYR C 318 40.29 44.28 -19.92
C TYR C 318 39.72 44.94 -21.17
N VAL C 319 40.42 44.70 -22.27
CA VAL C 319 40.07 45.30 -23.57
C VAL C 319 38.83 44.70 -24.24
N PRO C 320 37.81 45.54 -24.44
CA PRO C 320 36.60 45.01 -25.08
C PRO C 320 36.87 44.66 -26.54
N ILE C 321 36.32 43.52 -26.96
CA ILE C 321 36.44 43.04 -28.33
C ILE C 321 35.05 43.27 -28.94
N THR C 322 34.03 42.69 -28.30
CA THR C 322 32.63 42.89 -28.68
C THR C 322 31.95 43.27 -27.35
N ASP C 323 30.63 43.22 -27.28
CA ASP C 323 29.98 43.56 -26.03
C ASP C 323 29.93 42.39 -25.05
N ASP C 324 30.39 41.20 -25.46
CA ASP C 324 30.40 40.08 -24.53
C ASP C 324 31.70 39.26 -24.52
N THR C 325 32.79 39.89 -24.98
CA THR C 325 34.11 39.26 -24.96
C THR C 325 35.14 40.35 -24.80
N HIS C 326 36.25 40.02 -24.15
CA HIS C 326 37.31 40.99 -23.94
C HIS C 326 38.66 40.29 -23.94
N GLU C 327 39.73 41.08 -24.09
CA GLU C 327 41.07 40.52 -24.08
C GLU C 327 41.69 40.94 -22.75
N TYR C 328 41.88 39.97 -21.87
CA TYR C 328 42.44 40.20 -20.54
C TYR C 328 43.96 40.14 -20.55
N TRP C 329 44.57 41.28 -20.30
CA TRP C 329 46.03 41.42 -20.27
C TRP C 329 46.56 41.38 -18.84
N GLU C 330 47.68 40.67 -18.66
CA GLU C 330 48.37 40.57 -17.37
C GLU C 330 49.87 40.72 -17.67
N ILE C 331 50.48 41.80 -17.20
CA ILE C 331 51.91 41.96 -17.43
C ILE C 331 52.58 42.34 -16.13
N LEU C 332 53.84 41.96 -16.02
CA LEU C 332 54.66 42.28 -14.86
C LEU C 332 55.79 43.12 -15.42
N VAL C 333 56.09 44.24 -14.76
CA VAL C 333 57.14 45.14 -15.22
C VAL C 333 58.22 45.34 -14.16
N ARG C 334 59.46 45.40 -14.63
CA ARG C 334 60.60 45.62 -13.75
C ARG C 334 61.73 46.27 -14.55
N VAL C 335 62.32 47.33 -14.00
CA VAL C 335 63.42 47.99 -14.71
C VAL C 335 64.66 47.14 -14.56
N CYS C 336 65.25 46.81 -15.70
CA CYS C 336 66.45 45.98 -15.74
C CYS C 336 67.57 46.76 -16.40
N PRO C 337 68.47 47.34 -15.60
CA PRO C 337 69.61 48.13 -16.08
C PRO C 337 70.60 47.36 -16.94
N THR C 338 70.97 46.19 -16.45
CA THR C 338 71.93 45.35 -17.16
C THR C 338 71.34 44.10 -17.77
N ASP C 339 72.17 43.44 -18.56
CA ASP C 339 71.80 42.22 -19.24
C ASP C 339 71.55 41.12 -18.20
N GLU C 340 72.30 41.17 -17.11
CA GLU C 340 72.17 40.20 -16.02
C GLU C 340 70.80 40.34 -15.38
N ASP C 341 70.37 41.58 -15.20
CA ASP C 341 69.08 41.87 -14.60
C ASP C 341 67.95 41.31 -15.46
N ARG C 342 68.05 41.48 -16.77
CA ARG C 342 67.03 40.97 -17.68
C ARG C 342 66.93 39.45 -17.60
N LYS C 343 68.07 38.77 -17.54
CA LYS C 343 68.10 37.32 -17.46
C LYS C 343 67.51 36.80 -16.16
N LYS C 344 67.72 37.58 -15.11
CA LYS C 344 67.23 37.24 -13.79
C LYS C 344 65.71 37.41 -13.73
N PHE C 345 65.22 38.47 -14.35
CA PHE C 345 63.79 38.76 -14.36
C PHE C 345 63.06 37.75 -15.25
N GLN C 346 63.66 37.44 -16.40
CA GLN C 346 63.08 36.48 -17.35
C GLN C 346 62.95 35.11 -16.69
N TYR C 347 64.03 34.70 -16.03
CA TYR C 347 64.09 33.40 -15.36
C TYR C 347 63.09 33.28 -14.21
N ARG C 348 62.97 34.32 -13.40
CA ARG C 348 62.05 34.26 -12.26
C ARG C 348 60.61 34.36 -12.76
N TYR C 349 60.42 35.00 -13.90
CA TYR C 349 59.08 35.11 -14.47
C TYR C 349 58.66 33.70 -14.92
N ASP C 350 59.52 33.05 -15.69
CA ASP C 350 59.26 31.71 -16.22
C ASP C 350 59.01 30.62 -15.20
N HIS C 351 59.70 30.67 -14.06
CA HIS C 351 59.55 29.63 -13.07
C HIS C 351 58.99 30.05 -11.72
N MET C 352 58.42 31.25 -11.65
CA MET C 352 57.87 31.73 -10.39
C MET C 352 56.63 32.58 -10.61
N TYR C 353 56.80 33.78 -11.19
CA TYR C 353 55.68 34.69 -11.42
C TYR C 353 54.61 34.16 -12.36
N LYS C 354 55.01 33.61 -13.50
CA LYS C 354 54.03 33.11 -14.44
C LYS C 354 53.18 31.96 -13.90
N PRO C 355 53.82 30.87 -13.45
CA PRO C 355 53.05 29.73 -12.92
C PRO C 355 52.29 29.97 -11.62
N LEU C 356 52.95 30.61 -10.64
CA LEU C 356 52.33 30.84 -9.34
C LEU C 356 51.46 32.07 -9.20
N CYS C 357 51.71 33.09 -10.02
CA CYS C 357 50.95 34.34 -9.90
C CYS C 357 50.00 34.65 -11.05
N LEU C 358 50.54 35.00 -12.21
CA LEU C 358 49.69 35.33 -13.35
C LEU C 358 48.71 34.18 -13.65
N HIS C 359 49.10 32.96 -13.30
CA HIS C 359 48.25 31.78 -13.50
C HIS C 359 47.70 31.28 -12.16
N GLY C 360 48.59 30.83 -11.29
CA GLY C 360 48.21 30.30 -9.99
C GLY C 360 47.29 31.16 -9.14
N PHE C 361 47.48 32.47 -9.19
CA PHE C 361 46.67 33.40 -8.41
C PHE C 361 45.48 33.94 -9.22
N ASN C 362 45.78 34.49 -10.40
CA ASN C 362 44.74 35.09 -11.21
C ASN C 362 43.79 34.20 -12.00
N ASP C 363 44.15 32.93 -12.21
CA ASP C 363 43.24 32.04 -12.93
C ASP C 363 41.89 31.94 -12.20
N SER C 364 41.94 32.01 -10.86
CA SER C 364 40.74 31.96 -10.03
C SER C 364 39.79 33.12 -10.34
N ASP C 365 40.36 34.27 -10.67
CA ASP C 365 39.55 35.44 -11.01
C ASP C 365 38.72 35.21 -12.27
N LEU C 366 39.23 34.37 -13.15
CA LEU C 366 38.55 34.05 -14.40
C LEU C 366 37.19 33.41 -14.15
N TYR C 367 37.15 32.40 -13.27
CA TYR C 367 35.90 31.73 -12.99
C TYR C 367 34.95 32.65 -12.25
N ALA C 368 35.49 33.59 -11.49
CA ALA C 368 34.68 34.53 -10.73
C ALA C 368 34.00 35.49 -11.70
N ARG C 369 34.75 35.97 -12.69
CA ARG C 369 34.22 36.89 -13.69
C ARG C 369 33.15 36.22 -14.53
N GLU C 370 33.44 35.04 -15.06
CA GLU C 370 32.46 34.34 -15.87
C GLU C 370 31.19 34.08 -15.08
N ALA C 371 31.33 33.71 -13.81
CA ALA C 371 30.18 33.42 -12.97
C ALA C 371 29.16 34.56 -12.84
N MET C 372 29.62 35.80 -13.03
CA MET C 372 28.77 36.99 -12.90
C MET C 372 28.04 37.44 -14.16
N GLN C 373 28.63 37.14 -15.31
CA GLN C 373 28.10 37.57 -16.60
C GLN C 373 26.60 37.37 -16.89
N ASN C 374 26.04 36.21 -16.57
CA ASN C 374 24.62 36.00 -16.85
C ASN C 374 23.67 36.97 -16.18
N PHE C 375 24.06 37.47 -15.00
CA PHE C 375 23.23 38.40 -14.25
C PHE C 375 23.20 39.76 -14.94
N TYR C 376 24.28 40.09 -15.62
CA TYR C 376 24.42 41.38 -16.26
C TYR C 376 24.14 41.55 -17.74
N TYR C 377 24.41 40.54 -18.56
CA TYR C 377 24.24 40.74 -19.98
C TYR C 377 22.92 41.29 -20.47
N ASP C 378 21.79 40.71 -20.04
CA ASP C 378 20.52 41.22 -20.53
C ASP C 378 20.12 42.53 -19.84
N GLY C 379 20.99 43.04 -18.98
CA GLY C 379 20.73 44.31 -18.31
C GLY C 379 20.22 44.23 -16.87
N THR C 380 19.77 43.04 -16.47
CA THR C 380 19.23 42.82 -15.13
C THR C 380 20.13 43.27 -13.99
N GLY C 381 21.35 42.74 -13.94
CA GLY C 381 22.29 43.08 -12.89
C GLY C 381 22.65 44.54 -12.71
N TRP C 382 22.69 45.29 -13.81
CA TRP C 382 23.03 46.71 -13.73
C TRP C 382 22.00 47.53 -12.95
N ASP C 383 20.84 46.92 -12.72
CA ASP C 383 19.76 47.57 -12.00
C ASP C 383 19.48 46.86 -10.67
N ASP C 384 19.47 45.53 -10.72
CA ASP C 384 19.14 44.71 -9.56
C ASP C 384 20.26 44.29 -8.62
N GLU C 385 21.51 44.51 -9.01
CA GLU C 385 22.61 44.14 -8.13
C GLU C 385 22.38 44.90 -6.82
N GLN C 386 22.80 44.32 -5.70
CA GLN C 386 22.62 45.01 -4.44
C GLN C 386 23.98 45.26 -3.81
N LEU C 387 24.58 46.39 -4.19
CA LEU C 387 25.89 46.76 -3.71
C LEU C 387 25.89 47.18 -2.25
N VAL C 388 27.05 47.10 -1.62
CA VAL C 388 27.18 47.44 -0.20
C VAL C 388 28.32 48.41 0.08
N ALA C 389 28.62 48.60 1.35
CA ALA C 389 29.67 49.52 1.78
C ALA C 389 31.00 49.36 1.05
N THR C 390 31.47 48.13 0.91
CA THR C 390 32.75 47.89 0.23
C THR C 390 32.69 48.26 -1.25
N ASP C 391 31.48 48.30 -1.81
CA ASP C 391 31.32 48.61 -3.22
C ASP C 391 31.55 50.07 -3.55
N ILE C 392 32.07 50.82 -2.59
CA ILE C 392 32.37 52.23 -2.80
C ILE C 392 33.44 52.32 -3.90
N SER C 393 34.27 51.28 -4.00
CA SER C 393 35.35 51.22 -5.00
C SER C 393 34.79 51.16 -6.41
N PRO C 394 34.08 50.06 -6.74
CA PRO C 394 33.54 50.02 -8.10
C PRO C 394 32.60 51.19 -8.42
N ILE C 395 31.80 51.61 -7.44
CA ILE C 395 30.88 52.71 -7.68
C ILE C 395 31.63 53.99 -8.05
N THR C 396 32.70 54.29 -7.31
CA THR C 396 33.50 55.48 -7.57
C THR C 396 34.10 55.40 -8.96
N TRP C 397 34.50 54.21 -9.37
CA TRP C 397 35.09 53.97 -10.68
C TRP C 397 34.05 54.21 -11.79
N ARG C 398 32.86 53.66 -11.61
CA ARG C 398 31.81 53.83 -12.61
C ARG C 398 31.49 55.30 -12.80
N LYS C 399 31.43 56.05 -11.71
CA LYS C 399 31.12 57.47 -11.80
C LYS C 399 32.18 58.25 -12.56
N LEU C 400 33.45 58.09 -12.16
CA LEU C 400 34.52 58.81 -12.85
C LEU C 400 34.65 58.36 -14.31
N ALA C 401 34.38 57.10 -14.58
CA ALA C 401 34.47 56.60 -15.95
C ALA C 401 33.37 57.23 -16.80
N SER C 402 32.20 57.41 -16.20
CA SER C 402 31.06 58.00 -16.89
C SER C 402 31.34 59.46 -17.21
N ARG C 403 32.01 60.14 -16.28
CA ARG C 403 32.32 61.54 -16.46
C ARG C 403 33.48 61.87 -17.38
N TRP C 404 34.51 61.01 -17.41
CA TRP C 404 35.68 61.30 -18.23
C TRP C 404 36.03 60.47 -19.47
N ASN C 405 35.20 59.49 -19.82
CA ASN C 405 35.50 58.70 -21.00
C ASN C 405 35.44 59.60 -22.23
N ARG C 406 36.20 59.28 -23.27
CA ARG C 406 36.22 60.10 -24.47
C ARG C 406 35.21 59.69 -25.53
N GLY C 407 34.32 58.76 -25.17
CA GLY C 407 33.32 58.30 -26.10
C GLY C 407 32.82 56.90 -25.80
N ILE C 408 31.59 56.64 -26.20
CA ILE C 408 30.97 55.33 -25.97
C ILE C 408 30.88 54.63 -27.31
N ALA C 409 31.59 53.51 -27.45
CA ALA C 409 31.60 52.76 -28.69
C ALA C 409 30.21 52.32 -29.13
N LYS C 410 29.95 52.43 -30.43
CA LYS C 410 28.67 52.02 -31.00
C LYS C 410 28.78 50.54 -31.33
N PRO C 411 27.64 49.81 -31.31
CA PRO C 411 27.66 48.39 -31.62
C PRO C 411 28.26 48.16 -33.02
N GLY C 412 28.94 47.03 -33.22
CA GLY C 412 29.52 46.76 -34.51
C GLY C 412 28.44 46.60 -35.57
N ARG C 413 28.75 46.98 -36.81
CA ARG C 413 27.79 46.85 -37.89
C ARG C 413 28.58 46.42 -39.13
N GLY C 414 28.19 45.32 -39.73
CA GLY C 414 28.88 44.85 -40.92
C GLY C 414 30.29 44.37 -40.65
N VAL C 415 30.52 43.91 -39.43
CA VAL C 415 31.82 43.40 -39.00
C VAL C 415 31.60 42.18 -38.10
N ALA C 416 32.67 41.48 -37.78
CA ALA C 416 32.55 40.31 -36.92
C ALA C 416 31.96 40.76 -35.59
N GLY C 417 31.08 39.95 -35.01
CA GLY C 417 30.47 40.30 -33.75
C GLY C 417 29.24 41.16 -33.84
N ALA C 418 28.94 41.71 -35.01
CA ALA C 418 27.74 42.53 -35.14
C ALA C 418 26.51 41.64 -34.90
N VAL C 419 26.60 40.40 -35.34
CA VAL C 419 25.51 39.46 -35.19
C VAL C 419 26.17 38.26 -34.52
N LYS C 420 25.56 37.73 -33.47
CA LYS C 420 26.16 36.63 -32.72
C LYS C 420 25.86 35.19 -33.10
N ASP C 421 24.84 34.95 -33.91
CA ASP C 421 24.47 33.58 -34.25
C ASP C 421 24.52 33.26 -35.75
N THR C 422 25.57 33.73 -36.43
CA THR C 422 25.74 33.47 -37.86
C THR C 422 26.12 32.02 -38.09
N SER C 423 25.94 31.52 -39.31
CA SER C 423 26.32 30.14 -39.63
C SER C 423 27.83 29.99 -39.58
N LEU C 424 28.55 31.08 -39.82
CA LEU C 424 30.01 31.07 -39.78
C LEU C 424 30.48 30.83 -38.34
N ILE C 425 29.79 31.43 -37.38
CA ILE C 425 30.13 31.25 -35.98
C ILE C 425 29.75 29.83 -35.54
N PHE C 426 28.64 29.29 -36.05
CA PHE C 426 28.29 27.92 -35.69
C PHE C 426 29.26 26.94 -36.32
N LYS C 427 29.72 27.24 -37.54
CA LYS C 427 30.69 26.38 -38.21
C LYS C 427 31.97 26.31 -37.38
N GLN C 428 32.48 27.47 -36.97
CA GLN C 428 33.69 27.54 -36.17
C GLN C 428 33.53 26.83 -34.83
N THR C 429 32.37 27.00 -34.20
CA THR C 429 32.07 26.39 -32.91
C THR C 429 32.00 24.87 -33.05
N ALA C 430 31.38 24.40 -34.14
CA ALA C 430 31.28 22.96 -34.37
C ALA C 430 32.69 22.39 -34.52
N ASP C 431 33.60 23.21 -35.07
CA ASP C 431 34.98 22.79 -35.28
C ASP C 431 35.80 22.90 -33.99
N GLY C 432 35.16 23.30 -32.90
CA GLY C 432 35.84 23.42 -31.62
C GLY C 432 36.54 24.73 -31.32
N LYS C 433 36.34 25.73 -32.16
CA LYS C 433 36.96 27.03 -31.95
C LYS C 433 36.14 27.96 -31.10
N ARG C 434 36.73 28.42 -30.00
CA ARG C 434 36.06 29.35 -29.08
C ARG C 434 36.10 30.77 -29.62
N PRO C 435 35.27 31.67 -29.07
CA PRO C 435 35.31 33.05 -29.56
C PRO C 435 36.76 33.51 -29.34
N GLY C 436 37.31 34.33 -30.23
CA GLY C 436 38.70 34.73 -30.08
C GLY C 436 39.02 36.22 -30.19
N TYR C 437 40.28 36.49 -30.53
CA TYR C 437 40.77 37.86 -30.64
C TYR C 437 41.61 38.07 -31.89
N LYS C 438 42.68 37.29 -32.02
CA LYS C 438 43.53 37.39 -33.18
C LYS C 438 42.83 36.73 -34.36
N VAL C 439 42.79 37.43 -35.48
CA VAL C 439 42.14 36.90 -36.66
C VAL C 439 42.96 35.78 -37.29
N GLU C 440 42.31 34.66 -37.50
CA GLU C 440 42.93 33.48 -38.09
C GLU C 440 43.25 33.78 -39.55
N GLN C 441 44.46 33.46 -39.97
CA GLN C 441 44.84 33.71 -41.36
C GLN C 441 44.73 32.46 -42.18
N ILE C 442 44.69 32.60 -43.49
CA ILE C 442 44.53 31.40 -44.29
C ILE C 442 45.71 30.50 -44.40
N ILE D 16 -17.12 -1.97 15.69
CA ILE D 16 -17.82 -2.30 14.42
C ILE D 16 -17.69 -1.17 13.42
N SER D 17 -16.89 -1.43 12.39
CA SER D 17 -16.61 -0.47 11.32
C SER D 17 -17.70 -0.36 10.25
N ASP D 18 -17.88 0.85 9.74
CA ASP D 18 -18.88 1.09 8.69
C ASP D 18 -18.36 0.58 7.36
N ALA D 19 -17.12 0.11 7.35
CA ALA D 19 -16.50 -0.41 6.15
C ALA D 19 -16.81 -1.88 5.90
N ARG D 20 -17.46 -2.53 6.86
CA ARG D 20 -17.79 -3.96 6.72
C ARG D 20 -18.83 -4.16 5.61
N ALA D 21 -18.76 -5.32 4.97
CA ALA D 21 -19.67 -5.66 3.87
C ALA D 21 -21.09 -5.95 4.31
N ASN D 22 -21.27 -6.41 5.55
CA ASN D 22 -22.62 -6.74 6.03
C ASN D 22 -23.30 -5.57 6.74
N ASN D 23 -23.60 -4.52 5.98
CA ASN D 23 -24.28 -3.35 6.52
C ASN D 23 -25.75 -3.69 6.84
N ALA D 24 -26.46 -2.77 7.48
CA ALA D 24 -27.86 -3.00 7.86
C ALA D 24 -28.75 -3.44 6.71
N LYS D 25 -28.62 -2.76 5.59
CA LYS D 25 -29.43 -3.09 4.44
C LYS D 25 -29.21 -4.55 4.05
N THR D 26 -27.94 -4.93 3.93
CA THR D 26 -27.57 -6.30 3.56
C THR D 26 -28.08 -7.33 4.57
N GLN D 27 -27.93 -7.07 5.86
CA GLN D 27 -28.37 -8.03 6.86
C GLN D 27 -29.87 -8.24 6.86
N SER D 28 -30.62 -7.19 6.52
CA SER D 28 -32.07 -7.30 6.48
C SER D 28 -32.50 -8.21 5.35
N GLN D 29 -31.58 -8.47 4.42
CA GLN D 29 -31.89 -9.33 3.29
C GLN D 29 -31.72 -10.82 3.60
N TYR D 30 -31.20 -11.14 4.77
CA TYR D 30 -31.08 -12.54 5.14
C TYR D 30 -31.52 -12.81 6.58
N GLN D 31 -32.65 -12.20 6.94
CA GLN D 31 -33.20 -12.36 8.28
C GLN D 31 -33.74 -13.78 8.45
N PRO D 32 -34.40 -14.32 7.41
CA PRO D 32 -34.92 -15.69 7.56
C PRO D 32 -33.77 -16.65 7.90
N TYR D 33 -32.63 -16.48 7.25
CA TYR D 33 -31.46 -17.32 7.48
C TYR D 33 -31.01 -17.19 8.92
N LYS D 34 -31.09 -15.97 9.46
CA LYS D 34 -30.72 -15.76 10.86
C LYS D 34 -31.68 -16.50 11.78
N ASP D 35 -32.92 -16.66 11.33
CA ASP D 35 -33.96 -17.34 12.11
C ASP D 35 -33.99 -18.85 11.95
N ALA D 36 -33.17 -19.39 11.04
CA ALA D 36 -33.18 -20.83 10.79
C ALA D 36 -32.15 -21.67 11.54
N ALA D 37 -31.98 -21.41 12.84
CA ALA D 37 -31.02 -22.15 13.65
C ALA D 37 -31.31 -23.66 13.62
N TRP D 38 -32.60 -24.02 13.69
CA TRP D 38 -33.00 -25.43 13.68
C TRP D 38 -33.02 -26.04 12.29
N GLY D 39 -32.80 -25.21 11.28
CA GLY D 39 -32.77 -25.72 9.92
C GLY D 39 -33.94 -25.33 9.05
N PHE D 40 -33.79 -25.59 7.75
CA PHE D 40 -34.84 -25.33 6.79
C PHE D 40 -35.58 -26.65 6.65
N ILE D 41 -36.87 -26.63 6.96
CA ILE D 41 -37.68 -27.84 6.89
C ILE D 41 -38.42 -27.92 5.55
N ASN D 42 -38.92 -29.11 5.23
CA ASN D 42 -39.61 -29.36 3.95
C ASN D 42 -38.53 -29.45 2.85
N HIS D 43 -37.45 -30.16 3.16
CA HIS D 43 -36.34 -30.34 2.23
C HIS D 43 -35.80 -31.77 2.32
N TRP D 44 -35.11 -32.20 1.25
CA TRP D 44 -34.50 -33.53 1.21
C TRP D 44 -33.13 -33.50 1.86
N TYR D 45 -32.88 -34.48 2.74
CA TYR D 45 -31.59 -34.57 3.42
C TYR D 45 -31.12 -36.01 3.41
N PRO D 46 -29.80 -36.23 3.41
CA PRO D 46 -29.31 -37.61 3.43
C PRO D 46 -29.57 -38.08 4.87
N ALA D 47 -30.09 -39.29 5.01
CA ALA D 47 -30.43 -39.82 6.32
C ALA D 47 -29.43 -40.87 6.79
N LEU D 48 -29.19 -41.86 5.95
CA LEU D 48 -28.27 -42.96 6.26
C LEU D 48 -27.70 -43.50 4.96
N PHE D 49 -26.57 -44.20 5.06
CA PHE D 49 -25.98 -44.85 3.89
C PHE D 49 -26.75 -46.16 3.80
N THR D 50 -26.95 -46.66 2.58
CA THR D 50 -27.67 -47.92 2.40
C THR D 50 -27.15 -49.01 3.34
N HIS D 51 -25.84 -49.12 3.47
CA HIS D 51 -25.23 -50.15 4.33
C HIS D 51 -25.55 -49.98 5.81
N GLU D 52 -26.16 -48.86 6.17
CA GLU D 52 -26.53 -48.62 7.56
C GLU D 52 -27.93 -49.14 7.87
N LEU D 53 -28.61 -49.65 6.85
CA LEU D 53 -29.97 -50.16 7.03
C LEU D 53 -30.20 -51.35 6.11
N GLU D 54 -30.05 -52.55 6.67
CA GLU D 54 -30.24 -53.78 5.92
C GLU D 54 -31.69 -54.22 6.06
N GLU D 55 -32.04 -55.32 5.39
CA GLU D 55 -33.40 -55.84 5.45
C GLU D 55 -33.87 -56.08 6.87
N ASP D 56 -35.03 -55.53 7.21
CA ASP D 56 -35.61 -55.70 8.55
C ASP D 56 -34.91 -54.92 9.65
N GLN D 57 -33.95 -54.08 9.27
CA GLN D 57 -33.26 -53.29 10.28
C GLN D 57 -34.04 -51.99 10.49
N VAL D 58 -34.06 -51.53 11.74
CA VAL D 58 -34.75 -50.31 12.13
C VAL D 58 -33.72 -49.38 12.75
N GLN D 59 -33.79 -48.10 12.41
CA GLN D 59 -32.82 -47.13 12.93
C GLN D 59 -33.45 -45.76 13.19
N GLY D 60 -33.14 -45.16 14.33
CA GLY D 60 -33.67 -43.85 14.65
C GLY D 60 -32.64 -42.75 14.47
N ILE D 61 -33.07 -41.62 13.92
CA ILE D 61 -32.20 -40.47 13.70
C ILE D 61 -32.95 -39.20 14.06
N GLN D 62 -32.35 -38.04 13.79
CA GLN D 62 -33.01 -36.76 14.06
C GLN D 62 -32.49 -35.69 13.10
N ILE D 63 -33.41 -35.03 12.41
CA ILE D 63 -33.05 -33.99 11.44
C ILE D 63 -33.98 -32.78 11.61
N CYS D 64 -33.41 -31.58 11.68
CA CYS D 64 -34.20 -30.36 11.88
C CYS D 64 -35.05 -30.47 13.15
N GLY D 65 -34.52 -31.15 14.15
CA GLY D 65 -35.24 -31.33 15.40
C GLY D 65 -36.32 -32.39 15.36
N VAL D 66 -36.51 -33.01 14.20
CA VAL D 66 -37.54 -34.03 14.03
C VAL D 66 -37.00 -35.44 14.24
N PRO D 67 -37.64 -36.21 15.14
CA PRO D 67 -37.22 -37.59 15.43
C PRO D 67 -37.74 -38.48 14.30
N ILE D 68 -36.85 -39.20 13.62
CA ILE D 68 -37.27 -40.05 12.52
C ILE D 68 -36.78 -41.48 12.67
N VAL D 69 -37.66 -42.43 12.38
CA VAL D 69 -37.31 -43.84 12.46
C VAL D 69 -37.46 -44.45 11.07
N LEU D 70 -36.47 -45.21 10.63
CA LEU D 70 -36.52 -45.85 9.31
C LEU D 70 -36.47 -47.36 9.41
N ARG D 71 -37.09 -48.03 8.44
CA ARG D 71 -37.10 -49.49 8.40
C ARG D 71 -37.12 -49.97 6.96
N ARG D 72 -36.33 -51.00 6.67
CA ARG D 72 -36.31 -51.55 5.33
C ARG D 72 -37.13 -52.83 5.34
N VAL D 73 -38.12 -52.91 4.46
CA VAL D 73 -38.96 -54.10 4.36
C VAL D 73 -39.09 -54.47 2.88
N ASN D 74 -38.74 -55.71 2.55
CA ASN D 74 -38.79 -56.18 1.17
C ASN D 74 -37.94 -55.26 0.29
N GLY D 75 -36.80 -54.85 0.83
CA GLY D 75 -35.89 -53.99 0.10
C GLY D 75 -36.25 -52.51 0.10
N LYS D 76 -37.48 -52.17 0.44
CA LYS D 76 -37.92 -50.78 0.46
C LYS D 76 -37.83 -50.13 1.84
N VAL D 77 -37.29 -48.92 1.88
CA VAL D 77 -37.13 -48.18 3.13
C VAL D 77 -38.30 -47.22 3.40
N PHE D 78 -38.81 -47.24 4.62
CA PHE D 78 -39.90 -46.36 5.02
C PHE D 78 -39.42 -45.50 6.20
N ALA D 79 -39.93 -44.28 6.28
CA ALA D 79 -39.55 -43.37 7.37
C ALA D 79 -40.81 -42.77 8.00
N LEU D 80 -40.85 -42.78 9.33
CA LEU D 80 -41.97 -42.22 10.08
C LEU D 80 -41.41 -41.41 11.24
N LYS D 81 -42.26 -40.65 11.93
CA LYS D 81 -41.78 -39.87 13.05
C LYS D 81 -41.49 -40.82 14.21
N ASP D 82 -40.28 -40.73 14.75
CA ASP D 82 -39.86 -41.59 15.86
C ASP D 82 -40.42 -41.08 17.18
N GLN D 83 -41.74 -41.12 17.30
CA GLN D 83 -42.42 -40.67 18.52
C GLN D 83 -43.78 -41.31 18.61
N CYS D 84 -43.97 -42.18 19.59
CA CYS D 84 -45.27 -42.82 19.76
C CYS D 84 -46.24 -41.74 20.19
N LEU D 85 -47.45 -41.72 19.61
CA LEU D 85 -48.38 -40.67 19.99
C LEU D 85 -49.06 -40.95 21.33
N HIS D 86 -48.86 -42.16 21.87
CA HIS D 86 -49.47 -42.49 23.17
C HIS D 86 -48.77 -41.71 24.28
N ARG D 87 -47.52 -42.06 24.56
CA ARG D 87 -46.76 -41.36 25.60
C ARG D 87 -45.36 -40.91 25.19
N GLY D 88 -45.19 -40.63 23.89
CA GLY D 88 -43.95 -40.10 23.35
C GLY D 88 -42.66 -40.88 23.35
N VAL D 89 -42.73 -42.20 23.47
CA VAL D 89 -41.54 -43.05 23.47
C VAL D 89 -40.96 -43.11 22.05
N ARG D 90 -39.65 -43.25 21.94
CA ARG D 90 -39.02 -43.36 20.63
C ARG D 90 -39.14 -44.81 20.17
N LEU D 91 -39.85 -45.03 19.06
CA LEU D 91 -40.06 -46.38 18.55
C LEU D 91 -38.77 -47.11 18.20
N SER D 92 -37.74 -46.36 17.81
CA SER D 92 -36.47 -46.96 17.42
C SER D 92 -35.58 -47.47 18.56
N GLU D 93 -35.88 -47.11 19.79
CA GLU D 93 -35.06 -47.57 20.90
C GLU D 93 -35.10 -49.07 21.09
N LYS D 94 -36.21 -49.70 20.71
CA LYS D 94 -36.34 -51.14 20.82
C LYS D 94 -37.19 -51.63 19.66
N PRO D 95 -36.59 -51.75 18.47
CA PRO D 95 -37.28 -52.20 17.25
C PRO D 95 -38.22 -53.39 17.45
N THR D 96 -39.51 -53.12 17.29
CA THR D 96 -40.56 -54.13 17.45
C THR D 96 -41.56 -54.07 16.30
N CYS D 97 -41.50 -55.05 15.40
CA CYS D 97 -42.42 -55.11 14.28
C CYS D 97 -43.05 -56.50 14.20
N PHE D 98 -44.36 -56.55 13.98
CA PHE D 98 -45.06 -57.83 13.92
C PHE D 98 -45.43 -58.23 12.50
N THR D 99 -45.50 -57.25 11.61
CA THR D 99 -45.82 -57.52 10.21
C THR D 99 -44.89 -56.74 9.28
N LYS D 100 -44.93 -57.09 7.99
CA LYS D 100 -44.09 -56.46 6.98
C LYS D 100 -44.52 -55.03 6.65
N SER D 101 -45.72 -54.64 7.07
CA SER D 101 -46.23 -53.31 6.76
C SER D 101 -46.38 -52.39 7.96
N THR D 102 -45.92 -52.84 9.12
CA THR D 102 -46.07 -52.03 10.32
C THR D 102 -44.83 -51.96 11.20
N ILE D 103 -44.93 -51.12 12.23
CA ILE D 103 -43.88 -50.93 13.21
C ILE D 103 -44.64 -50.58 14.49
N SER D 104 -44.29 -51.22 15.60
CA SER D 104 -45.00 -50.97 16.86
C SER D 104 -44.17 -50.35 17.96
N CYS D 105 -44.84 -49.66 18.88
CA CYS D 105 -44.16 -49.06 20.01
C CYS D 105 -43.90 -50.24 20.95
N TRP D 106 -42.68 -50.30 21.49
CA TRP D 106 -42.29 -51.38 22.38
C TRP D 106 -42.83 -51.25 23.80
N TYR D 107 -43.60 -50.22 24.08
CA TYR D 107 -44.14 -50.06 25.42
C TYR D 107 -45.51 -50.71 25.56
N HIS D 108 -46.53 -50.12 24.94
CA HIS D 108 -47.89 -50.65 25.01
C HIS D 108 -48.40 -51.23 23.68
N GLY D 109 -47.58 -51.15 22.65
CA GLY D 109 -47.99 -51.70 21.37
C GLY D 109 -48.76 -50.86 20.37
N PHE D 110 -48.81 -49.54 20.52
CA PHE D 110 -49.50 -48.72 19.52
C PHE D 110 -48.79 -49.13 18.23
N THR D 111 -49.56 -49.45 17.20
CA THR D 111 -48.98 -49.90 15.95
C THR D 111 -49.28 -49.00 14.77
N PHE D 112 -48.27 -48.69 13.97
CA PHE D 112 -48.48 -47.79 12.84
C PHE D 112 -48.12 -48.38 11.49
N ASP D 113 -48.90 -48.00 10.48
CA ASP D 113 -48.69 -48.45 9.12
C ASP D 113 -47.47 -47.72 8.56
N LEU D 114 -46.54 -48.46 7.96
CA LEU D 114 -45.33 -47.85 7.41
C LEU D 114 -45.58 -46.89 6.26
N GLU D 115 -46.53 -47.25 5.39
CA GLU D 115 -46.89 -46.45 4.22
C GLU D 115 -47.63 -45.14 4.51
N THR D 116 -48.58 -45.17 5.43
CA THR D 116 -49.38 -43.99 5.75
C THR D 116 -49.20 -43.46 7.16
N GLY D 117 -48.62 -44.25 8.05
CA GLY D 117 -48.42 -43.82 9.41
C GLY D 117 -49.66 -43.89 10.28
N LYS D 118 -50.77 -44.37 9.71
CA LYS D 118 -52.01 -44.46 10.49
C LYS D 118 -51.90 -45.46 11.63
N LEU D 119 -52.57 -45.15 12.73
CA LEU D 119 -52.58 -46.04 13.89
C LEU D 119 -53.52 -47.17 13.47
N VAL D 120 -52.95 -48.34 13.15
CA VAL D 120 -53.77 -49.45 12.71
C VAL D 120 -54.36 -50.32 13.81
N THR D 121 -53.75 -50.26 14.99
CA THR D 121 -54.21 -51.04 16.14
C THR D 121 -53.33 -50.79 17.35
N ILE D 122 -53.69 -51.42 18.46
CA ILE D 122 -52.95 -51.33 19.71
C ILE D 122 -52.92 -52.74 20.26
N VAL D 123 -51.73 -53.36 20.28
CA VAL D 123 -51.57 -54.72 20.76
C VAL D 123 -52.36 -55.00 22.04
N ALA D 124 -52.28 -54.10 23.02
CA ALA D 124 -52.97 -54.31 24.28
C ALA D 124 -54.42 -53.82 24.33
N ASN D 125 -54.97 -53.38 23.20
CA ASN D 125 -56.34 -52.87 23.18
C ASN D 125 -56.77 -52.73 21.72
N PRO D 126 -57.00 -53.86 21.03
CA PRO D 126 -57.41 -53.89 19.62
C PRO D 126 -58.75 -53.23 19.25
N GLU D 127 -59.57 -52.89 20.23
CA GLU D 127 -60.84 -52.25 19.91
C GLU D 127 -61.02 -50.84 20.46
N ASP D 128 -59.92 -50.19 20.84
CA ASP D 128 -60.03 -48.83 21.38
C ASP D 128 -60.49 -47.89 20.29
N LYS D 129 -61.32 -46.92 20.65
CA LYS D 129 -61.84 -45.97 19.68
C LYS D 129 -60.80 -45.04 19.09
N LEU D 130 -59.61 -44.99 19.69
CA LEU D 130 -58.56 -44.11 19.16
C LEU D 130 -58.02 -44.69 17.85
N ILE D 131 -58.05 -46.01 17.73
CA ILE D 131 -57.53 -46.67 16.53
C ILE D 131 -58.13 -46.14 15.21
N GLY D 132 -57.25 -45.77 14.28
CA GLY D 132 -57.70 -45.28 12.99
C GLY D 132 -58.08 -43.82 12.93
N THR D 133 -58.19 -43.15 14.08
CA THR D 133 -58.56 -41.74 14.12
C THR D 133 -57.36 -40.80 14.03
N THR D 134 -56.16 -41.37 13.99
CA THR D 134 -54.94 -40.57 13.92
C THR D 134 -53.75 -41.45 13.52
N GLY D 135 -52.55 -40.89 13.62
CA GLY D 135 -51.34 -41.63 13.26
C GLY D 135 -50.12 -40.73 13.36
N VAL D 136 -48.98 -41.22 12.88
CA VAL D 136 -47.76 -40.42 12.93
C VAL D 136 -47.37 -39.95 11.54
N THR D 137 -46.60 -38.86 11.51
CA THR D 137 -46.15 -38.30 10.23
C THR D 137 -45.27 -39.28 9.46
N THR D 138 -45.40 -39.26 8.14
CA THR D 138 -44.58 -40.10 7.28
C THR D 138 -43.63 -39.17 6.52
N TYR D 139 -42.45 -39.66 6.20
CA TYR D 139 -41.48 -38.87 5.46
C TYR D 139 -41.09 -39.60 4.18
N PRO D 140 -41.31 -38.96 3.01
CA PRO D 140 -40.95 -39.59 1.74
C PRO D 140 -39.48 -39.97 1.68
N VAL D 141 -39.21 -41.17 1.17
CA VAL D 141 -37.84 -41.68 1.05
C VAL D 141 -37.44 -41.89 -0.41
N HIS D 142 -36.18 -41.58 -0.71
CA HIS D 142 -35.67 -41.76 -2.06
C HIS D 142 -34.27 -42.38 -1.89
N GLU D 143 -34.16 -43.68 -2.14
CA GLU D 143 -32.87 -44.34 -2.02
C GLU D 143 -32.24 -44.48 -3.40
N VAL D 144 -30.96 -44.14 -3.49
CA VAL D 144 -30.26 -44.20 -4.77
C VAL D 144 -28.74 -44.33 -4.59
N ASN D 145 -28.15 -45.24 -5.37
CA ASN D 145 -26.72 -45.50 -5.37
C ASN D 145 -26.03 -45.47 -4.01
N GLY D 146 -26.53 -46.26 -3.07
CA GLY D 146 -25.95 -46.37 -1.74
C GLY D 146 -26.35 -45.28 -0.76
N MET D 147 -27.27 -44.42 -1.17
CA MET D 147 -27.68 -43.32 -0.33
C MET D 147 -29.18 -43.26 -0.07
N ILE D 148 -29.55 -43.09 1.21
CA ILE D 148 -30.96 -43.00 1.59
C ILE D 148 -31.34 -41.57 1.95
N PHE D 149 -32.08 -40.90 1.06
CA PHE D 149 -32.51 -39.53 1.32
C PHE D 149 -33.92 -39.53 1.87
N VAL D 150 -34.21 -38.57 2.74
CA VAL D 150 -35.53 -38.44 3.34
C VAL D 150 -35.98 -37.00 3.21
N PHE D 151 -37.27 -36.82 2.93
CA PHE D 151 -37.84 -35.49 2.81
C PHE D 151 -38.40 -35.12 4.18
N VAL D 152 -37.61 -34.40 4.96
CA VAL D 152 -38.02 -33.98 6.29
C VAL D 152 -38.99 -32.81 6.11
N ARG D 153 -40.23 -33.01 6.55
CA ARG D 153 -41.27 -31.99 6.38
C ARG D 153 -42.07 -31.75 7.64
N GLU D 154 -42.81 -30.64 7.65
CA GLU D 154 -43.67 -30.32 8.77
C GLU D 154 -44.84 -31.28 8.70
N ASP D 155 -45.51 -31.49 9.82
CA ASP D 155 -46.64 -32.41 9.90
C ASP D 155 -47.73 -32.14 8.88
N ASP D 156 -47.94 -30.86 8.57
CA ASP D 156 -49.01 -30.48 7.65
C ASP D 156 -48.62 -30.25 6.20
N PHE D 157 -47.39 -30.55 5.82
CA PHE D 157 -46.96 -30.36 4.43
C PHE D 157 -47.59 -31.44 3.55
N PRO D 158 -48.46 -31.04 2.60
CA PRO D 158 -49.16 -31.97 1.70
C PRO D 158 -48.28 -32.93 0.91
N ASP D 159 -48.75 -34.16 0.72
CA ASP D 159 -48.03 -35.16 -0.05
C ASP D 159 -47.82 -34.70 -1.48
N GLU D 160 -48.84 -34.09 -2.06
CA GLU D 160 -48.79 -33.63 -3.44
C GLU D 160 -47.78 -32.51 -3.70
N ASP D 161 -47.34 -31.84 -2.63
CA ASP D 161 -46.39 -30.75 -2.76
C ASP D 161 -44.93 -31.18 -2.69
N VAL D 162 -44.68 -32.46 -2.36
CA VAL D 162 -43.32 -32.97 -2.25
C VAL D 162 -42.62 -32.92 -3.61
N PRO D 163 -41.53 -32.15 -3.69
CA PRO D 163 -40.75 -32.00 -4.92
C PRO D 163 -39.76 -33.14 -5.19
N PRO D 164 -39.23 -33.22 -6.41
CA PRO D 164 -38.27 -34.26 -6.78
C PRO D 164 -37.00 -34.06 -5.99
N LEU D 165 -36.34 -35.17 -5.66
CA LEU D 165 -35.08 -35.12 -4.92
C LEU D 165 -34.08 -34.21 -5.63
N ALA D 166 -34.09 -34.29 -6.97
CA ALA D 166 -33.19 -33.50 -7.79
C ALA D 166 -33.20 -32.01 -7.47
N HIS D 167 -34.35 -31.49 -7.08
CA HIS D 167 -34.45 -30.07 -6.75
C HIS D 167 -33.64 -29.70 -5.52
N ASP D 168 -33.25 -30.70 -4.75
CA ASP D 168 -32.46 -30.47 -3.54
C ASP D 168 -31.05 -31.07 -3.62
N LEU D 169 -30.60 -31.32 -4.84
CA LEU D 169 -29.27 -31.84 -5.10
C LEU D 169 -28.54 -30.86 -6.00
N PRO D 170 -27.20 -30.91 -6.02
CA PRO D 170 -26.42 -30.00 -6.86
C PRO D 170 -26.73 -30.07 -8.36
N PHE D 171 -26.42 -28.97 -9.07
CA PHE D 171 -26.64 -28.90 -10.52
C PHE D 171 -25.90 -30.08 -11.17
N ARG D 172 -26.51 -30.66 -12.19
CA ARG D 172 -25.95 -31.82 -12.87
C ARG D 172 -25.24 -31.54 -14.19
N PHE D 173 -24.19 -32.31 -14.46
CA PHE D 173 -23.43 -32.19 -15.71
C PHE D 173 -23.43 -33.57 -16.36
N PRO D 174 -23.35 -33.63 -17.70
CA PRO D 174 -23.30 -32.52 -18.66
C PRO D 174 -24.58 -31.74 -18.90
N GLU D 175 -25.68 -32.18 -18.29
CA GLU D 175 -26.95 -31.50 -18.47
C GLU D 175 -26.80 -29.98 -18.47
N ARG D 176 -26.03 -29.47 -17.51
CA ARG D 176 -25.86 -28.03 -17.41
C ARG D 176 -24.48 -27.50 -17.76
N SER D 177 -23.71 -28.25 -18.55
CA SER D 177 -22.38 -27.81 -18.94
C SER D 177 -22.40 -26.51 -19.73
N GLU D 178 -23.45 -26.29 -20.50
CA GLU D 178 -23.56 -25.07 -21.30
C GLU D 178 -23.82 -23.87 -20.40
N GLN D 179 -24.62 -24.07 -19.37
CA GLN D 179 -24.94 -23.00 -18.44
C GLN D 179 -23.75 -22.68 -17.53
N PHE D 180 -22.97 -23.69 -17.17
CA PHE D 180 -21.80 -23.52 -16.31
C PHE D 180 -20.56 -24.12 -16.98
N PRO D 181 -20.08 -23.50 -18.06
CA PRO D 181 -18.89 -23.98 -18.78
C PRO D 181 -17.71 -24.39 -17.90
N HIS D 182 -17.09 -25.51 -18.24
CA HIS D 182 -15.95 -26.03 -17.49
C HIS D 182 -14.92 -26.67 -18.42
N PRO D 183 -14.22 -25.84 -19.21
CA PRO D 183 -13.21 -26.32 -20.17
C PRO D 183 -11.93 -26.91 -19.56
N LEU D 184 -11.71 -26.71 -18.27
CA LEU D 184 -10.52 -27.22 -17.62
C LEU D 184 -10.64 -28.60 -16.99
N TRP D 185 -11.84 -29.17 -17.01
CA TRP D 185 -12.04 -30.49 -16.41
C TRP D 185 -13.30 -31.16 -16.95
N PRO D 186 -13.34 -32.50 -16.95
CA PRO D 186 -14.50 -33.26 -17.43
C PRO D 186 -15.67 -33.18 -16.45
N SER D 187 -16.88 -33.37 -16.97
CA SER D 187 -18.10 -33.32 -16.17
C SER D 187 -18.08 -34.19 -14.92
N SER D 188 -18.51 -33.60 -13.81
CA SER D 188 -18.58 -34.32 -12.53
C SER D 188 -19.87 -35.12 -12.53
N PRO D 189 -19.83 -36.35 -12.01
CA PRO D 189 -21.04 -37.19 -11.98
C PRO D 189 -21.95 -36.77 -10.83
N SER D 190 -23.19 -37.24 -10.88
CA SER D 190 -24.16 -36.95 -9.84
C SER D 190 -24.48 -38.25 -9.14
N VAL D 191 -25.01 -38.15 -7.93
CA VAL D 191 -25.37 -39.34 -7.15
C VAL D 191 -26.52 -40.02 -7.88
N LEU D 192 -27.21 -39.27 -8.72
CA LEU D 192 -28.35 -39.76 -9.49
C LEU D 192 -27.95 -40.48 -10.77
N ASP D 193 -26.70 -40.34 -11.19
CA ASP D 193 -26.21 -40.97 -12.41
C ASP D 193 -26.17 -42.50 -12.31
N ASP D 194 -26.46 -43.16 -13.43
CA ASP D 194 -26.40 -44.62 -13.48
C ASP D 194 -24.97 -45.09 -13.24
N ASN D 195 -24.82 -46.12 -12.41
CA ASN D 195 -23.50 -46.66 -12.09
C ASN D 195 -22.63 -45.72 -11.26
N ALA D 196 -23.24 -44.68 -10.71
CA ALA D 196 -22.50 -43.76 -9.86
C ALA D 196 -22.24 -44.50 -8.55
N VAL D 197 -21.01 -44.47 -8.09
CA VAL D 197 -20.67 -45.14 -6.84
C VAL D 197 -20.34 -44.12 -5.77
N VAL D 198 -20.83 -44.37 -4.56
CA VAL D 198 -20.60 -43.46 -3.45
C VAL D 198 -19.77 -44.09 -2.33
N HIS D 199 -18.80 -43.32 -1.84
CA HIS D 199 -17.96 -43.76 -0.73
C HIS D 199 -17.82 -42.55 0.17
N GLY D 200 -17.85 -42.75 1.48
CA GLY D 200 -17.73 -41.61 2.35
C GLY D 200 -18.14 -41.88 3.78
N MET D 201 -18.45 -40.80 4.50
CA MET D 201 -18.83 -40.91 5.89
C MET D 201 -19.65 -39.72 6.34
N HIS D 202 -20.24 -39.83 7.52
CA HIS D 202 -20.98 -38.73 8.12
C HIS D 202 -20.67 -38.77 9.62
N ARG D 203 -20.29 -37.61 10.16
CA ARG D 203 -19.92 -37.50 11.55
C ARG D 203 -20.65 -36.34 12.20
N THR D 204 -21.08 -36.52 13.43
CA THR D 204 -21.80 -35.47 14.15
C THR D 204 -20.83 -34.33 14.45
N GLY D 205 -21.24 -33.12 14.10
CA GLY D 205 -20.44 -31.94 14.35
C GLY D 205 -21.03 -31.19 15.54
N PHE D 206 -20.20 -30.54 16.33
CA PHE D 206 -20.69 -29.81 17.51
C PHE D 206 -20.74 -28.33 17.22
N GLY D 207 -21.94 -27.87 16.94
CA GLY D 207 -22.16 -26.48 16.61
C GLY D 207 -23.30 -26.41 15.61
N ASN D 208 -23.73 -25.19 15.34
CA ASN D 208 -24.84 -24.95 14.42
C ASN D 208 -24.51 -25.28 12.96
N TRP D 209 -25.48 -25.84 12.25
CA TRP D 209 -25.28 -26.21 10.84
C TRP D 209 -24.86 -25.10 9.89
N ARG D 210 -25.38 -23.89 10.08
CA ARG D 210 -25.06 -22.76 9.20
C ARG D 210 -23.57 -22.44 9.19
N ILE D 211 -22.96 -22.43 10.38
CA ILE D 211 -21.54 -22.12 10.51
C ILE D 211 -20.70 -23.16 9.77
N ALA D 212 -21.12 -24.41 9.86
CA ALA D 212 -20.45 -25.51 9.20
C ALA D 212 -20.58 -25.39 7.69
N CYS D 213 -21.80 -25.14 7.22
CA CYS D 213 -22.07 -25.01 5.77
C CYS D 213 -21.25 -23.94 5.07
N GLU D 214 -21.18 -22.75 5.66
CA GLU D 214 -20.44 -21.65 5.06
C GLU D 214 -18.95 -21.95 4.95
N ASN D 215 -18.42 -22.71 5.90
CA ASN D 215 -17.00 -23.06 5.85
C ASN D 215 -16.76 -23.99 4.66
N GLY D 216 -17.79 -24.75 4.30
CA GLY D 216 -17.68 -25.70 3.20
C GLY D 216 -17.30 -25.09 1.88
N PHE D 217 -17.88 -23.93 1.56
CA PHE D 217 -17.59 -23.30 0.29
C PHE D 217 -16.78 -22.02 0.40
N ASP D 218 -16.10 -21.84 1.54
CA ASP D 218 -15.26 -20.66 1.74
C ASP D 218 -14.10 -20.80 0.75
N ASN D 219 -13.81 -19.72 0.01
CA ASN D 219 -12.76 -19.75 -0.99
C ASN D 219 -11.39 -19.32 -0.49
N ALA D 220 -11.34 -18.68 0.67
CA ALA D 220 -10.06 -18.19 1.17
C ALA D 220 -9.65 -18.55 2.59
N HIS D 221 -9.17 -19.78 2.79
CA HIS D 221 -8.70 -20.16 4.11
C HIS D 221 -7.51 -21.11 4.06
N ILE D 222 -6.49 -20.67 3.33
CA ILE D 222 -5.27 -21.43 3.15
C ILE D 222 -4.59 -21.81 4.47
N LEU D 223 -4.60 -20.90 5.43
CA LEU D 223 -3.98 -21.18 6.73
C LEU D 223 -4.50 -22.45 7.38
N VAL D 224 -5.77 -22.75 7.15
CA VAL D 224 -6.41 -23.95 7.71
C VAL D 224 -5.90 -25.24 7.08
N HIS D 225 -5.48 -25.17 5.82
CA HIS D 225 -5.02 -26.35 5.11
C HIS D 225 -3.54 -26.39 4.69
N LYS D 226 -2.83 -25.28 4.85
CA LYS D 226 -1.43 -25.21 4.44
C LYS D 226 -0.55 -26.37 4.90
N ASP D 227 -0.78 -26.87 6.11
CA ASP D 227 0.01 -27.96 6.68
C ASP D 227 -0.51 -29.36 6.35
N ASN D 228 -1.63 -29.47 5.66
CA ASN D 228 -2.17 -30.79 5.33
C ASN D 228 -1.13 -31.63 4.59
N THR D 229 -1.13 -32.93 4.86
CA THR D 229 -0.17 -33.83 4.24
C THR D 229 -0.33 -33.92 2.71
N ILE D 230 -1.57 -33.97 2.24
CA ILE D 230 -1.81 -34.05 0.81
C ILE D 230 -1.20 -32.86 0.08
N VAL D 231 -1.26 -31.69 0.69
CA VAL D 231 -0.73 -30.48 0.07
C VAL D 231 0.76 -30.62 -0.21
N HIS D 232 1.48 -31.18 0.75
CA HIS D 232 2.92 -31.35 0.59
C HIS D 232 3.31 -32.56 -0.23
N ALA D 233 2.55 -33.64 -0.09
CA ALA D 233 2.81 -34.85 -0.84
C ALA D 233 2.64 -34.56 -2.33
N MET D 234 1.67 -33.70 -2.66
CA MET D 234 1.42 -33.35 -4.06
C MET D 234 2.29 -32.21 -4.57
N ASP D 235 3.12 -31.65 -3.70
CA ASP D 235 3.98 -30.53 -4.07
C ASP D 235 3.18 -29.30 -4.46
N TRP D 236 2.04 -29.10 -3.81
CA TRP D 236 1.19 -27.96 -4.10
C TRP D 236 1.71 -26.69 -3.44
N VAL D 237 1.39 -25.56 -4.08
CA VAL D 237 1.76 -24.24 -3.57
C VAL D 237 0.47 -23.45 -3.70
N LEU D 238 -0.22 -23.27 -2.58
CA LEU D 238 -1.50 -22.57 -2.57
C LEU D 238 -1.35 -21.05 -2.53
N PRO D 239 -2.38 -20.34 -3.02
CA PRO D 239 -2.39 -18.88 -3.04
C PRO D 239 -2.84 -18.36 -1.67
N LEU D 240 -2.36 -17.19 -1.27
CA LEU D 240 -2.76 -16.63 0.03
C LEU D 240 -4.28 -16.58 0.09
N GLY D 241 -4.92 -16.48 -1.07
CA GLY D 241 -6.36 -16.42 -1.11
C GLY D 241 -6.90 -16.14 -2.50
N LEU D 242 -8.22 -16.13 -2.61
CA LEU D 242 -8.90 -15.87 -3.87
C LEU D 242 -9.85 -14.70 -3.69
N LEU D 243 -9.82 -13.74 -4.61
CA LEU D 243 -10.75 -12.64 -4.47
C LEU D 243 -11.50 -12.32 -5.74
N PRO D 244 -12.76 -11.89 -5.60
CA PRO D 244 -13.64 -11.54 -6.71
C PRO D 244 -13.17 -10.28 -7.44
N THR D 245 -13.26 -10.31 -8.76
CA THR D 245 -12.83 -9.18 -9.57
C THR D 245 -14.01 -8.48 -10.23
N SER D 246 -15.20 -9.06 -10.10
CA SER D 246 -16.39 -8.48 -10.69
C SER D 246 -17.57 -8.85 -9.81
N ASP D 247 -18.65 -8.11 -9.94
CA ASP D 247 -19.80 -8.41 -9.14
C ASP D 247 -20.56 -9.67 -9.58
N ASP D 248 -20.28 -10.15 -10.79
CA ASP D 248 -20.93 -11.36 -11.28
C ASP D 248 -20.01 -12.58 -11.13
N CYS D 249 -19.13 -12.51 -10.15
CA CYS D 249 -18.20 -13.59 -9.86
C CYS D 249 -18.94 -14.86 -9.43
N ILE D 250 -20.23 -14.70 -9.11
CA ILE D 250 -21.09 -15.81 -8.69
C ILE D 250 -22.40 -15.73 -9.46
N ALA D 251 -22.92 -16.88 -9.89
CA ALA D 251 -24.18 -16.91 -10.60
C ALA D 251 -25.24 -17.52 -9.69
N VAL D 252 -26.36 -16.81 -9.53
CA VAL D 252 -27.46 -17.29 -8.72
C VAL D 252 -28.53 -17.90 -9.63
N VAL D 253 -28.91 -19.14 -9.33
CA VAL D 253 -29.91 -19.85 -10.12
C VAL D 253 -31.13 -20.06 -9.24
N GLU D 254 -32.29 -19.64 -9.73
CA GLU D 254 -33.49 -19.80 -8.92
C GLU D 254 -34.77 -20.10 -9.69
N ASP D 255 -34.66 -20.76 -10.83
CA ASP D 255 -35.88 -21.08 -11.57
C ASP D 255 -36.57 -22.29 -10.99
N ASP D 256 -37.84 -22.42 -11.35
CA ASP D 256 -38.73 -23.46 -10.87
C ASP D 256 -38.29 -24.90 -10.89
N ASP D 257 -38.00 -25.36 -12.09
CA ASP D 257 -37.61 -26.74 -12.28
C ASP D 257 -36.11 -26.93 -12.15
N GLY D 258 -35.66 -27.05 -10.89
CA GLY D 258 -34.25 -27.25 -10.65
C GLY D 258 -33.82 -26.80 -9.26
N PRO D 259 -32.53 -27.01 -8.92
CA PRO D 259 -32.02 -26.61 -7.60
C PRO D 259 -31.91 -25.10 -7.45
N LYS D 260 -31.99 -24.63 -6.21
CA LYS D 260 -31.90 -23.21 -5.90
C LYS D 260 -30.55 -22.99 -5.21
N GLY D 261 -29.60 -22.36 -5.90
CA GLY D 261 -28.30 -22.12 -5.30
C GLY D 261 -27.42 -21.16 -6.09
N MET D 262 -26.12 -21.31 -5.94
CA MET D 262 -25.19 -20.44 -6.64
C MET D 262 -23.99 -21.21 -7.16
N MET D 263 -23.45 -20.76 -8.29
CA MET D 263 -22.29 -21.39 -8.91
C MET D 263 -21.15 -20.37 -8.87
N GLN D 264 -20.02 -20.74 -8.26
CA GLN D 264 -18.88 -19.84 -8.18
C GLN D 264 -17.97 -20.07 -9.37
N TRP D 265 -17.79 -19.03 -10.19
CA TRP D 265 -16.95 -19.09 -11.38
C TRP D 265 -15.46 -19.19 -11.08
N LEU D 266 -15.07 -20.24 -10.36
CA LEU D 266 -13.67 -20.43 -10.02
C LEU D 266 -12.85 -20.75 -11.26
N PHE D 267 -11.60 -20.33 -11.24
CA PHE D 267 -10.66 -20.52 -12.34
C PHE D 267 -11.09 -19.84 -13.64
N THR D 268 -11.59 -18.62 -13.48
CA THR D 268 -11.97 -17.77 -14.58
C THR D 268 -11.40 -16.44 -14.13
N ASP D 269 -11.46 -15.43 -14.99
CA ASP D 269 -10.89 -14.16 -14.59
C ASP D 269 -11.69 -13.45 -13.49
N LYS D 270 -12.86 -14.01 -13.15
CA LYS D 270 -13.71 -13.42 -12.12
C LYS D 270 -13.18 -13.64 -10.70
N TRP D 271 -12.28 -14.59 -10.55
CA TRP D 271 -11.66 -14.90 -9.26
C TRP D 271 -10.14 -14.92 -9.42
N ALA D 272 -9.46 -13.94 -8.84
CA ALA D 272 -8.01 -13.87 -8.94
C ALA D 272 -7.30 -14.26 -7.65
N PRO D 273 -6.26 -15.08 -7.76
CA PRO D 273 -5.50 -15.50 -6.58
C PRO D 273 -4.59 -14.39 -6.06
N VAL D 274 -4.42 -14.36 -4.74
CA VAL D 274 -3.55 -13.38 -4.10
C VAL D 274 -2.23 -14.09 -3.83
N LEU D 275 -1.14 -13.54 -4.32
CA LEU D 275 0.17 -14.16 -4.14
C LEU D 275 1.09 -13.44 -3.16
N GLU D 276 0.68 -12.29 -2.66
CA GLU D 276 1.55 -11.61 -1.70
C GLU D 276 0.85 -10.64 -0.75
N ASN D 277 1.50 -10.38 0.37
CA ASN D 277 1.01 -9.45 1.37
C ASN D 277 2.22 -8.59 1.72
N GLN D 278 2.25 -7.39 1.16
CA GLN D 278 3.37 -6.48 1.39
C GLN D 278 3.57 -6.05 2.83
N GLU D 279 2.47 -5.89 3.57
CA GLU D 279 2.52 -5.47 4.97
C GLU D 279 3.24 -6.51 5.85
N LEU D 280 2.99 -7.79 5.57
CA LEU D 280 3.60 -8.88 6.34
C LEU D 280 4.86 -9.43 5.67
N GLY D 281 5.17 -8.97 4.47
CA GLY D 281 6.33 -9.44 3.76
C GLY D 281 6.18 -10.88 3.32
N LEU D 282 4.96 -11.25 2.94
CA LEU D 282 4.68 -12.61 2.49
C LEU D 282 4.60 -12.61 0.98
N LYS D 283 5.06 -13.69 0.37
CA LYS D 283 5.07 -13.78 -1.07
C LYS D 283 5.17 -15.19 -1.61
N VAL D 284 4.20 -15.57 -2.43
CA VAL D 284 4.16 -16.90 -3.04
C VAL D 284 4.53 -16.84 -4.53
N GLU D 285 5.32 -17.80 -4.97
CA GLU D 285 5.72 -17.87 -6.37
C GLU D 285 5.64 -19.31 -6.84
N GLY D 286 5.46 -19.51 -8.14
CA GLY D 286 5.34 -20.85 -8.67
C GLY D 286 4.18 -21.58 -8.01
N LEU D 287 2.97 -21.04 -8.14
CA LEU D 287 1.81 -21.68 -7.56
C LEU D 287 1.44 -22.95 -8.31
N LYS D 288 1.17 -23.99 -7.54
CA LYS D 288 0.82 -25.27 -8.09
C LYS D 288 -0.36 -25.84 -7.31
N GLY D 289 -1.28 -26.48 -8.02
CA GLY D 289 -2.45 -27.04 -7.38
C GLY D 289 -3.35 -27.75 -8.36
N ARG D 290 -4.63 -27.81 -8.02
CA ARG D 290 -5.62 -28.48 -8.85
C ARG D 290 -6.73 -27.57 -9.34
N HIS D 291 -7.40 -28.02 -10.40
CA HIS D 291 -8.53 -27.28 -10.94
C HIS D 291 -9.73 -27.88 -10.24
N TYR D 292 -10.62 -27.02 -9.75
CA TYR D 292 -11.83 -27.46 -9.06
C TYR D 292 -12.82 -26.31 -9.02
N ARG D 293 -14.07 -26.61 -8.71
CA ARG D 293 -15.09 -25.58 -8.64
C ARG D 293 -16.14 -25.94 -7.61
N THR D 294 -16.48 -24.97 -6.76
CA THR D 294 -17.48 -25.16 -5.71
C THR D 294 -18.76 -24.39 -5.98
N SER D 295 -19.87 -24.97 -5.52
CA SER D 295 -21.19 -24.38 -5.65
C SER D 295 -22.02 -24.91 -4.48
N VAL D 296 -23.11 -24.23 -4.17
CA VAL D 296 -23.96 -24.67 -3.06
C VAL D 296 -25.42 -24.43 -3.39
N VAL D 297 -26.27 -25.37 -2.99
CA VAL D 297 -27.70 -25.26 -3.23
C VAL D 297 -28.48 -25.63 -1.97
N LEU D 298 -29.70 -25.13 -1.87
CA LEU D 298 -30.55 -25.43 -0.72
C LEU D 298 -30.80 -26.94 -0.70
N PRO D 299 -30.94 -27.54 0.49
CA PRO D 299 -30.91 -26.94 1.83
C PRO D 299 -29.51 -26.61 2.38
N GLY D 300 -28.49 -26.77 1.56
CA GLY D 300 -27.13 -26.48 1.98
C GLY D 300 -26.24 -27.65 1.57
N VAL D 301 -26.14 -27.87 0.26
CA VAL D 301 -25.35 -28.96 -0.27
C VAL D 301 -24.19 -28.44 -1.13
N LEU D 302 -22.98 -28.88 -0.79
CA LEU D 302 -21.77 -28.50 -1.49
C LEU D 302 -21.43 -29.49 -2.59
N MET D 303 -20.84 -28.99 -3.66
CA MET D 303 -20.36 -29.80 -4.75
C MET D 303 -18.97 -29.25 -5.13
N VAL D 304 -17.99 -30.13 -5.13
CA VAL D 304 -16.63 -29.73 -5.49
C VAL D 304 -16.24 -30.52 -6.72
N GLU D 305 -16.42 -29.91 -7.89
CA GLU D 305 -16.10 -30.54 -9.16
C GLU D 305 -14.61 -30.80 -9.31
N ASN D 306 -14.26 -31.92 -9.95
CA ASN D 306 -12.88 -32.27 -10.22
C ASN D 306 -12.03 -32.43 -8.95
N TRP D 307 -12.62 -33.01 -7.91
CA TRP D 307 -11.90 -33.21 -6.64
C TRP D 307 -12.24 -34.56 -6.03
N PRO D 308 -11.23 -35.32 -5.58
CA PRO D 308 -9.79 -34.99 -5.59
C PRO D 308 -9.13 -35.15 -6.94
N GLU D 309 -9.68 -36.03 -7.77
CA GLU D 309 -9.12 -36.28 -9.09
C GLU D 309 -10.19 -36.16 -10.17
N GLU D 310 -9.78 -36.22 -11.42
CA GLU D 310 -10.72 -36.11 -12.53
C GLU D 310 -11.75 -37.22 -12.49
N HIS D 311 -12.97 -36.89 -12.92
CA HIS D 311 -14.07 -37.84 -12.95
C HIS D 311 -14.58 -38.17 -11.55
N VAL D 312 -14.00 -37.53 -10.54
CA VAL D 312 -14.40 -37.73 -9.15
C VAL D 312 -14.91 -36.39 -8.62
N VAL D 313 -15.94 -36.44 -7.79
CA VAL D 313 -16.50 -35.21 -7.23
C VAL D 313 -16.85 -35.40 -5.76
N GLN D 314 -16.78 -34.33 -4.97
CA GLN D 314 -17.09 -34.41 -3.55
C GLN D 314 -18.33 -33.61 -3.18
N TYR D 315 -19.24 -34.25 -2.44
CA TYR D 315 -20.46 -33.59 -2.02
C TYR D 315 -20.47 -33.58 -0.50
N GLU D 316 -21.02 -32.51 0.07
CA GLU D 316 -21.10 -32.41 1.51
C GLU D 316 -22.46 -31.87 1.91
N TRP D 317 -22.90 -32.27 3.10
CA TRP D 317 -24.14 -31.84 3.69
C TRP D 317 -23.81 -31.46 5.12
N TYR D 318 -24.62 -30.56 5.68
CA TYR D 318 -24.44 -30.09 7.03
C TYR D 318 -25.87 -30.13 7.57
N VAL D 319 -26.33 -31.35 7.81
CA VAL D 319 -27.69 -31.60 8.26
C VAL D 319 -27.95 -31.22 9.71
N PRO D 320 -28.94 -30.34 9.94
CA PRO D 320 -29.27 -29.92 11.31
C PRO D 320 -29.90 -31.07 12.10
N ILE D 321 -29.41 -31.28 13.32
CA ILE D 321 -29.95 -32.30 14.21
C ILE D 321 -30.80 -31.51 15.21
N THR D 322 -30.16 -30.57 15.89
CA THR D 322 -30.84 -29.65 16.80
C THR D 322 -30.32 -28.29 16.32
N ASP D 323 -30.42 -27.27 17.16
CA ASP D 323 -29.94 -25.95 16.76
C ASP D 323 -28.46 -25.75 17.05
N ASP D 324 -27.81 -26.72 17.72
CA ASP D 324 -26.39 -26.61 18.01
C ASP D 324 -25.58 -27.87 17.72
N THR D 325 -26.16 -28.76 16.91
CA THR D 325 -25.49 -29.97 16.44
C THR D 325 -25.97 -30.24 15.00
N HIS D 326 -25.12 -30.87 14.21
CA HIS D 326 -25.45 -31.18 12.84
C HIS D 326 -24.69 -32.45 12.44
N GLU D 327 -25.12 -33.07 11.34
CA GLU D 327 -24.44 -34.27 10.87
C GLU D 327 -23.71 -33.85 9.61
N TYR D 328 -22.38 -33.92 9.65
CA TYR D 328 -21.55 -33.51 8.52
C TYR D 328 -21.26 -34.70 7.62
N TRP D 329 -21.75 -34.62 6.38
CA TRP D 329 -21.56 -35.68 5.40
C TRP D 329 -20.47 -35.35 4.41
N GLU D 330 -19.64 -36.33 4.10
CA GLU D 330 -18.56 -36.19 3.11
C GLU D 330 -18.59 -37.44 2.24
N ILE D 331 -18.90 -37.29 0.96
CA ILE D 331 -18.89 -38.44 0.07
C ILE D 331 -18.16 -38.11 -1.22
N LEU D 332 -17.62 -39.14 -1.85
CA LEU D 332 -16.91 -39.00 -3.12
C LEU D 332 -17.68 -39.86 -4.10
N VAL D 333 -17.89 -39.33 -5.30
CA VAL D 333 -18.65 -40.04 -6.32
C VAL D 333 -17.85 -40.22 -7.59
N ARG D 334 -17.99 -41.40 -8.19
CA ARG D 334 -17.35 -41.73 -9.45
C ARG D 334 -18.16 -42.83 -10.12
N VAL D 335 -18.40 -42.66 -11.43
CA VAL D 335 -19.16 -43.65 -12.16
C VAL D 335 -18.28 -44.85 -12.44
N CYS D 336 -18.71 -46.00 -11.97
CA CYS D 336 -17.98 -47.24 -12.15
C CYS D 336 -18.89 -48.22 -12.87
N PRO D 337 -18.72 -48.33 -14.20
CA PRO D 337 -19.55 -49.22 -15.03
C PRO D 337 -19.37 -50.72 -14.81
N THR D 338 -18.17 -51.15 -14.46
CA THR D 338 -17.93 -52.56 -14.24
C THR D 338 -17.42 -52.83 -12.84
N ASP D 339 -17.33 -54.10 -12.50
CA ASP D 339 -16.88 -54.54 -11.20
C ASP D 339 -15.43 -54.22 -10.91
N GLU D 340 -14.65 -54.09 -11.97
CA GLU D 340 -13.24 -53.76 -11.87
C GLU D 340 -13.08 -52.33 -11.40
N ASP D 341 -13.85 -51.43 -12.00
CA ASP D 341 -13.80 -50.01 -11.65
C ASP D 341 -14.22 -49.81 -10.20
N ARG D 342 -15.15 -50.65 -9.74
CA ARG D 342 -15.64 -50.57 -8.37
C ARG D 342 -14.56 -50.91 -7.37
N LYS D 343 -13.79 -51.95 -7.66
CA LYS D 343 -12.73 -52.38 -6.77
C LYS D 343 -11.61 -51.34 -6.77
N LYS D 344 -11.36 -50.74 -7.93
CA LYS D 344 -10.33 -49.72 -8.02
C LYS D 344 -10.72 -48.51 -7.20
N PHE D 345 -11.97 -48.08 -7.37
CA PHE D 345 -12.49 -46.92 -6.65
C PHE D 345 -12.54 -47.18 -5.15
N GLN D 346 -13.03 -48.36 -4.78
CA GLN D 346 -13.11 -48.75 -3.37
C GLN D 346 -11.70 -48.82 -2.78
N TYR D 347 -10.77 -49.32 -3.58
CA TYR D 347 -9.38 -49.47 -3.15
C TYR D 347 -8.70 -48.11 -3.01
N ARG D 348 -8.87 -47.24 -4.01
CA ARG D 348 -8.22 -45.94 -3.96
C ARG D 348 -8.83 -45.07 -2.86
N TYR D 349 -10.10 -45.29 -2.57
CA TYR D 349 -10.78 -44.55 -1.52
C TYR D 349 -10.19 -44.94 -0.16
N ASP D 350 -10.09 -46.26 0.06
CA ASP D 350 -9.57 -46.81 1.30
C ASP D 350 -8.16 -46.40 1.69
N HIS D 351 -7.27 -46.32 0.70
CA HIS D 351 -5.86 -46.01 0.97
C HIS D 351 -5.38 -44.68 0.39
N MET D 352 -6.30 -43.88 -0.14
CA MET D 352 -5.91 -42.60 -0.72
C MET D 352 -6.87 -41.48 -0.32
N TYR D 353 -8.07 -41.48 -0.90
CA TYR D 353 -9.06 -40.44 -0.63
C TYR D 353 -9.48 -40.30 0.83
N LYS D 354 -9.85 -41.41 1.47
CA LYS D 354 -10.29 -41.35 2.84
C LYS D 354 -9.24 -40.82 3.83
N PRO D 355 -8.08 -41.47 3.90
CA PRO D 355 -7.07 -40.98 4.84
C PRO D 355 -6.46 -39.61 4.51
N LEU D 356 -6.18 -39.34 3.24
CA LEU D 356 -5.55 -38.08 2.83
C LEU D 356 -6.46 -36.89 2.53
N CYS D 357 -7.68 -37.17 2.09
CA CYS D 357 -8.60 -36.09 1.75
C CYS D 357 -9.76 -35.91 2.73
N LEU D 358 -10.67 -36.88 2.79
CA LEU D 358 -11.82 -36.76 3.68
C LEU D 358 -11.40 -36.56 5.13
N HIS D 359 -10.25 -37.11 5.51
CA HIS D 359 -9.73 -36.92 6.86
C HIS D 359 -8.56 -35.93 6.84
N GLY D 360 -7.49 -36.29 6.15
CA GLY D 360 -6.31 -35.46 6.06
C GLY D 360 -6.49 -34.00 5.68
N PHE D 361 -7.44 -33.73 4.79
CA PHE D 361 -7.70 -32.36 4.34
C PHE D 361 -8.85 -31.71 5.11
N ASN D 362 -10.01 -32.37 5.11
CA ASN D 362 -11.20 -31.83 5.76
C ASN D 362 -11.27 -31.84 7.27
N ASP D 363 -10.48 -32.67 7.95
CA ASP D 363 -10.52 -32.69 9.40
C ASP D 363 -10.13 -31.33 9.97
N SER D 364 -9.32 -30.56 9.23
CA SER D 364 -8.92 -29.24 9.69
C SER D 364 -10.09 -28.28 9.70
N ASP D 365 -11.09 -28.52 8.86
CA ASP D 365 -12.28 -27.68 8.79
C ASP D 365 -13.13 -27.82 10.05
N LEU D 366 -13.10 -29.01 10.65
CA LEU D 366 -13.86 -29.27 11.87
C LEU D 366 -13.48 -28.30 12.99
N TYR D 367 -12.18 -28.12 13.21
CA TYR D 367 -11.70 -27.23 14.25
C TYR D 367 -12.04 -25.79 13.93
N ALA D 368 -12.02 -25.43 12.65
CA ALA D 368 -12.34 -24.06 12.25
C ALA D 368 -13.81 -23.79 12.51
N ARG D 369 -14.65 -24.78 12.25
CA ARG D 369 -16.09 -24.64 12.47
C ARG D 369 -16.40 -24.48 13.95
N GLU D 370 -15.90 -25.40 14.77
CA GLU D 370 -16.15 -25.34 16.21
C GLU D 370 -15.68 -24.00 16.81
N ALA D 371 -14.52 -23.52 16.36
CA ALA D 371 -13.96 -22.25 16.85
C ALA D 371 -14.84 -21.02 16.65
N MET D 372 -15.69 -21.03 15.63
CA MET D 372 -16.60 -19.93 15.37
C MET D 372 -17.90 -19.97 16.17
N GLN D 373 -18.37 -21.17 16.48
CA GLN D 373 -19.64 -21.35 17.18
C GLN D 373 -20.03 -20.43 18.35
N ASN D 374 -19.12 -20.20 19.30
CA ASN D 374 -19.42 -19.36 20.46
C ASN D 374 -19.78 -17.93 20.12
N PHE D 375 -19.27 -17.43 19.01
CA PHE D 375 -19.55 -16.07 18.57
C PHE D 375 -20.98 -15.94 18.06
N TYR D 376 -21.49 -17.02 17.47
CA TYR D 376 -22.82 -17.01 16.88
C TYR D 376 -24.03 -17.55 17.65
N TYR D 377 -23.82 -18.55 18.51
CA TYR D 377 -24.97 -19.15 19.18
C TYR D 377 -25.95 -18.25 19.92
N ASP D 378 -25.47 -17.33 20.75
CA ASP D 378 -26.40 -16.46 21.46
C ASP D 378 -26.90 -15.32 20.57
N GLY D 379 -26.53 -15.39 19.28
CA GLY D 379 -26.97 -14.39 18.34
C GLY D 379 -26.01 -13.25 18.05
N THR D 380 -25.02 -13.07 18.91
CA THR D 380 -24.05 -11.99 18.76
C THR D 380 -23.42 -11.88 17.36
N GLY D 381 -22.80 -12.97 16.92
CA GLY D 381 -22.13 -12.97 15.63
C GLY D 381 -22.97 -12.66 14.41
N TRP D 382 -24.24 -13.02 14.45
CA TRP D 382 -25.13 -12.76 13.31
C TRP D 382 -25.35 -11.27 13.06
N ASP D 383 -25.03 -10.46 14.06
CA ASP D 383 -25.18 -9.01 13.97
C ASP D 383 -23.81 -8.31 13.96
N ASP D 384 -22.92 -8.77 14.83
CA ASP D 384 -21.61 -8.17 15.01
C ASP D 384 -20.43 -8.69 14.19
N GLU D 385 -20.62 -9.74 13.41
CA GLU D 385 -19.54 -10.24 12.58
C GLU D 385 -19.20 -9.08 11.63
N GLN D 386 -17.94 -8.98 11.21
CA GLN D 386 -17.55 -7.91 10.30
C GLN D 386 -17.02 -8.51 9.02
N LEU D 387 -17.96 -8.82 8.13
CA LEU D 387 -17.66 -9.43 6.84
C LEU D 387 -16.99 -8.46 5.88
N VAL D 388 -16.29 -9.03 4.90
CA VAL D 388 -15.58 -8.22 3.92
C VAL D 388 -15.85 -8.62 2.48
N ALA D 389 -15.07 -8.04 1.56
CA ALA D 389 -15.20 -8.28 0.13
C ALA D 389 -15.37 -9.75 -0.25
N THR D 390 -14.48 -10.61 0.24
CA THR D 390 -14.53 -12.04 -0.06
C THR D 390 -15.80 -12.71 0.45
N ASP D 391 -16.44 -12.10 1.44
CA ASP D 391 -17.65 -12.67 2.01
C ASP D 391 -18.86 -12.52 1.10
N ILE D 392 -18.62 -12.08 -0.12
CA ILE D 392 -19.69 -11.94 -1.09
C ILE D 392 -20.31 -13.32 -1.31
N SER D 393 -19.52 -14.36 -1.10
CA SER D 393 -20.00 -15.75 -1.27
C SER D 393 -21.03 -16.13 -0.23
N PRO D 394 -20.63 -16.15 1.06
CA PRO D 394 -21.63 -16.53 2.06
C PRO D 394 -22.85 -15.60 2.06
N ILE D 395 -22.63 -14.31 1.84
CA ILE D 395 -23.74 -13.37 1.83
C ILE D 395 -24.72 -13.70 0.71
N THR D 396 -24.21 -14.03 -0.48
CA THR D 396 -25.08 -14.37 -1.59
C THR D 396 -25.87 -15.63 -1.27
N TRP D 397 -25.24 -16.55 -0.55
CA TRP D 397 -25.89 -17.80 -0.17
C TRP D 397 -26.99 -17.56 0.85
N ARG D 398 -26.71 -16.71 1.82
CA ARG D 398 -27.68 -16.39 2.87
C ARG D 398 -28.93 -15.74 2.29
N LYS D 399 -28.73 -14.88 1.28
CA LYS D 399 -29.85 -14.21 0.66
C LYS D 399 -30.70 -15.17 -0.14
N LEU D 400 -30.07 -15.99 -0.97
CA LEU D 400 -30.83 -16.95 -1.76
C LEU D 400 -31.52 -17.99 -0.89
N ALA D 401 -30.89 -18.36 0.22
CA ALA D 401 -31.46 -19.33 1.14
C ALA D 401 -32.70 -18.73 1.83
N SER D 402 -32.62 -17.45 2.16
CA SER D 402 -33.74 -16.77 2.82
C SER D 402 -34.93 -16.65 1.89
N ARG D 403 -34.68 -16.44 0.60
CA ARG D 403 -35.77 -16.31 -0.35
C ARG D 403 -36.40 -17.59 -0.84
N TRP D 404 -35.61 -18.65 -0.99
CA TRP D 404 -36.16 -19.88 -1.50
C TRP D 404 -36.38 -21.09 -0.59
N ASN D 405 -36.01 -21.00 0.67
CA ASN D 405 -36.23 -22.14 1.56
C ASN D 405 -37.72 -22.47 1.58
N ARG D 406 -38.08 -23.74 1.81
CA ARG D 406 -39.48 -24.14 1.86
C ARG D 406 -40.04 -24.10 3.27
N GLY D 407 -39.30 -23.50 4.19
CA GLY D 407 -39.79 -23.41 5.55
C GLY D 407 -38.70 -23.35 6.58
N ILE D 408 -39.03 -22.76 7.73
CA ILE D 408 -38.10 -22.64 8.84
C ILE D 408 -38.56 -23.56 9.95
N ALA D 409 -37.72 -24.54 10.28
CA ALA D 409 -38.05 -25.49 11.33
C ALA D 409 -38.22 -24.82 12.68
N LYS D 410 -39.24 -25.25 13.41
CA LYS D 410 -39.52 -24.72 14.74
C LYS D 410 -38.73 -25.50 15.77
N PRO D 411 -38.46 -24.90 16.94
CA PRO D 411 -37.69 -25.58 18.00
C PRO D 411 -38.37 -26.90 18.39
N GLY D 412 -37.57 -27.92 18.69
CA GLY D 412 -38.17 -29.18 19.08
C GLY D 412 -38.95 -29.04 20.39
N ARG D 413 -40.09 -29.72 20.48
CA ARG D 413 -40.92 -29.70 21.69
C ARG D 413 -41.31 -31.13 22.07
N GLY D 414 -41.02 -31.53 23.30
CA GLY D 414 -41.38 -32.87 23.74
C GLY D 414 -40.59 -33.96 23.04
N VAL D 415 -39.37 -33.63 22.60
CA VAL D 415 -38.51 -34.60 21.93
C VAL D 415 -37.08 -34.38 22.39
N ALA D 416 -36.18 -35.29 22.04
CA ALA D 416 -34.79 -35.16 22.41
C ALA D 416 -34.26 -33.84 21.86
N GLY D 417 -33.48 -33.12 22.67
CA GLY D 417 -32.94 -31.87 22.21
C GLY D 417 -33.82 -30.66 22.48
N ALA D 418 -35.08 -30.88 22.88
CA ALA D 418 -35.96 -29.75 23.17
C ALA D 418 -35.42 -29.02 24.39
N VAL D 419 -34.85 -29.77 25.32
CA VAL D 419 -34.26 -29.23 26.55
C VAL D 419 -32.80 -29.73 26.57
N LYS D 420 -31.86 -28.80 26.69
CA LYS D 420 -30.44 -29.15 26.65
C LYS D 420 -29.75 -29.64 27.91
N ASP D 421 -30.32 -29.37 29.08
CA ASP D 421 -29.68 -29.76 30.33
C ASP D 421 -30.47 -30.76 31.20
N THR D 422 -31.06 -31.77 30.57
CA THR D 422 -31.85 -32.77 31.30
C THR D 422 -30.91 -33.69 32.07
N SER D 423 -31.44 -34.37 33.09
CA SER D 423 -30.62 -35.27 33.89
C SER D 423 -30.20 -36.44 33.01
N LEU D 424 -31.02 -36.76 32.01
CA LEU D 424 -30.72 -37.85 31.09
C LEU D 424 -29.47 -37.49 30.31
N ILE D 425 -29.37 -36.24 29.88
CA ILE D 425 -28.20 -35.81 29.13
C ILE D 425 -26.96 -35.80 30.02
N PHE D 426 -27.10 -35.37 31.27
CA PHE D 426 -25.96 -35.37 32.18
C PHE D 426 -25.52 -36.78 32.52
N LYS D 427 -26.47 -37.71 32.55
CA LYS D 427 -26.17 -39.12 32.83
C LYS D 427 -25.30 -39.67 31.70
N GLN D 428 -25.74 -39.44 30.46
CA GLN D 428 -25.00 -39.91 29.29
C GLN D 428 -23.61 -39.29 29.21
N THR D 429 -23.53 -37.98 29.46
CA THR D 429 -22.26 -37.26 29.40
C THR D 429 -21.30 -37.80 30.46
N ALA D 430 -21.84 -38.06 31.65
CA ALA D 430 -21.04 -38.61 32.74
C ALA D 430 -20.47 -39.96 32.28
N ASP D 431 -21.26 -40.72 31.52
CA ASP D 431 -20.84 -42.02 31.02
C ASP D 431 -19.85 -41.92 29.87
N GLY D 432 -19.57 -40.68 29.42
CA GLY D 432 -18.62 -40.50 28.35
C GLY D 432 -19.21 -40.35 26.95
N LYS D 433 -20.54 -40.38 26.85
CA LYS D 433 -21.21 -40.25 25.56
C LYS D 433 -21.40 -38.82 25.12
N ARG D 434 -20.85 -38.49 23.96
CA ARG D 434 -20.96 -37.14 23.41
C ARG D 434 -22.31 -37.00 22.72
N PRO D 435 -22.70 -35.75 22.39
CA PRO D 435 -23.98 -35.52 21.71
C PRO D 435 -23.91 -36.32 20.39
N GLY D 436 -25.01 -36.96 20.01
CA GLY D 436 -24.98 -37.78 18.81
C GLY D 436 -26.04 -37.55 17.73
N TYR D 437 -26.25 -38.61 16.94
CA TYR D 437 -27.18 -38.57 15.81
C TYR D 437 -28.04 -39.83 15.75
N LYS D 438 -27.39 -40.99 15.67
CA LYS D 438 -28.09 -42.27 15.62
C LYS D 438 -28.54 -42.65 17.04
N VAL D 439 -29.82 -42.94 17.17
CA VAL D 439 -30.40 -43.31 18.45
C VAL D 439 -29.89 -44.65 18.92
N GLU D 440 -29.35 -44.68 20.13
CA GLU D 440 -28.81 -45.88 20.73
C GLU D 440 -29.96 -46.83 21.02
N GLN D 441 -29.78 -48.10 20.71
CA GLN D 441 -30.84 -49.05 20.95
C GLN D 441 -30.73 -49.89 22.21
N ILE D 442 -31.91 -50.29 22.67
CA ILE D 442 -32.15 -51.11 23.84
C ILE D 442 -32.60 -50.42 25.09
N ILE E 16 -53.76 -34.59 17.17
CA ILE E 16 -54.43 -35.03 18.44
C ILE E 16 -55.88 -35.38 18.16
N SER E 17 -56.24 -36.64 18.42
CA SER E 17 -57.59 -37.16 18.21
C SER E 17 -58.58 -36.90 19.36
N ASP E 18 -59.83 -36.61 19.02
CA ASP E 18 -60.90 -36.36 20.01
C ASP E 18 -61.31 -37.67 20.68
N ALA E 19 -60.80 -38.78 20.16
CA ALA E 19 -61.12 -40.09 20.70
C ALA E 19 -60.25 -40.47 21.89
N ARG E 20 -59.25 -39.65 22.22
CA ARG E 20 -58.37 -39.98 23.35
C ARG E 20 -59.14 -39.86 24.64
N ALA E 21 -58.76 -40.65 25.64
CA ALA E 21 -59.44 -40.65 26.92
C ALA E 21 -59.19 -39.37 27.72
N ASN E 22 -58.01 -38.78 27.58
CA ASN E 22 -57.73 -37.55 28.31
C ASN E 22 -58.22 -36.28 27.61
N ASN E 23 -59.53 -36.04 27.67
CA ASN E 23 -60.07 -34.83 27.07
C ASN E 23 -59.87 -33.64 28.02
N ALA E 24 -60.17 -32.43 27.56
CA ALA E 24 -59.96 -31.23 28.37
C ALA E 24 -60.53 -31.29 29.78
N LYS E 25 -61.77 -31.79 29.89
CA LYS E 25 -62.43 -31.89 31.18
C LYS E 25 -61.65 -32.82 32.10
N THR E 26 -61.20 -33.96 31.57
CA THR E 26 -60.44 -34.92 32.36
C THR E 26 -59.10 -34.33 32.83
N GLN E 27 -58.38 -33.66 31.94
CA GLN E 27 -57.09 -33.06 32.30
C GLN E 27 -57.26 -31.97 33.37
N SER E 28 -58.35 -31.21 33.30
CA SER E 28 -58.58 -30.16 34.29
C SER E 28 -58.78 -30.75 35.68
N GLN E 29 -59.06 -32.04 35.75
CA GLN E 29 -59.27 -32.70 37.02
C GLN E 29 -57.96 -33.16 37.68
N TYR E 30 -56.85 -33.02 36.97
CA TYR E 30 -55.56 -33.39 37.56
C TYR E 30 -54.49 -32.35 37.33
N GLN E 31 -54.89 -31.08 37.39
CA GLN E 31 -53.97 -29.97 37.21
C GLN E 31 -52.92 -29.94 38.32
N PRO E 32 -53.33 -30.19 39.57
CA PRO E 32 -52.37 -30.18 40.68
C PRO E 32 -51.22 -31.17 40.45
N TYR E 33 -51.57 -32.34 39.92
CA TYR E 33 -50.59 -33.40 39.62
C TYR E 33 -49.65 -32.90 38.53
N LYS E 34 -50.18 -32.16 37.55
CA LYS E 34 -49.36 -31.62 36.48
C LYS E 34 -48.37 -30.60 37.09
N ASP E 35 -48.80 -29.95 38.16
CA ASP E 35 -47.99 -28.94 38.83
C ASP E 35 -47.03 -29.53 39.85
N ALA E 36 -47.08 -30.83 40.06
CA ALA E 36 -46.24 -31.48 41.08
C ALA E 36 -44.95 -32.12 40.57
N ALA E 37 -44.22 -31.41 39.73
CA ALA E 37 -42.96 -31.93 39.18
C ALA E 37 -41.91 -32.20 40.26
N TRP E 38 -41.85 -31.33 41.26
CA TRP E 38 -40.91 -31.48 42.36
C TRP E 38 -41.45 -32.41 43.45
N GLY E 39 -42.68 -32.89 43.25
CA GLY E 39 -43.28 -33.82 44.20
C GLY E 39 -44.31 -33.26 45.16
N PHE E 40 -44.99 -34.17 45.86
CA PHE E 40 -45.99 -33.77 46.84
C PHE E 40 -45.27 -33.70 48.18
N ILE E 41 -45.29 -32.53 48.80
CA ILE E 41 -44.61 -32.35 50.07
C ILE E 41 -45.57 -32.58 51.25
N ASN E 42 -45.01 -32.71 52.45
CA ASN E 42 -45.81 -32.99 53.65
C ASN E 42 -46.31 -34.43 53.55
N HIS E 43 -45.38 -35.34 53.25
CA HIS E 43 -45.68 -36.77 53.13
C HIS E 43 -44.51 -37.60 53.64
N TRP E 44 -44.78 -38.86 53.98
CA TRP E 44 -43.73 -39.76 54.44
C TRP E 44 -43.08 -40.44 53.25
N TYR E 45 -41.75 -40.53 53.28
CA TYR E 45 -41.00 -41.16 52.22
C TYR E 45 -39.89 -41.99 52.84
N PRO E 46 -39.48 -43.07 52.16
CA PRO E 46 -38.40 -43.89 52.71
C PRO E 46 -37.14 -43.04 52.45
N ALA E 47 -36.26 -42.94 53.44
CA ALA E 47 -35.06 -42.15 53.31
C ALA E 47 -33.82 -43.01 53.10
N LEU E 48 -33.64 -44.00 53.97
CA LEU E 48 -32.50 -44.90 53.92
C LEU E 48 -32.85 -46.23 54.55
N PHE E 49 -32.09 -47.27 54.21
CA PHE E 49 -32.31 -48.56 54.84
C PHE E 49 -31.56 -48.43 56.15
N THR E 50 -31.97 -49.19 57.16
CA THR E 50 -31.31 -49.13 58.46
C THR E 50 -29.80 -49.38 58.36
N HIS E 51 -29.39 -50.29 57.48
CA HIS E 51 -27.98 -50.60 57.33
C HIS E 51 -27.16 -49.46 56.74
N GLU E 52 -27.84 -48.44 56.20
CA GLU E 52 -27.14 -47.29 55.62
C GLU E 52 -26.86 -46.20 56.64
N LEU E 53 -27.32 -46.42 57.87
CA LEU E 53 -27.09 -45.45 58.93
C LEU E 53 -26.87 -46.13 60.27
N GLU E 54 -25.60 -46.36 60.59
CA GLU E 54 -25.21 -47.00 61.83
C GLU E 54 -25.06 -45.96 62.93
N GLU E 55 -24.77 -46.43 64.14
CA GLU E 55 -24.60 -45.53 65.28
C GLU E 55 -23.54 -44.46 64.98
N ASP E 56 -23.89 -43.21 65.21
CA ASP E 56 -22.97 -42.09 64.99
C ASP E 56 -22.67 -41.77 63.53
N GLN E 57 -23.36 -42.44 62.62
CA GLN E 57 -23.14 -42.18 61.19
C GLN E 57 -24.02 -41.02 60.76
N VAL E 58 -23.49 -40.19 59.86
CA VAL E 58 -24.22 -39.04 59.34
C VAL E 58 -24.35 -39.21 57.83
N GLN E 59 -25.52 -38.89 57.29
CA GLN E 59 -25.75 -39.04 55.85
C GLN E 59 -26.67 -37.96 55.31
N GLY E 60 -26.32 -37.41 54.15
CA GLY E 60 -27.14 -36.39 53.52
C GLY E 60 -27.83 -36.94 52.29
N ILE E 61 -29.10 -36.55 52.10
CA ILE E 61 -29.90 -37.00 50.96
C ILE E 61 -30.72 -35.78 50.48
N GLN E 62 -31.62 -35.98 49.53
CA GLN E 62 -32.47 -34.89 49.03
C GLN E 62 -33.78 -35.50 48.57
N ILE E 63 -34.90 -34.96 49.06
CA ILE E 63 -36.23 -35.46 48.71
C ILE E 63 -37.16 -34.26 48.48
N CYS E 64 -37.90 -34.29 47.37
CA CYS E 64 -38.80 -33.19 47.01
C CYS E 64 -38.04 -31.87 46.94
N GLY E 65 -36.76 -31.95 46.57
CA GLY E 65 -35.94 -30.75 46.47
C GLY E 65 -35.38 -30.26 47.78
N VAL E 66 -35.78 -30.90 48.88
CA VAL E 66 -35.31 -30.52 50.22
C VAL E 66 -34.06 -31.31 50.66
N PRO E 67 -32.98 -30.60 51.00
CA PRO E 67 -31.72 -31.23 51.45
C PRO E 67 -31.92 -31.72 52.89
N ILE E 68 -31.72 -33.01 53.12
CA ILE E 68 -31.90 -33.57 54.45
C ILE E 68 -30.67 -34.31 54.95
N VAL E 69 -30.35 -34.12 56.22
CA VAL E 69 -29.22 -34.79 56.83
C VAL E 69 -29.75 -35.60 58.02
N LEU E 70 -29.36 -36.87 58.09
CA LEU E 70 -29.79 -37.76 59.17
C LEU E 70 -28.59 -38.24 59.99
N ARG E 71 -28.83 -38.47 61.27
CA ARG E 71 -27.79 -38.98 62.17
C ARG E 71 -28.45 -39.90 63.18
N ARG E 72 -27.77 -40.99 63.53
CA ARG E 72 -28.28 -41.92 64.52
C ARG E 72 -27.51 -41.74 65.81
N VAL E 73 -28.21 -41.43 66.90
CA VAL E 73 -27.59 -41.25 68.20
C VAL E 73 -28.32 -42.11 69.23
N ASN E 74 -27.57 -42.97 69.91
CA ASN E 74 -28.15 -43.86 70.91
C ASN E 74 -29.27 -44.69 70.30
N GLY E 75 -29.02 -45.19 69.09
CA GLY E 75 -30.00 -46.01 68.41
C GLY E 75 -31.12 -45.25 67.72
N LYS E 76 -31.29 -43.98 68.06
CA LYS E 76 -32.36 -43.18 67.47
C LYS E 76 -31.89 -42.28 66.33
N VAL E 77 -32.64 -42.28 65.23
CA VAL E 77 -32.32 -41.47 64.07
C VAL E 77 -33.02 -40.10 64.08
N PHE E 78 -32.27 -39.06 63.74
CA PHE E 78 -32.81 -37.71 63.68
C PHE E 78 -32.61 -37.15 62.28
N ALA E 79 -33.47 -36.24 61.86
CA ALA E 79 -33.34 -35.66 60.53
C ALA E 79 -33.60 -34.15 60.56
N LEU E 80 -32.65 -33.38 60.02
CA LEU E 80 -32.73 -31.93 59.95
C LEU E 80 -32.51 -31.48 58.51
N LYS E 81 -32.73 -30.20 58.22
CA LYS E 81 -32.48 -29.70 56.87
C LYS E 81 -30.97 -29.59 56.71
N ASP E 82 -30.46 -30.19 55.64
CA ASP E 82 -29.02 -30.21 55.36
C ASP E 82 -28.59 -28.88 54.74
N GLN E 83 -28.74 -27.81 55.50
CA GLN E 83 -28.37 -26.47 55.05
C GLN E 83 -28.11 -25.56 56.23
N CYS E 84 -26.84 -25.21 56.43
CA CYS E 84 -26.48 -24.32 57.52
C CYS E 84 -27.13 -22.96 57.24
N LEU E 85 -27.73 -22.33 58.24
CA LEU E 85 -28.37 -21.04 58.00
C LEU E 85 -27.39 -19.88 57.89
N HIS E 86 -26.13 -20.10 58.26
CA HIS E 86 -25.13 -19.04 58.16
C HIS E 86 -24.88 -18.74 56.69
N ARG E 87 -24.18 -19.63 55.99
CA ARG E 87 -23.90 -19.40 54.58
C ARG E 87 -24.26 -20.58 53.66
N GLY E 88 -25.32 -21.30 54.02
CA GLY E 88 -25.84 -22.40 53.22
C GLY E 88 -25.06 -23.66 52.92
N VAL E 89 -24.04 -23.97 53.71
CA VAL E 89 -23.24 -25.17 53.49
C VAL E 89 -24.02 -26.43 53.88
N ARG E 90 -23.76 -27.55 53.21
CA ARG E 90 -24.42 -28.79 53.55
C ARG E 90 -23.68 -29.42 54.72
N LEU E 91 -24.38 -29.52 55.85
CA LEU E 91 -23.79 -30.08 57.05
C LEU E 91 -23.25 -31.51 56.87
N SER E 92 -23.89 -32.28 56.00
CA SER E 92 -23.51 -33.67 55.76
C SER E 92 -22.21 -33.91 54.98
N GLU E 93 -21.67 -32.88 54.33
CA GLU E 93 -20.44 -33.07 53.56
C GLU E 93 -19.23 -33.42 54.38
N LYS E 94 -19.21 -33.03 55.65
CA LYS E 94 -18.10 -33.35 56.54
C LYS E 94 -18.71 -33.44 57.95
N PRO E 95 -19.34 -34.57 58.26
CA PRO E 95 -20.00 -34.83 59.54
C PRO E 95 -19.19 -34.37 60.75
N THR E 96 -19.71 -33.38 61.46
CA THR E 96 -19.04 -32.83 62.63
C THR E 96 -20.05 -32.70 63.76
N CYS E 97 -19.88 -33.51 64.80
CA CYS E 97 -20.79 -33.49 65.96
C CYS E 97 -19.99 -33.51 67.26
N PHE E 98 -20.27 -32.56 68.14
CA PHE E 98 -19.54 -32.48 69.41
C PHE E 98 -20.24 -33.13 70.59
N THR E 99 -21.55 -33.27 70.50
CA THR E 99 -22.30 -33.91 71.57
C THR E 99 -23.32 -34.90 71.00
N LYS E 100 -23.97 -35.65 71.88
CA LYS E 100 -24.95 -36.65 71.48
C LYS E 100 -26.26 -36.04 71.02
N SER E 101 -26.48 -34.76 71.32
CA SER E 101 -27.74 -34.10 70.97
C SER E 101 -27.62 -33.01 69.91
N THR E 102 -26.44 -32.86 69.32
CA THR E 102 -26.26 -31.83 68.31
C THR E 102 -25.53 -32.28 67.07
N ILE E 103 -25.48 -31.37 66.11
CA ILE E 103 -24.79 -31.58 64.84
C ILE E 103 -24.28 -30.18 64.47
N SER E 104 -23.02 -30.08 64.08
CA SER E 104 -22.45 -28.77 63.75
C SER E 104 -22.05 -28.60 62.30
N CYS E 105 -21.97 -27.34 61.87
CA CYS E 105 -21.54 -27.05 60.52
C CYS E 105 -20.02 -27.05 60.59
N TRP E 106 -19.39 -27.76 59.66
CA TRP E 106 -17.95 -27.89 59.62
C TRP E 106 -17.19 -26.65 59.15
N TYR E 107 -17.91 -25.58 58.82
CA TYR E 107 -17.22 -24.37 58.38
C TYR E 107 -16.97 -23.42 59.55
N HIS E 108 -18.02 -22.79 60.07
CA HIS E 108 -17.86 -21.87 61.20
C HIS E 108 -18.42 -22.38 62.52
N GLY E 109 -18.92 -23.61 62.55
CA GLY E 109 -19.42 -24.14 63.80
C GLY E 109 -20.83 -23.81 64.25
N PHE E 110 -21.70 -23.32 63.36
CA PHE E 110 -23.08 -23.05 63.77
C PHE E 110 -23.56 -24.43 64.22
N THR E 111 -24.13 -24.51 65.42
CA THR E 111 -24.56 -25.80 65.97
C THR E 111 -26.05 -25.91 66.22
N PHE E 112 -26.63 -27.06 65.86
CA PHE E 112 -28.06 -27.25 66.02
C PHE E 112 -28.47 -28.44 66.87
N ASP E 113 -29.59 -28.28 67.57
CA ASP E 113 -30.13 -29.33 68.43
C ASP E 113 -30.82 -30.34 67.52
N LEU E 114 -30.44 -31.62 67.64
CA LEU E 114 -31.04 -32.66 66.79
C LEU E 114 -32.55 -32.75 66.94
N GLU E 115 -33.04 -32.61 68.17
CA GLU E 115 -34.45 -32.71 68.49
C GLU E 115 -35.31 -31.57 67.93
N THR E 116 -34.92 -30.33 68.24
CA THR E 116 -35.70 -29.17 67.80
C THR E 116 -35.15 -28.41 66.59
N GLY E 117 -33.88 -28.60 66.29
CA GLY E 117 -33.27 -27.90 65.17
C GLY E 117 -32.84 -26.49 65.54
N LYS E 118 -33.07 -26.08 66.78
CA LYS E 118 -32.71 -24.75 67.23
C LYS E 118 -31.19 -24.54 67.20
N LEU E 119 -30.78 -23.32 66.89
CA LEU E 119 -29.37 -22.95 66.86
C LEU E 119 -28.97 -22.78 68.33
N VAL E 120 -28.34 -23.79 68.91
CA VAL E 120 -27.94 -23.74 70.32
C VAL E 120 -26.67 -22.97 70.63
N THR E 121 -25.81 -22.80 69.63
CA THR E 121 -24.57 -22.04 69.83
C THR E 121 -23.79 -21.99 68.53
N ILE E 122 -22.66 -21.29 68.58
CA ILE E 122 -21.74 -21.16 67.44
C ILE E 122 -20.35 -21.37 68.02
N VAL E 123 -19.71 -22.46 67.62
CA VAL E 123 -18.38 -22.80 68.11
C VAL E 123 -17.43 -21.61 68.21
N ALA E 124 -17.36 -20.82 67.14
CA ALA E 124 -16.45 -19.67 67.12
C ALA E 124 -17.01 -18.36 67.71
N ASN E 125 -18.24 -18.39 68.22
CA ASN E 125 -18.83 -17.18 68.75
C ASN E 125 -20.01 -17.55 69.65
N PRO E 126 -19.73 -18.16 70.81
CA PRO E 126 -20.73 -18.58 71.79
C PRO E 126 -21.65 -17.52 72.38
N GLU E 127 -21.36 -16.25 72.13
CA GLU E 127 -22.18 -15.18 72.69
C GLU E 127 -22.91 -14.33 71.68
N ASP E 128 -22.87 -14.74 70.40
CA ASP E 128 -23.55 -13.97 69.36
C ASP E 128 -25.05 -13.90 69.63
N LYS E 129 -25.64 -12.74 69.33
CA LYS E 129 -27.06 -12.53 69.58
C LYS E 129 -27.99 -13.35 68.70
N LEU E 130 -27.44 -13.94 67.64
CA LEU E 130 -28.24 -14.75 66.73
C LEU E 130 -28.65 -16.08 67.37
N ILE E 131 -27.79 -16.59 68.25
CA ILE E 131 -28.03 -17.85 68.94
C ILE E 131 -29.40 -17.93 69.61
N GLY E 132 -30.09 -19.04 69.39
CA GLY E 132 -31.40 -19.23 69.99
C GLY E 132 -32.56 -18.49 69.33
N THR E 133 -32.26 -17.55 68.43
CA THR E 133 -33.31 -16.77 67.78
C THR E 133 -33.84 -17.44 66.51
N THR E 134 -33.23 -18.57 66.13
CA THR E 134 -33.65 -19.29 64.94
C THR E 134 -33.12 -20.73 64.96
N GLY E 135 -33.26 -21.44 63.85
CA GLY E 135 -32.80 -22.82 63.74
C GLY E 135 -33.17 -23.44 62.41
N VAL E 136 -32.81 -24.71 62.21
CA VAL E 136 -33.16 -25.37 60.95
C VAL E 136 -34.40 -26.24 61.09
N THR E 137 -35.02 -26.57 59.95
CA THR E 137 -36.22 -27.40 59.97
C THR E 137 -35.89 -28.82 60.41
N THR E 138 -36.80 -29.43 61.18
CA THR E 138 -36.61 -30.81 61.63
C THR E 138 -37.62 -31.64 60.86
N TYR E 139 -37.30 -32.89 60.63
CA TYR E 139 -38.21 -33.77 59.91
C TYR E 139 -38.48 -35.05 60.72
N PRO E 140 -39.75 -35.25 61.13
CA PRO E 140 -40.08 -36.45 61.91
C PRO E 140 -39.64 -37.75 61.25
N VAL E 141 -39.05 -38.63 62.05
CA VAL E 141 -38.56 -39.91 61.55
C VAL E 141 -39.32 -41.06 62.17
N HIS E 142 -39.48 -42.13 61.40
CA HIS E 142 -40.17 -43.33 61.85
C HIS E 142 -39.40 -44.50 61.26
N GLU E 143 -38.59 -45.15 62.10
CA GLU E 143 -37.81 -46.30 61.66
C GLU E 143 -38.51 -47.61 62.03
N VAL E 144 -38.67 -48.51 61.07
CA VAL E 144 -39.36 -49.76 61.34
C VAL E 144 -38.87 -50.87 60.42
N ASN E 145 -38.63 -52.04 61.01
CA ASN E 145 -38.17 -53.23 60.30
C ASN E 145 -37.17 -53.04 59.16
N GLY E 146 -36.09 -52.31 59.45
CA GLY E 146 -35.04 -52.08 58.46
C GLY E 146 -35.22 -50.92 57.51
N MET E 147 -36.31 -50.16 57.68
CA MET E 147 -36.59 -49.00 56.84
C MET E 147 -36.61 -47.73 57.69
N ILE E 148 -36.02 -46.67 57.16
CA ILE E 148 -36.01 -45.37 57.84
C ILE E 148 -36.87 -44.40 57.00
N PHE E 149 -38.08 -44.12 57.49
CA PHE E 149 -38.99 -43.20 56.81
C PHE E 149 -38.87 -41.81 57.40
N VAL E 150 -39.04 -40.80 56.56
CA VAL E 150 -38.96 -39.42 57.02
C VAL E 150 -40.17 -38.65 56.51
N PHE E 151 -40.69 -37.76 57.35
CA PHE E 151 -41.83 -36.96 56.93
C PHE E 151 -41.25 -35.67 56.33
N VAL E 152 -41.18 -35.60 55.00
CA VAL E 152 -40.64 -34.43 54.32
C VAL E 152 -41.75 -33.39 54.29
N ARG E 153 -41.53 -32.26 54.98
CA ARG E 153 -42.56 -31.23 55.08
C ARG E 153 -42.05 -29.81 54.81
N GLU E 154 -42.99 -28.89 54.61
CA GLU E 154 -42.66 -27.49 54.39
C GLU E 154 -42.21 -26.94 55.74
N ASP E 155 -41.39 -25.89 55.69
CA ASP E 155 -40.86 -25.29 56.91
C ASP E 155 -41.90 -24.92 57.96
N ASP E 156 -43.08 -24.51 57.52
CA ASP E 156 -44.14 -24.12 58.46
C ASP E 156 -45.22 -25.15 58.75
N PHE E 157 -45.01 -26.40 58.33
CA PHE E 157 -45.99 -27.44 58.58
C PHE E 157 -45.86 -27.81 60.06
N PRO E 158 -46.90 -27.54 60.88
CA PRO E 158 -46.93 -27.82 62.31
C PRO E 158 -46.64 -29.26 62.75
N ASP E 159 -45.98 -29.39 63.89
CA ASP E 159 -45.66 -30.70 64.44
C ASP E 159 -46.96 -31.45 64.76
N GLU E 160 -47.93 -30.74 65.33
CA GLU E 160 -49.20 -31.34 65.71
C GLU E 160 -50.03 -31.87 64.54
N ASP E 161 -49.69 -31.44 63.33
CA ASP E 161 -50.42 -31.86 62.15
C ASP E 161 -49.79 -33.05 61.43
N VAL E 162 -48.63 -33.51 61.89
CA VAL E 162 -47.97 -34.65 61.26
C VAL E 162 -48.78 -35.93 61.48
N PRO E 163 -49.20 -36.58 60.38
CA PRO E 163 -49.99 -37.81 60.44
C PRO E 163 -49.18 -39.09 60.68
N PRO E 164 -49.88 -40.20 60.98
CA PRO E 164 -49.21 -41.49 61.21
C PRO E 164 -48.59 -42.00 59.92
N LEU E 165 -47.45 -42.69 60.04
CA LEU E 165 -46.78 -43.26 58.88
C LEU E 165 -47.74 -44.10 58.05
N ALA E 166 -48.55 -44.90 58.73
CA ALA E 166 -49.53 -45.77 58.07
C ALA E 166 -50.40 -45.08 57.03
N HIS E 167 -50.73 -43.82 57.26
CA HIS E 167 -51.57 -43.08 56.31
C HIS E 167 -50.89 -42.90 54.95
N ASP E 168 -49.57 -43.06 54.93
CA ASP E 168 -48.82 -42.91 53.69
C ASP E 168 -48.18 -44.24 53.24
N LEU E 169 -48.74 -45.34 53.71
CA LEU E 169 -48.28 -46.68 53.34
C LEU E 169 -49.46 -47.43 52.72
N PRO E 170 -49.18 -48.50 51.97
CA PRO E 170 -50.30 -49.23 51.35
C PRO E 170 -51.32 -49.86 52.30
N PHE E 171 -52.49 -50.21 51.76
CA PHE E 171 -53.56 -50.83 52.54
C PHE E 171 -53.04 -52.10 53.20
N ARG E 172 -53.47 -52.35 54.43
CA ARG E 172 -53.02 -53.51 55.19
C ARG E 172 -53.96 -54.72 55.19
N PHE E 173 -53.37 -55.92 55.22
CA PHE E 173 -54.15 -57.16 55.27
C PHE E 173 -53.55 -57.94 56.47
N PRO E 174 -54.39 -58.75 57.16
CA PRO E 174 -55.83 -59.00 56.86
C PRO E 174 -56.81 -57.88 57.27
N GLU E 175 -56.28 -56.83 57.90
CA GLU E 175 -57.14 -55.74 58.35
C GLU E 175 -58.20 -55.34 57.32
N ARG E 176 -57.82 -55.27 56.05
CA ARG E 176 -58.77 -54.87 55.03
C ARG E 176 -59.12 -55.97 54.02
N SER E 177 -58.98 -57.23 54.44
CA SER E 177 -59.29 -58.35 53.57
C SER E 177 -60.77 -58.33 53.17
N GLU E 178 -61.62 -57.87 54.08
CA GLU E 178 -63.06 -57.81 53.81
C GLU E 178 -63.35 -56.75 52.76
N GLN E 179 -62.69 -55.61 52.88
CA GLN E 179 -62.87 -54.51 51.94
C GLN E 179 -62.30 -54.82 50.56
N PHE E 180 -61.19 -55.55 50.52
CA PHE E 180 -60.54 -55.93 49.27
C PHE E 180 -60.29 -57.44 49.26
N PRO E 181 -61.36 -58.23 49.05
CA PRO E 181 -61.30 -59.69 49.01
C PRO E 181 -60.24 -60.26 48.07
N HIS E 182 -59.50 -61.25 48.55
CA HIS E 182 -58.44 -61.89 47.78
C HIS E 182 -58.44 -63.40 47.98
N PRO E 183 -59.47 -64.08 47.44
CA PRO E 183 -59.60 -65.53 47.57
C PRO E 183 -58.50 -66.34 46.89
N LEU E 184 -57.76 -65.73 45.96
CA LEU E 184 -56.71 -66.44 45.25
C LEU E 184 -55.32 -66.43 45.87
N TRP E 185 -55.16 -65.75 47.00
CA TRP E 185 -53.85 -65.70 47.64
C TRP E 185 -53.93 -65.27 49.10
N PRO E 186 -52.94 -65.68 49.91
CA PRO E 186 -52.95 -65.29 51.33
C PRO E 186 -52.59 -63.82 51.50
N SER E 187 -52.94 -63.26 52.64
CA SER E 187 -52.68 -61.86 52.95
C SER E 187 -51.23 -61.42 52.79
N SER E 188 -51.04 -60.22 52.23
CA SER E 188 -49.71 -59.64 52.04
C SER E 188 -49.34 -58.93 53.34
N PRO E 189 -48.08 -59.08 53.78
CA PRO E 189 -47.64 -58.41 55.02
C PRO E 189 -47.30 -56.95 54.77
N SER E 190 -47.21 -56.18 55.86
CA SER E 190 -46.88 -54.76 55.78
C SER E 190 -45.53 -54.56 56.42
N VAL E 191 -44.84 -53.48 56.05
CA VAL E 191 -43.53 -53.18 56.63
C VAL E 191 -43.73 -52.93 58.12
N LEU E 192 -44.95 -52.58 58.50
CA LEU E 192 -45.32 -52.30 59.88
C LEU E 192 -45.54 -53.55 60.73
N ASP E 193 -45.76 -54.69 60.07
CA ASP E 193 -46.02 -55.95 60.77
C ASP E 193 -44.87 -56.48 61.61
N ASP E 194 -45.19 -57.07 62.75
CA ASP E 194 -44.17 -57.63 63.63
C ASP E 194 -43.50 -58.78 62.89
N ASN E 195 -42.18 -58.85 63.02
CA ASN E 195 -41.40 -59.89 62.37
C ASN E 195 -41.43 -59.80 60.85
N ALA E 196 -41.81 -58.65 60.32
CA ALA E 196 -41.79 -58.48 58.88
C ALA E 196 -40.33 -58.21 58.55
N VAL E 197 -39.82 -58.87 57.50
CA VAL E 197 -38.44 -58.65 57.10
C VAL E 197 -38.41 -57.96 55.74
N VAL E 198 -37.48 -57.03 55.57
CA VAL E 198 -37.35 -56.28 54.34
C VAL E 198 -36.00 -56.50 53.67
N HIS E 199 -36.03 -56.74 52.35
CA HIS E 199 -34.83 -56.92 51.55
C HIS E 199 -35.10 -56.15 50.28
N GLY E 200 -34.13 -55.39 49.81
CA GLY E 200 -34.35 -54.63 48.60
C GLY E 200 -33.25 -53.66 48.26
N MET E 201 -33.57 -52.66 47.46
CA MET E 201 -32.57 -51.69 47.03
C MET E 201 -33.24 -50.42 46.53
N HIS E 202 -32.46 -49.36 46.42
CA HIS E 202 -32.99 -48.12 45.85
C HIS E 202 -31.91 -47.55 44.93
N ARG E 203 -32.33 -47.13 43.75
CA ARG E 203 -31.41 -46.61 42.75
C ARG E 203 -31.91 -45.29 42.17
N THR E 204 -31.00 -44.37 41.94
CA THR E 204 -31.38 -43.09 41.38
C THR E 204 -31.87 -43.32 39.97
N GLY E 205 -33.03 -42.75 39.66
CA GLY E 205 -33.62 -42.86 38.34
C GLY E 205 -33.50 -41.53 37.62
N PHE E 206 -33.24 -41.56 36.32
CA PHE E 206 -33.10 -40.33 35.57
C PHE E 206 -34.37 -39.99 34.82
N GLY E 207 -35.08 -39.03 35.41
CA GLY E 207 -36.34 -38.57 34.88
C GLY E 207 -37.25 -38.19 36.04
N ASN E 208 -38.37 -37.57 35.72
CA ASN E 208 -39.35 -37.13 36.70
C ASN E 208 -40.01 -38.31 37.40
N TRP E 209 -40.29 -38.14 38.70
CA TRP E 209 -40.91 -39.18 39.51
C TRP E 209 -42.29 -39.67 39.06
N ARG E 210 -43.11 -38.78 38.48
CA ARG E 210 -44.46 -39.14 38.06
C ARG E 210 -44.47 -40.19 36.96
N ILE E 211 -43.55 -40.05 36.01
CA ILE E 211 -43.45 -40.97 34.89
C ILE E 211 -43.05 -42.36 35.38
N ALA E 212 -42.16 -42.40 36.36
CA ALA E 212 -41.71 -43.66 36.94
C ALA E 212 -42.84 -44.34 37.70
N CYS E 213 -43.51 -43.56 38.55
CA CYS E 213 -44.62 -44.06 39.36
C CYS E 213 -45.71 -44.70 38.54
N GLU E 214 -46.19 -44.01 37.50
CA GLU E 214 -47.26 -44.58 36.66
C GLU E 214 -46.85 -45.89 35.98
N ASN E 215 -45.58 -46.02 35.61
CA ASN E 215 -45.14 -47.26 34.97
C ASN E 215 -45.22 -48.40 36.00
N GLY E 216 -45.07 -48.05 37.27
CA GLY E 216 -45.12 -49.05 38.33
C GLY E 216 -46.38 -49.86 38.38
N PHE E 217 -47.54 -49.22 38.24
CA PHE E 217 -48.80 -49.94 38.28
C PHE E 217 -49.51 -50.09 36.95
N ASP E 218 -48.77 -49.91 35.85
CA ASP E 218 -49.35 -50.06 34.51
C ASP E 218 -49.73 -51.54 34.37
N ASN E 219 -50.93 -51.82 33.87
CA ASN E 219 -51.38 -53.19 33.75
C ASN E 219 -51.11 -53.83 32.39
N ALA E 220 -50.80 -53.03 31.39
CA ALA E 220 -50.62 -53.58 30.05
C ALA E 220 -49.34 -53.26 29.28
N HIS E 221 -48.22 -53.85 29.69
CA HIS E 221 -46.98 -53.61 28.95
C HIS E 221 -46.16 -54.89 28.83
N ILE E 222 -46.77 -55.90 28.21
CA ILE E 222 -46.14 -57.19 28.00
C ILE E 222 -44.85 -57.12 27.18
N LEU E 223 -44.84 -56.27 26.16
CA LEU E 223 -43.66 -56.12 25.31
C LEU E 223 -42.40 -55.77 26.08
N VAL E 224 -42.59 -55.13 27.23
CA VAL E 224 -41.48 -54.72 28.09
C VAL E 224 -40.85 -55.89 28.82
N HIS E 225 -41.68 -56.84 29.24
CA HIS E 225 -41.20 -57.99 30.01
C HIS E 225 -41.22 -59.36 29.33
N LYS E 226 -41.76 -59.42 28.11
CA LYS E 226 -41.84 -60.68 27.38
C LYS E 226 -40.53 -61.47 27.27
N ASP E 227 -39.40 -60.78 27.19
CA ASP E 227 -38.11 -61.46 27.05
C ASP E 227 -37.39 -61.73 28.36
N ASN E 228 -37.98 -61.30 29.48
CA ASN E 228 -37.33 -61.50 30.78
C ASN E 228 -37.13 -62.97 31.06
N THR E 229 -35.97 -63.33 31.62
CA THR E 229 -35.68 -64.74 31.90
C THR E 229 -36.65 -65.43 32.86
N ILE E 230 -37.12 -64.73 33.89
CA ILE E 230 -38.04 -65.36 34.82
C ILE E 230 -39.31 -65.83 34.08
N VAL E 231 -39.74 -65.05 33.10
CA VAL E 231 -40.91 -65.40 32.30
C VAL E 231 -40.72 -66.75 31.60
N HIS E 232 -39.55 -66.95 31.03
CA HIS E 232 -39.28 -68.19 30.32
C HIS E 232 -38.87 -69.34 31.21
N ALA E 233 -38.22 -69.04 32.33
CA ALA E 233 -37.80 -70.08 33.26
C ALA E 233 -39.03 -70.67 33.94
N MET E 234 -40.06 -69.85 34.14
CA MET E 234 -41.29 -70.30 34.78
C MET E 234 -42.32 -70.82 33.78
N ASP E 235 -41.98 -70.79 32.49
CA ASP E 235 -42.88 -71.24 31.44
C ASP E 235 -44.17 -70.43 31.44
N TRP E 236 -44.06 -69.13 31.68
CA TRP E 236 -45.22 -68.27 31.71
C TRP E 236 -45.65 -67.89 30.30
N VAL E 237 -46.93 -67.66 30.13
CA VAL E 237 -47.50 -67.24 28.84
C VAL E 237 -48.39 -66.05 29.20
N LEU E 238 -47.82 -64.86 29.09
CA LEU E 238 -48.53 -63.64 29.42
C LEU E 238 -49.55 -63.25 28.36
N PRO E 239 -50.57 -62.46 28.75
CA PRO E 239 -51.61 -61.99 27.83
C PRO E 239 -51.07 -60.76 27.11
N LEU E 240 -51.62 -60.43 25.95
CA LEU E 240 -51.18 -59.26 25.21
C LEU E 240 -51.51 -58.00 26.02
N GLY E 241 -52.46 -58.13 26.95
CA GLY E 241 -52.85 -56.99 27.75
C GLY E 241 -54.03 -57.33 28.66
N LEU E 242 -54.43 -56.34 29.45
CA LEU E 242 -55.54 -56.46 30.40
C LEU E 242 -56.49 -55.29 30.20
N LEU E 243 -57.76 -55.56 29.98
CA LEU E 243 -58.74 -54.49 29.75
C LEU E 243 -59.78 -54.37 30.83
N PRO E 244 -60.14 -53.13 31.17
CA PRO E 244 -61.18 -52.93 32.19
C PRO E 244 -62.52 -53.25 31.49
N THR E 245 -63.35 -54.06 32.14
CA THR E 245 -64.63 -54.44 31.54
C THR E 245 -65.77 -53.67 32.18
N SER E 246 -65.45 -52.98 33.26
CA SER E 246 -66.46 -52.25 33.98
C SER E 246 -65.97 -50.89 34.45
N ASP E 247 -66.93 -50.03 34.77
CA ASP E 247 -66.62 -48.68 35.22
C ASP E 247 -65.99 -48.67 36.59
N ASP E 248 -66.30 -49.69 37.38
CA ASP E 248 -65.78 -49.81 38.74
C ASP E 248 -64.67 -50.84 38.84
N CYS E 249 -63.85 -50.92 37.80
CA CYS E 249 -62.73 -51.86 37.77
C CYS E 249 -61.66 -51.48 38.80
N ILE E 250 -61.76 -50.25 39.29
CA ILE E 250 -60.83 -49.72 40.28
C ILE E 250 -61.62 -49.11 41.43
N ALA E 251 -61.17 -49.34 42.67
CA ALA E 251 -61.84 -48.80 43.84
C ALA E 251 -60.98 -47.68 44.41
N VAL E 252 -61.58 -46.52 44.61
CA VAL E 252 -60.87 -45.37 45.16
C VAL E 252 -61.21 -45.29 46.65
N VAL E 253 -60.18 -45.22 47.48
CA VAL E 253 -60.36 -45.14 48.92
C VAL E 253 -59.85 -43.78 49.37
N GLU E 254 -60.69 -43.04 50.10
CA GLU E 254 -60.27 -41.72 50.52
C GLU E 254 -60.88 -41.22 51.83
N ASP E 255 -61.17 -42.12 52.77
CA ASP E 255 -61.72 -41.63 54.04
C ASP E 255 -60.67 -40.75 54.69
N ASP E 256 -60.59 -40.74 56.02
CA ASP E 256 -59.59 -39.88 56.63
C ASP E 256 -58.58 -40.64 57.46
N ASP E 257 -59.05 -41.65 58.16
CA ASP E 257 -58.15 -42.43 58.96
C ASP E 257 -57.69 -43.62 58.13
N GLY E 258 -56.72 -43.36 57.27
CA GLY E 258 -56.20 -44.41 56.42
C GLY E 258 -55.54 -43.85 55.17
N PRO E 259 -54.95 -44.72 54.33
CA PRO E 259 -54.28 -44.29 53.10
C PRO E 259 -55.25 -43.78 52.04
N LYS E 260 -54.78 -42.84 51.22
CA LYS E 260 -55.58 -42.30 50.13
C LYS E 260 -55.02 -42.92 48.85
N GLY E 261 -55.80 -43.78 48.20
CA GLY E 261 -55.32 -44.39 46.98
C GLY E 261 -56.37 -45.18 46.23
N MET E 262 -55.93 -46.14 45.43
CA MET E 262 -56.85 -46.96 44.65
C MET E 262 -56.44 -48.43 44.62
N MET E 263 -57.44 -49.31 44.63
CA MET E 263 -57.21 -50.74 44.56
C MET E 263 -57.74 -51.22 43.22
N GLN E 264 -56.90 -51.90 42.46
CA GLN E 264 -57.31 -52.42 41.15
C GLN E 264 -57.75 -53.87 41.34
N TRP E 265 -59.01 -54.14 40.98
CA TRP E 265 -59.57 -55.49 41.12
C TRP E 265 -59.03 -56.48 40.12
N LEU E 266 -57.72 -56.75 40.19
CA LEU E 266 -57.12 -57.70 39.28
C LEU E 266 -57.60 -59.11 39.59
N PHE E 267 -57.63 -59.94 38.56
CA PHE E 267 -58.08 -61.32 38.64
C PHE E 267 -59.52 -61.52 39.11
N THR E 268 -60.40 -60.65 38.60
CA THR E 268 -61.84 -60.72 38.85
C THR E 268 -62.39 -60.48 37.46
N ASP E 269 -63.71 -60.50 37.26
CA ASP E 269 -64.19 -60.26 35.90
C ASP E 269 -64.14 -58.79 35.48
N LYS E 270 -63.66 -57.93 36.36
CA LYS E 270 -63.56 -56.51 36.06
C LYS E 270 -62.36 -56.21 35.16
N TRP E 271 -61.46 -57.19 35.05
CA TRP E 271 -60.28 -57.04 34.19
C TRP E 271 -60.11 -58.30 33.34
N ALA E 272 -60.29 -58.15 32.04
CA ALA E 272 -60.18 -59.28 31.11
C ALA E 272 -58.90 -59.27 30.28
N PRO E 273 -58.20 -60.40 30.21
CA PRO E 273 -56.97 -60.47 29.43
C PRO E 273 -57.26 -60.52 27.94
N VAL E 274 -56.37 -59.93 27.16
CA VAL E 274 -56.48 -59.91 25.71
C VAL E 274 -55.58 -61.01 25.18
N LEU E 275 -56.13 -61.95 24.44
CA LEU E 275 -55.34 -63.06 23.92
C LEU E 275 -55.01 -62.98 22.44
N GLU E 276 -55.50 -61.97 21.74
CA GLU E 276 -55.18 -61.88 20.32
C GLU E 276 -55.33 -60.49 19.71
N ASN E 277 -54.77 -60.36 18.51
CA ASN E 277 -54.81 -59.13 17.73
C ASN E 277 -55.00 -59.57 16.29
N GLN E 278 -56.24 -59.57 15.84
CA GLN E 278 -56.56 -60.00 14.48
C GLN E 278 -55.87 -59.18 13.40
N GLU E 279 -55.67 -57.89 13.65
CA GLU E 279 -55.03 -57.01 12.68
C GLU E 279 -53.59 -57.43 12.42
N LEU E 280 -52.87 -57.75 13.48
CA LEU E 280 -51.46 -58.15 13.37
C LEU E 280 -51.30 -59.66 13.26
N GLY E 281 -52.42 -60.39 13.40
CA GLY E 281 -52.36 -61.84 13.32
C GLY E 281 -51.64 -62.46 14.49
N LEU E 282 -51.85 -61.90 15.69
CA LEU E 282 -51.23 -62.41 16.89
C LEU E 282 -52.25 -63.17 17.70
N LYS E 283 -51.79 -64.18 18.43
CA LYS E 283 -52.68 -64.99 19.22
C LYS E 283 -51.96 -65.82 20.28
N VAL E 284 -52.41 -65.67 21.53
CA VAL E 284 -51.84 -66.39 22.66
C VAL E 284 -52.78 -67.53 23.07
N GLU E 285 -52.23 -68.71 23.35
CA GLU E 285 -53.05 -69.85 23.77
C GLU E 285 -52.88 -70.09 25.26
N GLY E 286 -52.84 -71.35 25.69
CA GLY E 286 -52.67 -71.68 27.10
C GLY E 286 -51.91 -70.65 27.93
N LEU E 287 -52.60 -69.69 28.53
CA LEU E 287 -51.91 -68.68 29.32
C LEU E 287 -51.54 -69.19 30.72
N LYS E 288 -50.26 -69.01 31.05
CA LYS E 288 -49.71 -69.41 32.34
C LYS E 288 -49.13 -68.18 33.00
N GLY E 289 -49.39 -68.04 34.30
CA GLY E 289 -48.85 -66.89 34.97
C GLY E 289 -48.88 -67.01 36.46
N ARG E 290 -49.03 -65.86 37.08
CA ARG E 290 -49.02 -65.75 38.51
C ARG E 290 -50.19 -64.88 38.97
N HIS E 291 -50.75 -65.19 40.13
CA HIS E 291 -51.83 -64.37 40.67
C HIS E 291 -51.18 -63.24 41.47
N TYR E 292 -51.58 -62.01 41.23
CA TYR E 292 -51.02 -60.86 41.94
C TYR E 292 -52.00 -59.69 41.84
N ARG E 293 -51.78 -58.65 42.63
CA ARG E 293 -52.66 -57.49 42.58
C ARG E 293 -51.93 -56.21 42.96
N THR E 294 -52.07 -55.19 42.12
CA THR E 294 -51.44 -53.90 42.34
C THR E 294 -52.42 -52.84 42.80
N SER E 295 -51.92 -51.94 43.64
CA SER E 295 -52.68 -50.81 44.15
C SER E 295 -51.65 -49.70 44.35
N VAL E 296 -52.12 -48.45 44.46
CA VAL E 296 -51.20 -47.33 44.68
C VAL E 296 -51.85 -46.25 45.54
N VAL E 297 -51.09 -45.77 46.53
CA VAL E 297 -51.58 -44.73 47.41
C VAL E 297 -50.59 -43.57 47.48
N LEU E 298 -51.06 -42.41 47.93
CA LEU E 298 -50.19 -41.25 48.07
C LEU E 298 -49.12 -41.58 49.11
N PRO E 299 -47.91 -41.01 48.96
CA PRO E 299 -47.48 -40.08 47.90
C PRO E 299 -47.07 -40.73 46.58
N GLY E 300 -47.34 -42.02 46.43
CA GLY E 300 -46.98 -42.72 45.21
C GLY E 300 -46.29 -44.03 45.56
N VAL E 301 -47.00 -44.87 46.31
CA VAL E 301 -46.46 -46.14 46.77
C VAL E 301 -47.17 -47.33 46.14
N LEU E 302 -46.41 -48.19 45.48
CA LEU E 302 -46.97 -49.38 44.86
C LEU E 302 -46.92 -50.59 45.77
N MET E 303 -47.95 -51.42 45.67
CA MET E 303 -47.99 -52.66 46.42
C MET E 303 -48.38 -53.75 45.43
N VAL E 304 -47.58 -54.81 45.36
CA VAL E 304 -47.85 -55.92 44.48
C VAL E 304 -48.06 -57.16 45.34
N GLU E 305 -49.32 -57.45 45.67
CA GLU E 305 -49.65 -58.60 46.49
C GLU E 305 -49.30 -59.92 45.79
N ASN E 306 -48.89 -60.91 46.59
CA ASN E 306 -48.54 -62.24 46.10
C ASN E 306 -47.43 -62.24 45.05
N TRP E 307 -46.41 -61.40 45.25
CA TRP E 307 -45.32 -61.31 44.30
C TRP E 307 -44.00 -61.15 45.05
N PRO E 308 -42.96 -61.90 44.65
CA PRO E 308 -42.98 -62.88 43.55
C PRO E 308 -43.54 -64.26 43.90
N GLU E 309 -43.83 -64.48 45.17
CA GLU E 309 -44.36 -65.76 45.64
C GLU E 309 -45.32 -65.53 46.79
N GLU E 310 -46.07 -66.57 47.17
CA GLU E 310 -47.02 -66.44 48.26
C GLU E 310 -46.37 -65.98 49.54
N HIS E 311 -47.10 -65.15 50.29
CA HIS E 311 -46.62 -64.59 51.56
C HIS E 311 -45.56 -63.51 51.37
N VAL E 312 -45.20 -63.26 50.12
CA VAL E 312 -44.21 -62.24 49.80
C VAL E 312 -44.90 -61.11 49.04
N VAL E 313 -44.46 -59.88 49.28
CA VAL E 313 -45.05 -58.73 48.61
C VAL E 313 -43.97 -57.74 48.22
N GLN E 314 -44.20 -57.04 47.12
CA GLN E 314 -43.25 -56.06 46.64
C GLN E 314 -43.83 -54.66 46.77
N TYR E 315 -43.03 -53.75 47.32
CA TYR E 315 -43.43 -52.37 47.48
C TYR E 315 -42.43 -51.54 46.69
N GLU E 316 -42.90 -50.43 46.14
CA GLU E 316 -42.02 -49.55 45.38
C GLU E 316 -42.38 -48.10 45.68
N TRP E 317 -41.36 -47.25 45.64
CA TRP E 317 -41.49 -45.82 45.88
C TRP E 317 -40.75 -45.17 44.74
N TYR E 318 -41.17 -43.95 44.39
CA TYR E 318 -40.55 -43.20 43.31
C TYR E 318 -40.37 -41.81 43.90
N VAL E 319 -39.44 -41.73 44.86
CA VAL E 319 -39.15 -40.52 45.60
C VAL E 319 -38.51 -39.39 44.81
N PRO E 320 -39.21 -38.24 44.71
CA PRO E 320 -38.65 -37.10 43.97
C PRO E 320 -37.39 -36.60 44.66
N ILE E 321 -36.36 -36.31 43.86
CA ILE E 321 -35.11 -35.75 44.39
C ILE E 321 -35.18 -34.29 43.95
N THR E 322 -35.24 -34.10 42.63
CA THR E 322 -35.38 -32.78 42.02
C THR E 322 -36.61 -32.98 41.11
N ASP E 323 -36.76 -32.11 40.12
CA ASP E 323 -37.91 -32.28 39.22
C ASP E 323 -37.56 -33.20 38.05
N ASP E 324 -36.31 -33.65 37.94
CA ASP E 324 -35.97 -34.57 36.85
C ASP E 324 -35.14 -35.80 37.27
N THR E 325 -35.17 -36.12 38.56
CA THR E 325 -34.51 -37.31 39.09
C THR E 325 -35.33 -37.81 40.27
N HIS E 326 -35.27 -39.11 40.54
CA HIS E 326 -36.00 -39.67 41.67
C HIS E 326 -35.22 -40.86 42.20
N GLU E 327 -35.60 -41.35 43.37
CA GLU E 327 -34.94 -42.51 43.94
C GLU E 327 -35.98 -43.63 43.88
N TYR E 328 -35.70 -44.62 43.04
CA TYR E 328 -36.59 -45.76 42.83
C TYR E 328 -36.31 -46.88 43.82
N TRP E 329 -37.28 -47.12 44.71
CA TRP E 329 -37.14 -48.17 45.72
C TRP E 329 -37.88 -49.45 45.36
N GLU E 330 -37.22 -50.58 45.58
CA GLU E 330 -37.77 -51.91 45.34
C GLU E 330 -37.52 -52.77 46.57
N ILE E 331 -38.57 -53.15 47.28
CA ILE E 331 -38.39 -54.03 48.44
C ILE E 331 -39.36 -55.19 48.41
N LEU E 332 -38.92 -56.30 49.00
CA LEU E 332 -39.74 -57.48 49.10
C LEU E 332 -39.89 -57.66 50.60
N VAL E 333 -41.11 -57.96 51.04
CA VAL E 333 -41.38 -58.15 52.46
C VAL E 333 -42.01 -59.51 52.72
N ARG E 334 -41.60 -60.13 53.82
CA ARG E 334 -42.14 -61.43 54.22
C ARG E 334 -41.97 -61.54 55.74
N VAL E 335 -43.01 -61.97 56.43
CA VAL E 335 -42.92 -62.12 57.88
C VAL E 335 -42.12 -63.39 58.18
N CYS E 336 -41.06 -63.22 58.98
CA CYS E 336 -40.18 -64.32 59.35
C CYS E 336 -40.14 -64.46 60.88
N PRO E 337 -41.02 -65.31 61.44
CA PRO E 337 -41.12 -65.56 62.88
C PRO E 337 -39.85 -66.10 63.53
N THR E 338 -39.21 -67.04 62.85
CA THR E 338 -38.00 -67.64 63.38
C THR E 338 -36.75 -67.28 62.59
N ASP E 339 -35.60 -67.57 63.22
CA ASP E 339 -34.31 -67.30 62.65
C ASP E 339 -34.08 -68.14 61.38
N GLU E 340 -34.70 -69.31 61.33
CA GLU E 340 -34.60 -70.20 60.18
C GLU E 340 -35.33 -69.58 58.99
N ASP E 341 -36.47 -68.98 59.28
CA ASP E 341 -37.28 -68.31 58.25
C ASP E 341 -36.52 -67.14 57.65
N ARG E 342 -35.78 -66.42 58.50
CA ARG E 342 -35.00 -65.28 58.07
C ARG E 342 -33.87 -65.69 57.14
N LYS E 343 -33.24 -66.81 57.44
CA LYS E 343 -32.15 -67.31 56.61
C LYS E 343 -32.69 -67.80 55.27
N LYS E 344 -33.88 -68.39 55.27
CA LYS E 344 -34.47 -68.88 54.04
C LYS E 344 -34.80 -67.72 53.11
N PHE E 345 -35.42 -66.69 53.68
CA PHE E 345 -35.81 -65.50 52.94
C PHE E 345 -34.58 -64.77 52.39
N GLN E 346 -33.58 -64.59 53.24
CA GLN E 346 -32.34 -63.91 52.86
C GLN E 346 -31.70 -64.65 51.69
N TYR E 347 -31.59 -65.96 51.83
CA TYR E 347 -30.99 -66.81 50.80
C TYR E 347 -31.77 -66.83 49.50
N ARG E 348 -33.10 -66.94 49.60
CA ARG E 348 -33.91 -66.97 48.39
C ARG E 348 -33.92 -65.59 47.72
N TYR E 349 -33.75 -64.53 48.52
CA TYR E 349 -33.70 -63.19 47.97
C TYR E 349 -32.40 -63.04 47.18
N ASP E 350 -31.29 -63.42 47.80
CA ASP E 350 -29.96 -63.32 47.20
C ASP E 350 -29.76 -64.08 45.90
N HIS E 351 -30.32 -65.28 45.80
CA HIS E 351 -30.13 -66.10 44.61
C HIS E 351 -31.35 -66.34 43.74
N MET E 352 -32.44 -65.66 44.05
CA MET E 352 -33.66 -65.84 43.28
C MET E 352 -34.37 -64.51 43.03
N TYR E 353 -34.97 -63.96 44.08
CA TYR E 353 -35.71 -62.71 43.97
C TYR E 353 -34.91 -61.55 43.41
N LYS E 354 -33.74 -61.27 43.97
CA LYS E 354 -32.93 -60.14 43.52
C LYS E 354 -32.46 -60.24 42.06
N PRO E 355 -31.77 -61.32 41.69
CA PRO E 355 -31.30 -61.43 40.30
C PRO E 355 -32.39 -61.58 39.22
N LEU E 356 -33.38 -62.43 39.49
CA LEU E 356 -34.45 -62.67 38.52
C LEU E 356 -35.64 -61.73 38.53
N CYS E 357 -35.94 -61.14 39.66
CA CYS E 357 -37.10 -60.27 39.75
C CYS E 357 -36.80 -58.78 39.91
N LEU E 358 -36.21 -58.39 41.03
CA LEU E 358 -35.90 -56.97 41.25
C LEU E 358 -35.01 -56.41 40.16
N HIS E 359 -34.19 -57.26 39.57
CA HIS E 359 -33.31 -56.88 38.47
C HIS E 359 -33.81 -57.47 37.16
N GLY E 360 -33.80 -58.79 37.06
CA GLY E 360 -34.22 -59.45 35.83
C GLY E 360 -35.56 -59.03 35.23
N PHE E 361 -36.51 -58.71 36.09
CA PHE E 361 -37.85 -58.31 35.66
C PHE E 361 -37.97 -56.79 35.57
N ASN E 362 -37.72 -56.11 36.69
CA ASN E 362 -37.87 -54.66 36.75
C ASN E 362 -36.85 -53.81 36.03
N ASP E 363 -35.66 -54.32 35.75
CA ASP E 363 -34.66 -53.51 35.05
C ASP E 363 -35.22 -53.03 33.71
N SER E 364 -36.12 -53.81 33.14
CA SER E 364 -36.72 -53.44 31.85
C SER E 364 -37.60 -52.20 31.97
N ASP E 365 -38.18 -51.99 33.15
CA ASP E 365 -39.03 -50.82 33.40
C ASP E 365 -38.21 -49.54 33.37
N LEU E 366 -36.95 -49.64 33.76
CA LEU E 366 -36.07 -48.47 33.78
C LEU E 366 -35.90 -47.84 32.41
N TYR E 367 -35.70 -48.67 31.39
CA TYR E 367 -35.53 -48.16 30.05
C TYR E 367 -36.82 -47.59 29.51
N ALA E 368 -37.95 -48.17 29.93
CA ALA E 368 -39.23 -47.66 29.46
C ALA E 368 -39.48 -46.28 30.08
N ARG E 369 -39.18 -46.14 31.38
CA ARG E 369 -39.37 -44.86 32.06
C ARG E 369 -38.51 -43.76 31.45
N GLU E 370 -37.22 -44.03 31.28
CA GLU E 370 -36.33 -43.03 30.70
C GLU E 370 -36.79 -42.63 29.30
N ALA E 371 -37.28 -43.59 28.53
CA ALA E 371 -37.73 -43.32 27.15
C ALA E 371 -38.88 -42.32 27.04
N MET E 372 -39.69 -42.22 28.09
CA MET E 372 -40.84 -41.33 28.12
C MET E 372 -40.55 -39.90 28.55
N GLN E 373 -39.51 -39.72 29.36
CA GLN E 373 -39.14 -38.42 29.92
C GLN E 373 -39.05 -37.20 28.99
N ASN E 374 -38.42 -37.33 27.82
CA ASN E 374 -38.31 -36.18 26.90
C ASN E 374 -39.64 -35.63 26.43
N PHE E 375 -40.65 -36.48 26.38
CA PHE E 375 -41.97 -36.06 25.92
C PHE E 375 -42.64 -35.19 26.98
N TYR E 376 -42.36 -35.48 28.24
CA TYR E 376 -42.99 -34.77 29.34
C TYR E 376 -42.25 -33.62 30.03
N TYR E 377 -40.93 -33.59 29.99
CA TYR E 377 -40.25 -32.54 30.73
C TYR E 377 -40.59 -31.09 30.44
N ASP E 378 -40.64 -30.70 29.17
CA ASP E 378 -40.94 -29.32 28.89
C ASP E 378 -42.43 -29.03 28.98
N GLY E 379 -43.21 -30.05 29.39
CA GLY E 379 -44.64 -29.89 29.56
C GLY E 379 -45.49 -30.42 28.42
N THR E 380 -44.86 -30.67 27.28
CA THR E 380 -45.58 -31.17 26.10
C THR E 380 -46.47 -32.38 26.38
N GLY E 381 -45.86 -33.46 26.87
CA GLY E 381 -46.59 -34.68 27.15
C GLY E 381 -47.81 -34.61 28.05
N TRP E 382 -47.79 -33.73 29.05
CA TRP E 382 -48.91 -33.59 29.97
C TRP E 382 -50.18 -33.06 29.29
N ASP E 383 -50.03 -32.53 28.08
CA ASP E 383 -51.16 -32.00 27.34
C ASP E 383 -51.42 -32.80 26.07
N ASP E 384 -50.35 -33.18 25.38
CA ASP E 384 -50.45 -33.88 24.11
C ASP E 384 -50.46 -35.41 24.11
N GLU E 385 -50.19 -36.02 25.26
CA GLU E 385 -50.22 -37.48 25.35
C GLU E 385 -51.63 -37.89 24.93
N GLN E 386 -51.77 -38.99 24.22
CA GLN E 386 -53.08 -39.44 23.80
C GLN E 386 -53.43 -40.75 24.48
N LEU E 387 -54.00 -40.63 25.67
CA LEU E 387 -54.36 -41.78 26.49
C LEU E 387 -55.58 -42.50 25.94
N VAL E 388 -55.70 -43.77 26.31
CA VAL E 388 -56.80 -44.60 25.85
C VAL E 388 -57.57 -45.27 26.99
N ALA E 389 -58.44 -46.22 26.62
CA ALA E 389 -59.29 -46.93 27.58
C ALA E 389 -58.57 -47.51 28.79
N THR E 390 -57.47 -48.22 28.54
CA THR E 390 -56.69 -48.83 29.62
C THR E 390 -56.04 -47.82 30.56
N ASP E 391 -55.95 -46.57 30.11
CA ASP E 391 -55.33 -45.54 30.93
C ASP E 391 -56.25 -45.02 32.02
N ILE E 392 -57.37 -45.71 32.22
CA ILE E 392 -58.31 -45.33 33.27
C ILE E 392 -57.56 -45.41 34.59
N SER E 393 -56.59 -46.31 34.63
CA SER E 393 -55.76 -46.56 35.81
C SER E 393 -54.91 -45.34 36.20
N PRO E 394 -54.01 -44.88 35.30
CA PRO E 394 -53.22 -43.72 35.69
C PRO E 394 -54.04 -42.43 35.88
N ILE E 395 -55.10 -42.28 35.09
CA ILE E 395 -55.95 -41.10 35.18
C ILE E 395 -56.62 -41.05 36.54
N THR E 396 -57.10 -42.20 37.01
CA THR E 396 -57.76 -42.27 38.31
C THR E 396 -56.79 -41.90 39.42
N TRP E 397 -55.53 -42.31 39.24
CA TRP E 397 -54.48 -42.02 40.21
C TRP E 397 -54.16 -40.53 40.23
N ARG E 398 -54.07 -39.93 39.05
CA ARG E 398 -53.77 -38.50 38.97
C ARG E 398 -54.85 -37.68 39.66
N LYS E 399 -56.11 -38.07 39.48
CA LYS E 399 -57.22 -37.34 40.09
C LYS E 399 -57.21 -37.44 41.61
N LEU E 400 -57.06 -38.64 42.15
CA LEU E 400 -57.05 -38.79 43.61
C LEU E 400 -55.83 -38.11 44.22
N ALA E 401 -54.69 -38.19 43.52
CA ALA E 401 -53.46 -37.56 43.99
C ALA E 401 -53.64 -36.04 44.02
N SER E 402 -54.31 -35.50 43.00
CA SER E 402 -54.56 -34.06 42.92
C SER E 402 -55.46 -33.63 44.07
N ARG E 403 -56.48 -34.42 44.35
CA ARG E 403 -57.44 -34.11 45.41
C ARG E 403 -56.94 -34.27 46.83
N TRP E 404 -56.13 -35.30 47.10
CA TRP E 404 -55.68 -35.54 48.47
C TRP E 404 -54.25 -35.27 48.91
N ASN E 405 -53.39 -34.83 47.99
CA ASN E 405 -52.01 -34.56 48.39
C ASN E 405 -51.99 -33.50 49.50
N ARG E 406 -51.00 -33.56 50.38
CA ARG E 406 -50.90 -32.60 51.47
C ARG E 406 -50.07 -31.37 51.11
N GLY E 407 -49.75 -31.21 49.82
CA GLY E 407 -48.95 -30.07 49.42
C GLY E 407 -48.12 -30.31 48.17
N ILE E 408 -47.89 -29.23 47.43
CA ILE E 408 -47.08 -29.29 46.20
C ILE E 408 -45.74 -28.62 46.48
N ALA E 409 -44.68 -29.40 46.44
CA ALA E 409 -43.34 -28.88 46.70
C ALA E 409 -42.91 -27.79 45.72
N LYS E 410 -42.28 -26.74 46.25
CA LYS E 410 -41.83 -25.66 45.41
C LYS E 410 -40.44 -25.98 44.88
N PRO E 411 -40.07 -25.37 43.75
CA PRO E 411 -38.74 -25.63 43.18
C PRO E 411 -37.66 -25.29 44.18
N GLY E 412 -36.56 -26.03 44.13
CA GLY E 412 -35.47 -25.72 45.05
C GLY E 412 -34.88 -24.36 44.76
N ARG E 413 -34.46 -23.67 45.82
CA ARG E 413 -33.85 -22.36 45.70
C ARG E 413 -32.67 -22.34 46.66
N GLY E 414 -31.48 -22.02 46.15
CA GLY E 414 -30.30 -21.96 47.00
C GLY E 414 -29.85 -23.30 47.52
N VAL E 415 -30.18 -24.35 46.78
CA VAL E 415 -29.81 -25.72 47.15
C VAL E 415 -29.37 -26.48 45.89
N ALA E 416 -28.80 -27.67 46.07
CA ALA E 416 -28.36 -28.48 44.94
C ALA E 416 -29.58 -28.77 44.09
N GLY E 417 -29.46 -28.64 42.78
CA GLY E 417 -30.60 -28.90 41.92
C GLY E 417 -31.44 -27.67 41.56
N ALA E 418 -31.25 -26.57 42.30
CA ALA E 418 -31.98 -25.34 42.03
C ALA E 418 -31.58 -24.85 40.64
N VAL E 419 -30.33 -25.06 40.28
CA VAL E 419 -29.79 -24.68 38.98
C VAL E 419 -29.20 -25.96 38.39
N LYS E 420 -29.53 -26.24 37.14
CA LYS E 420 -29.09 -27.48 36.50
C LYS E 420 -27.79 -27.49 35.72
N ASP E 421 -27.25 -26.31 35.41
CA ASP E 421 -26.03 -26.23 34.62
C ASP E 421 -24.88 -25.46 35.27
N THR E 422 -24.65 -25.71 36.55
CA THR E 422 -23.57 -25.04 37.28
C THR E 422 -22.22 -25.62 36.87
N SER E 423 -21.16 -24.86 37.09
CA SER E 423 -19.83 -25.35 36.76
C SER E 423 -19.52 -26.55 37.64
N LEU E 424 -20.07 -26.56 38.86
CA LEU E 424 -19.86 -27.68 39.78
C LEU E 424 -20.43 -28.97 39.20
N ILE E 425 -21.59 -28.86 38.55
CA ILE E 425 -22.20 -30.05 37.96
C ILE E 425 -21.40 -30.51 36.75
N PHE E 426 -20.85 -29.57 35.98
CA PHE E 426 -20.05 -29.97 34.83
C PHE E 426 -18.74 -30.58 35.31
N LYS E 427 -18.23 -30.13 36.45
CA LYS E 427 -16.99 -30.68 36.98
C LYS E 427 -17.20 -32.15 37.33
N GLN E 428 -18.25 -32.43 38.10
CA GLN E 428 -18.58 -33.80 38.51
C GLN E 428 -18.88 -34.68 37.30
N THR E 429 -19.62 -34.15 36.34
CA THR E 429 -19.96 -34.92 35.14
C THR E 429 -18.71 -35.24 34.34
N ALA E 430 -17.79 -34.29 34.25
CA ALA E 430 -16.54 -34.52 33.53
C ALA E 430 -15.79 -35.64 34.26
N ASP E 431 -15.90 -35.68 35.58
CA ASP E 431 -15.24 -36.71 36.38
C ASP E 431 -15.94 -38.05 36.30
N GLY E 432 -17.02 -38.12 35.52
CA GLY E 432 -17.75 -39.36 35.37
C GLY E 432 -18.87 -39.64 36.36
N LYS E 433 -19.20 -38.68 37.20
CA LYS E 433 -20.27 -38.85 38.19
C LYS E 433 -21.65 -38.49 37.68
N ARG E 434 -22.55 -39.46 37.72
CA ARG E 434 -23.92 -39.25 37.28
C ARG E 434 -24.71 -38.54 38.37
N PRO E 435 -25.85 -37.96 38.01
CA PRO E 435 -26.69 -37.27 39.01
C PRO E 435 -26.95 -38.32 40.09
N GLY E 436 -26.99 -37.92 41.37
CA GLY E 436 -27.19 -38.88 42.42
C GLY E 436 -28.24 -38.59 43.48
N TYR E 437 -28.07 -39.21 44.65
CA TYR E 437 -29.00 -39.07 45.78
C TYR E 437 -28.26 -38.82 47.09
N LYS E 438 -27.44 -39.78 47.50
CA LYS E 438 -26.67 -39.66 48.72
C LYS E 438 -25.53 -38.68 48.48
N VAL E 439 -25.40 -37.72 49.40
CA VAL E 439 -24.39 -36.69 49.32
C VAL E 439 -22.99 -37.19 49.62
N GLU E 440 -22.08 -36.92 48.69
CA GLU E 440 -20.69 -37.32 48.83
C GLU E 440 -20.07 -36.61 50.01
N GLN E 441 -19.29 -37.34 50.80
CA GLN E 441 -18.65 -36.72 51.93
C GLN E 441 -17.21 -36.32 51.71
N ILE E 442 -16.80 -35.33 52.49
CA ILE E 442 -15.47 -34.76 52.49
C ILE E 442 -15.25 -33.70 51.44
N ILE F 16 -35.62 -16.46 58.82
CA ILE F 16 -34.57 -15.40 58.86
C ILE F 16 -34.76 -14.51 60.08
N SER F 17 -33.78 -14.58 60.98
CA SER F 17 -33.80 -13.82 62.22
C SER F 17 -33.38 -12.34 62.06
N ASP F 18 -34.02 -11.46 62.82
CA ASP F 18 -33.72 -10.03 62.78
C ASP F 18 -32.42 -9.74 63.51
N ALA F 19 -31.89 -10.75 64.21
CA ALA F 19 -30.65 -10.62 64.96
C ALA F 19 -29.41 -10.77 64.07
N ARG F 20 -29.60 -11.13 62.81
CA ARG F 20 -28.49 -11.30 61.89
C ARG F 20 -27.85 -9.94 61.61
N ALA F 21 -26.55 -9.94 61.33
CA ALA F 21 -25.81 -8.73 61.07
C ALA F 21 -26.11 -8.06 59.73
N ASN F 22 -26.49 -8.84 58.72
CA ASN F 22 -26.78 -8.28 57.41
C ASN F 22 -28.25 -7.89 57.25
N ASN F 23 -28.62 -6.75 57.83
CA ASN F 23 -29.99 -6.25 57.74
C ASN F 23 -30.19 -5.53 56.42
N ALA F 24 -31.44 -5.18 56.13
CA ALA F 24 -31.79 -4.48 54.89
C ALA F 24 -30.88 -3.31 54.57
N LYS F 25 -30.61 -2.47 55.56
CA LYS F 25 -29.75 -1.32 55.36
C LYS F 25 -28.35 -1.74 54.98
N THR F 26 -27.79 -2.68 55.73
CA THR F 26 -26.44 -3.18 55.46
C THR F 26 -26.34 -3.75 54.05
N GLN F 27 -27.29 -4.60 53.68
CA GLN F 27 -27.28 -5.21 52.36
C GLN F 27 -27.31 -4.17 51.23
N SER F 28 -28.06 -3.10 51.43
CA SER F 28 -28.17 -2.07 50.40
C SER F 28 -26.83 -1.37 50.18
N GLN F 29 -25.97 -1.42 51.19
CA GLN F 29 -24.67 -0.79 51.10
C GLN F 29 -23.70 -1.58 50.22
N TYR F 30 -24.06 -2.80 49.82
CA TYR F 30 -23.18 -3.56 48.94
C TYR F 30 -23.88 -4.15 47.74
N GLN F 31 -24.87 -3.43 47.22
CA GLN F 31 -25.62 -3.86 46.04
C GLN F 31 -24.67 -4.03 44.86
N PRO F 32 -23.74 -3.09 44.66
CA PRO F 32 -22.81 -3.20 43.52
C PRO F 32 -22.05 -4.54 43.57
N TYR F 33 -21.69 -4.96 44.78
CA TYR F 33 -20.96 -6.21 44.97
C TYR F 33 -21.86 -7.39 44.58
N LYS F 34 -23.13 -7.30 44.95
CA LYS F 34 -24.10 -8.35 44.61
C LYS F 34 -24.25 -8.43 43.09
N ASP F 35 -24.07 -7.29 42.44
CA ASP F 35 -24.19 -7.22 40.98
C ASP F 35 -22.93 -7.58 40.20
N ALA F 36 -21.83 -7.85 40.91
CA ALA F 36 -20.57 -8.16 40.23
C ALA F 36 -20.18 -9.64 40.15
N ALA F 37 -21.11 -10.48 39.73
CA ALA F 37 -20.86 -11.91 39.61
C ALA F 37 -19.74 -12.18 38.60
N TRP F 38 -19.66 -11.38 37.54
CA TRP F 38 -18.65 -11.56 36.50
C TRP F 38 -17.33 -10.87 36.81
N GLY F 39 -17.29 -10.20 37.97
CA GLY F 39 -16.08 -9.53 38.41
C GLY F 39 -16.05 -8.04 38.22
N PHE F 40 -15.06 -7.41 38.85
CA PHE F 40 -14.86 -5.97 38.74
C PHE F 40 -13.87 -5.76 37.59
N ILE F 41 -14.30 -5.01 36.59
CA ILE F 41 -13.48 -4.76 35.43
C ILE F 41 -12.72 -3.43 35.56
N ASN F 42 -11.67 -3.27 34.76
CA ASN F 42 -10.83 -2.08 34.81
C ASN F 42 -9.95 -2.20 36.04
N HIS F 43 -9.38 -3.40 36.22
CA HIS F 43 -8.49 -3.68 37.33
C HIS F 43 -7.36 -4.58 36.86
N TRP F 44 -6.26 -4.60 37.63
CA TRP F 44 -5.12 -5.44 37.30
C TRP F 44 -5.31 -6.83 37.90
N TYR F 45 -5.06 -7.87 37.10
CA TYR F 45 -5.17 -9.25 37.57
C TYR F 45 -3.95 -10.04 37.10
N PRO F 46 -3.59 -11.09 37.85
CA PRO F 46 -2.44 -11.90 37.43
C PRO F 46 -2.98 -12.75 36.28
N ALA F 47 -2.24 -12.82 35.18
CA ALA F 47 -2.67 -13.58 34.01
C ALA F 47 -1.96 -14.93 33.86
N LEU F 48 -0.64 -14.91 33.97
CA LEU F 48 0.17 -16.12 33.83
C LEU F 48 1.51 -15.92 34.53
N PHE F 49 2.13 -17.01 34.95
CA PHE F 49 3.47 -16.93 35.53
C PHE F 49 4.39 -16.72 34.34
N THR F 50 5.53 -16.08 34.54
CA THR F 50 6.46 -15.86 33.45
C THR F 50 6.83 -17.17 32.74
N HIS F 51 7.01 -18.24 33.51
CA HIS F 51 7.39 -19.53 32.92
C HIS F 51 6.33 -20.15 31.98
N GLU F 52 5.10 -19.62 32.03
CA GLU F 52 4.02 -20.12 31.18
C GLU F 52 4.00 -19.45 29.80
N LEU F 53 4.87 -18.47 29.59
CA LEU F 53 4.93 -17.78 28.32
C LEU F 53 6.38 -17.42 27.96
N GLU F 54 7.03 -18.30 27.20
CA GLU F 54 8.41 -18.09 26.78
C GLU F 54 8.41 -17.26 25.50
N GLU F 55 9.60 -16.93 24.99
CA GLU F 55 9.74 -16.15 23.78
C GLU F 55 8.97 -16.82 22.63
N ASP F 56 8.18 -16.02 21.91
CA ASP F 56 7.39 -16.49 20.77
C ASP F 56 6.21 -17.40 21.13
N GLN F 57 5.98 -17.61 22.42
CA GLN F 57 4.86 -18.44 22.82
C GLN F 57 3.58 -17.60 22.86
N VAL F 58 2.46 -18.23 22.53
CA VAL F 58 1.16 -17.58 22.52
C VAL F 58 0.22 -18.37 23.43
N GLN F 59 -0.54 -17.66 24.28
CA GLN F 59 -1.46 -18.33 25.19
C GLN F 59 -2.79 -17.57 25.34
N GLY F 60 -3.89 -18.31 25.36
CA GLY F 60 -5.20 -17.70 25.52
C GLY F 60 -5.75 -17.96 26.92
N ILE F 61 -6.45 -16.97 27.47
CA ILE F 61 -7.04 -17.09 28.80
C ILE F 61 -8.38 -16.33 28.83
N GLN F 62 -9.01 -16.23 29.99
CA GLN F 62 -10.26 -15.49 30.10
C GLN F 62 -10.40 -14.94 31.51
N ILE F 63 -10.63 -13.64 31.59
CA ILE F 63 -10.78 -12.95 32.88
C ILE F 63 -11.97 -12.01 32.81
N CYS F 64 -12.84 -12.06 33.82
CA CYS F 64 -14.03 -11.21 33.83
C CYS F 64 -14.86 -11.39 32.56
N GLY F 65 -14.87 -12.62 32.05
CA GLY F 65 -15.64 -12.92 30.86
C GLY F 65 -14.97 -12.48 29.57
N VAL F 66 -13.86 -11.77 29.69
CA VAL F 66 -13.13 -11.27 28.53
C VAL F 66 -12.05 -12.26 28.07
N PRO F 67 -12.11 -12.68 26.79
CA PRO F 67 -11.12 -13.62 26.24
C PRO F 67 -9.88 -12.81 25.87
N ILE F 68 -8.73 -13.22 26.41
CA ILE F 68 -7.47 -12.50 26.21
C ILE F 68 -6.38 -13.43 25.71
N VAL F 69 -5.62 -12.96 24.73
CA VAL F 69 -4.52 -13.73 24.16
C VAL F 69 -3.23 -12.93 24.43
N LEU F 70 -2.19 -13.64 24.87
CA LEU F 70 -0.90 -13.00 25.15
C LEU F 70 0.21 -13.62 24.33
N ARG F 71 1.20 -12.81 23.97
CA ARG F 71 2.35 -13.28 23.20
C ARG F 71 3.59 -12.53 23.66
N ARG F 72 4.72 -13.24 23.74
CA ARG F 72 5.96 -12.60 24.13
C ARG F 72 6.83 -12.44 22.90
N VAL F 73 7.24 -11.21 22.61
CA VAL F 73 8.12 -10.93 21.48
C VAL F 73 9.27 -10.05 21.94
N ASN F 74 10.49 -10.51 21.67
CA ASN F 74 11.69 -9.79 22.07
C ASN F 74 11.65 -9.54 23.57
N GLY F 75 11.22 -10.56 24.30
CA GLY F 75 11.15 -10.48 25.75
C GLY F 75 9.98 -9.73 26.33
N LYS F 76 9.26 -8.98 25.50
CA LYS F 76 8.12 -8.21 26.00
C LYS F 76 6.78 -8.89 25.72
N VAL F 77 5.91 -8.90 26.73
CA VAL F 77 4.59 -9.53 26.61
C VAL F 77 3.48 -8.56 26.20
N PHE F 78 2.67 -8.97 25.23
CA PHE F 78 1.56 -8.14 24.77
C PHE F 78 0.26 -8.90 24.99
N ALA F 79 -0.83 -8.17 25.19
CA ALA F 79 -2.14 -8.79 25.41
C ALA F 79 -3.23 -8.10 24.58
N LEU F 80 -4.01 -8.91 23.87
CA LEU F 80 -5.11 -8.40 23.03
C LEU F 80 -6.36 -9.23 23.31
N LYS F 81 -7.51 -8.77 22.84
CA LYS F 81 -8.74 -9.54 23.06
C LYS F 81 -8.67 -10.75 22.13
N ASP F 82 -8.85 -11.93 22.70
CA ASP F 82 -8.77 -13.18 21.95
C ASP F 82 -10.07 -13.44 21.18
N GLN F 83 -10.36 -12.53 20.25
CA GLN F 83 -11.57 -12.65 19.45
C GLN F 83 -11.38 -11.94 18.12
N CYS F 84 -11.31 -12.72 17.03
CA CYS F 84 -11.15 -12.11 15.72
C CYS F 84 -12.41 -11.33 15.41
N LEU F 85 -12.26 -10.10 14.94
CA LEU F 85 -13.43 -9.30 14.65
C LEU F 85 -14.16 -9.71 13.37
N HIS F 86 -13.54 -10.58 12.56
CA HIS F 86 -14.18 -11.04 11.34
C HIS F 86 -15.33 -11.95 11.71
N ARG F 87 -15.00 -13.14 12.25
CA ARG F 87 -16.04 -14.09 12.62
C ARG F 87 -15.93 -14.73 14.02
N GLY F 88 -15.36 -13.98 14.95
CA GLY F 88 -15.25 -14.41 16.34
C GLY F 88 -14.37 -15.58 16.78
N VAL F 89 -13.48 -16.04 15.91
CA VAL F 89 -12.58 -17.14 16.25
C VAL F 89 -11.56 -16.70 17.30
N ARG F 90 -11.16 -17.62 18.17
CA ARG F 90 -10.15 -17.31 19.19
C ARG F 90 -8.78 -17.43 18.55
N LEU F 91 -8.07 -16.30 18.46
CA LEU F 91 -6.75 -16.28 17.85
C LEU F 91 -5.77 -17.27 18.48
N SER F 92 -5.91 -17.48 19.78
CA SER F 92 -5.01 -18.36 20.53
C SER F 92 -5.15 -19.85 20.28
N GLU F 93 -6.21 -20.27 19.61
CA GLU F 93 -6.40 -21.71 19.38
C GLU F 93 -5.40 -22.33 18.42
N LYS F 94 -4.80 -21.51 17.58
CA LYS F 94 -3.80 -21.95 16.62
C LYS F 94 -2.86 -20.78 16.36
N PRO F 95 -1.94 -20.51 17.30
CA PRO F 95 -0.98 -19.41 17.19
C PRO F 95 -0.38 -19.24 15.80
N THR F 96 -0.64 -18.08 15.19
CA THR F 96 -0.16 -17.78 13.86
C THR F 96 0.37 -16.35 13.86
N CYS F 97 1.68 -16.19 13.71
CA CYS F 97 2.29 -14.87 13.70
C CYS F 97 3.34 -14.76 12.60
N PHE F 98 3.14 -13.83 11.67
CA PHE F 98 4.07 -13.67 10.58
C PHE F 98 5.19 -12.67 10.81
N THR F 99 4.99 -11.76 11.76
CA THR F 99 6.00 -10.75 12.05
C THR F 99 6.12 -10.56 13.57
N LYS F 100 7.18 -9.89 14.00
CA LYS F 100 7.40 -9.65 15.42
C LYS F 100 6.42 -8.65 16.03
N SER F 101 5.71 -7.90 15.19
CA SER F 101 4.78 -6.89 15.72
C SER F 101 3.31 -7.21 15.53
N THR F 102 2.99 -8.44 15.12
CA THR F 102 1.59 -8.78 14.90
C THR F 102 1.22 -10.20 15.29
N ILE F 103 -0.08 -10.47 15.21
CA ILE F 103 -0.62 -11.79 15.46
C ILE F 103 -1.79 -11.91 14.49
N SER F 104 -1.93 -13.06 13.85
CA SER F 104 -2.98 -13.26 12.85
C SER F 104 -3.99 -14.32 13.21
N CYS F 105 -5.20 -14.17 12.67
CA CYS F 105 -6.22 -15.16 12.91
C CYS F 105 -5.88 -16.30 11.95
N TRP F 106 -5.97 -17.52 12.46
CA TRP F 106 -5.64 -18.70 11.68
C TRP F 106 -6.70 -19.15 10.70
N TYR F 107 -7.81 -18.43 10.63
CA TYR F 107 -8.84 -18.82 9.69
C TYR F 107 -8.67 -18.10 8.36
N HIS F 108 -8.95 -16.80 8.31
CA HIS F 108 -8.80 -16.05 7.06
C HIS F 108 -7.61 -15.10 7.06
N GLY F 109 -6.93 -14.96 8.20
CA GLY F 109 -5.76 -14.09 8.23
C GLY F 109 -5.91 -12.65 8.66
N PHE F 110 -7.01 -12.29 9.31
CA PHE F 110 -7.16 -10.92 9.79
C PHE F 110 -5.92 -10.74 10.69
N THR F 111 -5.16 -9.69 10.47
CA THR F 111 -3.94 -9.49 11.25
C THR F 111 -3.98 -8.23 12.10
N PHE F 112 -3.55 -8.35 13.36
CA PHE F 112 -3.57 -7.21 14.27
C PHE F 112 -2.21 -6.82 14.85
N ASP F 113 -2.05 -5.53 15.08
CA ASP F 113 -0.82 -4.96 15.64
C ASP F 113 -0.79 -5.23 17.15
N LEU F 114 0.28 -5.86 17.63
CA LEU F 114 0.38 -6.17 19.06
C LEU F 114 0.26 -4.94 19.95
N GLU F 115 0.92 -3.85 19.55
CA GLU F 115 0.93 -2.61 20.31
C GLU F 115 -0.40 -1.88 20.39
N THR F 116 -1.03 -1.65 19.23
CA THR F 116 -2.29 -0.91 19.18
C THR F 116 -3.55 -1.75 18.98
N GLY F 117 -3.40 -2.95 18.43
CA GLY F 117 -4.56 -3.80 18.19
C GLY F 117 -5.22 -3.53 16.86
N LYS F 118 -4.72 -2.52 16.16
CA LYS F 118 -5.28 -2.14 14.86
C LYS F 118 -5.22 -3.26 13.82
N LEU F 119 -6.22 -3.30 12.95
CA LEU F 119 -6.26 -4.29 11.89
C LEU F 119 -5.32 -3.75 10.82
N VAL F 120 -4.10 -4.28 10.76
CA VAL F 120 -3.09 -3.82 9.80
C VAL F 120 -3.21 -4.40 8.39
N THR F 121 -3.89 -5.53 8.27
CA THR F 121 -4.07 -6.17 6.98
C THR F 121 -4.87 -7.45 7.12
N ILE F 122 -5.13 -8.10 6.00
CA ILE F 122 -5.83 -9.37 5.94
C ILE F 122 -5.03 -10.20 4.94
N VAL F 123 -4.39 -11.26 5.43
CA VAL F 123 -3.56 -12.11 4.58
C VAL F 123 -4.06 -12.32 3.15
N ALA F 124 -5.30 -12.77 2.98
CA ALA F 124 -5.80 -13.01 1.63
C ALA F 124 -6.65 -11.89 1.03
N ASN F 125 -6.52 -10.67 1.57
CA ASN F 125 -7.28 -9.53 1.07
C ASN F 125 -6.60 -8.28 1.62
N PRO F 126 -5.35 -8.03 1.20
CA PRO F 126 -4.56 -6.88 1.63
C PRO F 126 -5.09 -5.50 1.28
N GLU F 127 -6.05 -5.43 0.37
CA GLU F 127 -6.61 -4.15 -0.04
C GLU F 127 -8.06 -3.89 0.37
N ASP F 128 -8.62 -4.76 1.21
CA ASP F 128 -10.00 -4.57 1.64
C ASP F 128 -10.14 -3.23 2.37
N LYS F 129 -11.27 -2.55 2.18
CA LYS F 129 -11.53 -1.25 2.79
C LYS F 129 -11.64 -1.29 4.31
N LEU F 130 -11.89 -2.46 4.88
CA LEU F 130 -12.02 -2.60 6.33
C LEU F 130 -10.70 -2.38 7.06
N ILE F 131 -9.60 -2.68 6.38
CA ILE F 131 -8.27 -2.54 6.98
C ILE F 131 -7.96 -1.15 7.52
N GLY F 132 -7.49 -1.10 8.77
CA GLY F 132 -7.14 0.15 9.40
C GLY F 132 -8.28 0.95 10.00
N THR F 133 -9.51 0.58 9.67
CA THR F 133 -10.70 1.28 10.17
C THR F 133 -11.19 0.76 11.52
N THR F 134 -10.50 -0.24 12.07
CA THR F 134 -10.89 -0.82 13.36
C THR F 134 -9.78 -1.74 13.88
N GLY F 135 -10.08 -2.50 14.91
CA GLY F 135 -9.10 -3.41 15.49
C GLY F 135 -9.63 -4.01 16.78
N VAL F 136 -8.82 -4.81 17.47
CA VAL F 136 -9.25 -5.41 18.72
C VAL F 136 -8.69 -4.69 19.93
N THR F 137 -9.36 -4.85 21.06
CA THR F 137 -8.96 -4.20 22.30
C THR F 137 -7.59 -4.66 22.77
N THR F 138 -6.85 -3.75 23.39
CA THR F 138 -5.53 -4.07 23.93
C THR F 138 -5.61 -4.00 25.45
N TYR F 139 -4.76 -4.75 26.12
CA TYR F 139 -4.75 -4.75 27.57
C TYR F 139 -3.33 -4.51 28.06
N PRO F 140 -3.12 -3.46 28.86
CA PRO F 140 -1.80 -3.13 29.40
C PRO F 140 -1.25 -4.32 30.17
N VAL F 141 0.05 -4.53 30.03
CA VAL F 141 0.72 -5.63 30.71
C VAL F 141 1.84 -5.10 31.60
N HIS F 142 2.02 -5.75 32.74
CA HIS F 142 3.06 -5.37 33.67
C HIS F 142 3.63 -6.68 34.20
N GLU F 143 4.82 -7.03 33.70
CA GLU F 143 5.47 -8.26 34.13
C GLU F 143 6.54 -7.91 35.15
N VAL F 144 6.53 -8.61 36.28
CA VAL F 144 7.51 -8.34 37.33
C VAL F 144 7.79 -9.57 38.19
N ASN F 145 9.08 -9.84 38.40
CA ASN F 145 9.55 -10.95 39.21
C ASN F 145 8.79 -12.27 39.09
N GLY F 146 8.64 -12.75 37.86
CA GLY F 146 7.97 -14.02 37.63
C GLY F 146 6.47 -14.00 37.42
N MET F 147 5.84 -12.83 37.51
CA MET F 147 4.39 -12.68 37.34
C MET F 147 4.02 -11.73 36.21
N ILE F 148 3.06 -12.16 35.39
CA ILE F 148 2.59 -11.34 34.29
C ILE F 148 1.19 -10.84 34.63
N PHE F 149 1.08 -9.56 34.98
CA PHE F 149 -0.22 -8.97 35.31
C PHE F 149 -0.79 -8.29 34.07
N VAL F 150 -2.11 -8.29 33.94
CA VAL F 150 -2.79 -7.66 32.82
C VAL F 150 -3.93 -6.77 33.32
N PHE F 151 -4.05 -5.58 32.74
CA PHE F 151 -5.12 -4.67 33.15
C PHE F 151 -6.35 -5.01 32.32
N VAL F 152 -7.26 -5.81 32.89
CA VAL F 152 -8.48 -6.20 32.19
C VAL F 152 -9.42 -5.02 32.25
N ARG F 153 -9.75 -4.46 31.09
CA ARG F 153 -10.60 -3.28 31.00
C ARG F 153 -11.69 -3.33 29.94
N GLU F 154 -12.66 -2.43 30.06
CA GLU F 154 -13.74 -2.34 29.09
C GLU F 154 -13.15 -1.75 27.82
N ASP F 155 -13.80 -2.02 26.70
CA ASP F 155 -13.34 -1.53 25.40
C ASP F 155 -13.15 -0.03 25.30
N ASP F 156 -13.92 0.74 26.06
CA ASP F 156 -13.82 2.20 26.01
C ASP F 156 -13.07 2.84 27.17
N PHE F 157 -12.40 2.03 27.99
CA PHE F 157 -11.65 2.60 29.09
C PHE F 157 -10.37 3.20 28.50
N PRO F 158 -10.24 4.54 28.52
CA PRO F 158 -9.08 5.24 27.99
C PRO F 158 -7.72 4.82 28.51
N ASP F 159 -6.75 4.78 27.59
CA ASP F 159 -5.38 4.41 27.93
C ASP F 159 -4.81 5.35 29.00
N GLU F 160 -5.09 6.64 28.86
CA GLU F 160 -4.58 7.63 29.81
C GLU F 160 -5.10 7.44 31.23
N ASP F 161 -6.19 6.68 31.37
CA ASP F 161 -6.77 6.43 32.69
C ASP F 161 -6.28 5.16 33.38
N VAL F 162 -5.41 4.39 32.73
CA VAL F 162 -4.88 3.17 33.32
C VAL F 162 -3.98 3.50 34.51
N PRO F 163 -4.35 3.03 35.71
CA PRO F 163 -3.57 3.29 36.92
C PRO F 163 -2.37 2.36 37.09
N PRO F 164 -1.47 2.69 38.02
CA PRO F 164 -0.30 1.85 38.24
C PRO F 164 -0.69 0.53 38.91
N LEU F 165 0.02 -0.53 38.55
CA LEU F 165 -0.24 -1.86 39.08
C LEU F 165 -0.31 -1.86 40.61
N ALA F 166 0.56 -1.08 41.22
CA ALA F 166 0.63 -0.98 42.67
C ALA F 166 -0.70 -0.65 43.33
N HIS F 167 -1.54 0.13 42.65
CA HIS F 167 -2.84 0.50 43.20
C HIS F 167 -3.75 -0.70 43.37
N ASP F 168 -3.43 -1.79 42.66
CA ASP F 168 -4.24 -3.01 42.75
C ASP F 168 -3.45 -4.15 43.36
N LEU F 169 -2.45 -3.82 44.18
CA LEU F 169 -1.64 -4.82 44.86
C LEU F 169 -1.67 -4.46 46.35
N PRO F 170 -1.48 -5.44 47.24
CA PRO F 170 -1.50 -5.21 48.69
C PRO F 170 -0.60 -4.09 49.18
N PHE F 171 -0.89 -3.62 50.39
CA PHE F 171 -0.13 -2.56 51.04
C PHE F 171 1.31 -3.03 51.16
N ARG F 172 2.25 -2.12 50.96
CA ARG F 172 3.67 -2.46 51.02
C ARG F 172 4.36 -2.11 52.34
N PHE F 173 5.34 -2.92 52.72
CA PHE F 173 6.12 -2.69 53.93
C PHE F 173 7.60 -2.68 53.49
N PRO F 174 8.47 -1.95 54.21
CA PRO F 174 8.20 -1.12 55.38
C PRO F 174 7.52 0.20 55.10
N GLU F 175 7.28 0.48 53.82
CA GLU F 175 6.64 1.74 53.42
C GLU F 175 5.45 2.09 54.32
N ARG F 176 4.57 1.12 54.57
CA ARG F 176 3.41 1.38 55.43
C ARG F 176 3.54 0.77 56.81
N SER F 177 4.76 0.53 57.27
CA SER F 177 4.98 -0.06 58.59
C SER F 177 4.47 0.86 59.69
N GLU F 178 4.60 2.17 59.52
CA GLU F 178 4.13 3.11 60.51
C GLU F 178 2.60 3.10 60.56
N GLN F 179 1.98 3.03 59.38
CA GLN F 179 0.53 3.01 59.28
C GLN F 179 -0.07 1.72 59.84
N PHE F 180 0.59 0.59 59.59
CA PHE F 180 0.12 -0.71 60.08
C PHE F 180 1.23 -1.39 60.89
N PRO F 181 1.44 -0.97 62.15
CA PRO F 181 2.48 -1.54 63.01
C PRO F 181 2.46 -3.07 63.13
N HIS F 182 3.65 -3.66 63.11
CA HIS F 182 3.82 -5.11 63.23
C HIS F 182 5.05 -5.47 64.08
N PRO F 183 5.00 -5.16 65.38
CA PRO F 183 6.11 -5.46 66.29
C PRO F 183 6.42 -6.94 66.46
N LEU F 184 5.49 -7.81 66.07
CA LEU F 184 5.67 -9.25 66.22
C LEU F 184 6.28 -9.99 65.02
N TRP F 185 6.59 -9.28 63.95
CA TRP F 185 7.18 -9.93 62.79
C TRP F 185 7.83 -8.97 61.83
N PRO F 186 8.86 -9.42 61.10
CA PRO F 186 9.53 -8.53 60.15
C PRO F 186 8.66 -8.23 58.94
N SER F 187 9.01 -7.15 58.24
CA SER F 187 8.26 -6.70 57.07
C SER F 187 8.06 -7.75 55.98
N SER F 188 6.86 -7.78 55.42
CA SER F 188 6.54 -8.70 54.34
C SER F 188 6.94 -8.04 53.04
N PRO F 189 7.55 -8.80 52.12
CA PRO F 189 7.96 -8.26 50.83
C PRO F 189 6.81 -8.18 49.84
N SER F 190 6.99 -7.37 48.80
CA SER F 190 6.00 -7.22 47.76
C SER F 190 6.55 -7.86 46.49
N VAL F 191 5.65 -8.19 45.57
CA VAL F 191 6.05 -8.79 44.30
C VAL F 191 6.86 -7.75 43.51
N LEU F 192 6.66 -6.48 43.86
CA LEU F 192 7.34 -5.36 43.22
C LEU F 192 8.75 -5.09 43.74
N ASP F 193 9.10 -5.71 44.87
CA ASP F 193 10.42 -5.52 45.46
C ASP F 193 11.56 -6.14 44.67
N ASP F 194 12.70 -5.45 44.64
CA ASP F 194 13.87 -5.96 43.94
C ASP F 194 14.30 -7.26 44.60
N ASN F 195 14.65 -8.25 43.77
CA ASN F 195 15.09 -9.56 44.26
C ASN F 195 14.01 -10.37 44.95
N ALA F 196 12.77 -9.95 44.79
CA ALA F 196 11.66 -10.69 45.38
C ALA F 196 11.48 -11.90 44.48
N VAL F 197 11.38 -13.08 45.08
CA VAL F 197 11.20 -14.28 44.29
C VAL F 197 9.81 -14.84 44.55
N VAL F 198 9.17 -15.29 43.48
CA VAL F 198 7.82 -15.84 43.55
C VAL F 198 7.78 -17.33 43.20
N HIS F 199 7.09 -18.10 44.04
CA HIS F 199 6.88 -19.54 43.80
C HIS F 199 5.40 -19.76 44.08
N GLY F 200 4.71 -20.54 43.26
CA GLY F 200 3.30 -20.75 43.52
C GLY F 200 2.55 -21.46 42.42
N MET F 201 1.22 -21.33 42.45
CA MET F 201 0.39 -21.99 41.45
C MET F 201 -0.97 -21.30 41.35
N HIS F 202 -1.70 -21.61 40.28
CA HIS F 202 -3.06 -21.10 40.10
C HIS F 202 -3.87 -22.26 39.52
N ARG F 203 -5.03 -22.49 40.13
CA ARG F 203 -5.91 -23.59 39.73
C ARG F 203 -7.33 -23.09 39.52
N THR F 204 -8.01 -23.63 38.52
CA THR F 204 -9.38 -23.22 38.24
C THR F 204 -10.27 -23.68 39.37
N GLY F 205 -11.07 -22.75 39.90
CA GLY F 205 -11.98 -23.09 40.98
C GLY F 205 -13.39 -23.13 40.44
N PHE F 206 -14.20 -24.06 40.92
CA PHE F 206 -15.57 -24.17 40.43
C PHE F 206 -16.54 -23.50 41.38
N GLY F 207 -17.00 -22.33 40.95
CA GLY F 207 -17.90 -21.53 41.76
C GLY F 207 -17.54 -20.07 41.55
N ASN F 208 -18.38 -19.17 42.01
CA ASN F 208 -18.18 -17.73 41.86
C ASN F 208 -16.98 -17.19 42.65
N TRP F 209 -16.25 -16.26 42.03
CA TRP F 209 -15.06 -15.67 42.64
C TRP F 209 -15.27 -15.02 44.02
N ARG F 210 -16.39 -14.32 44.20
CA ARG F 210 -16.67 -13.64 45.46
C ARG F 210 -16.63 -14.57 46.65
N ILE F 211 -17.25 -15.73 46.51
CA ILE F 211 -17.31 -16.72 47.57
C ILE F 211 -15.93 -17.26 47.95
N ALA F 212 -15.07 -17.41 46.96
CA ALA F 212 -13.70 -17.89 47.18
C ALA F 212 -12.88 -16.82 47.90
N CYS F 213 -13.00 -15.58 47.44
CA CYS F 213 -12.28 -14.46 48.01
C CYS F 213 -12.57 -14.27 49.50
N GLU F 214 -13.86 -14.26 49.88
CA GLU F 214 -14.24 -14.07 51.27
C GLU F 214 -13.70 -15.17 52.18
N ASN F 215 -13.59 -16.39 51.65
CA ASN F 215 -13.06 -17.48 52.45
C ASN F 215 -11.58 -17.20 52.70
N GLY F 216 -10.94 -16.58 51.72
CA GLY F 216 -9.53 -16.25 51.82
C GLY F 216 -9.11 -15.53 53.08
N PHE F 217 -9.89 -14.54 53.53
CA PHE F 217 -9.53 -13.79 54.73
C PHE F 217 -10.49 -14.03 55.89
N ASP F 218 -11.19 -15.15 55.87
CA ASP F 218 -12.11 -15.49 56.96
C ASP F 218 -11.25 -15.75 58.19
N ASN F 219 -11.57 -15.12 59.31
CA ASN F 219 -10.75 -15.30 60.51
C ASN F 219 -11.20 -16.41 61.42
N ALA F 220 -12.38 -16.97 61.17
CA ALA F 220 -12.89 -18.02 62.06
C ALA F 220 -13.37 -19.33 61.44
N HIS F 221 -12.45 -20.18 61.00
CA HIS F 221 -12.85 -21.48 60.46
C HIS F 221 -11.88 -22.59 60.80
N ILE F 222 -11.69 -22.78 62.10
CA ILE F 222 -10.80 -23.80 62.62
C ILE F 222 -11.18 -25.22 62.18
N LEU F 223 -12.48 -25.52 62.20
CA LEU F 223 -12.95 -26.84 61.81
C LEU F 223 -12.44 -27.25 60.43
N VAL F 224 -12.18 -26.26 59.58
CA VAL F 224 -11.71 -26.54 58.22
C VAL F 224 -10.24 -26.98 58.16
N HIS F 225 -9.42 -26.43 59.06
CA HIS F 225 -7.99 -26.74 59.07
C HIS F 225 -7.50 -27.55 60.26
N LYS F 226 -8.38 -27.85 61.20
CA LYS F 226 -7.99 -28.58 62.40
C LYS F 226 -7.26 -29.91 62.14
N ASP F 227 -7.60 -30.60 61.07
CA ASP F 227 -6.99 -31.88 60.75
C ASP F 227 -5.78 -31.82 59.82
N ASN F 228 -5.46 -30.65 59.29
CA ASN F 228 -4.32 -30.51 58.38
C ASN F 228 -3.04 -31.02 59.04
N THR F 229 -2.20 -31.70 58.28
CA THR F 229 -0.97 -32.24 58.84
C THR F 229 -0.01 -31.20 59.37
N ILE F 230 0.09 -30.05 58.70
CA ILE F 230 1.01 -29.03 59.19
C ILE F 230 0.66 -28.60 60.62
N VAL F 231 -0.64 -28.55 60.91
CA VAL F 231 -1.11 -28.19 62.24
C VAL F 231 -0.59 -29.15 63.30
N HIS F 232 -0.63 -30.45 62.98
CA HIS F 232 -0.18 -31.46 63.92
C HIS F 232 1.32 -31.66 63.95
N ALA F 233 1.96 -31.43 62.81
CA ALA F 233 3.41 -31.57 62.73
C ALA F 233 4.07 -30.46 63.53
N MET F 234 3.45 -29.29 63.52
CA MET F 234 3.97 -28.13 64.23
C MET F 234 3.51 -28.07 65.69
N ASP F 235 2.67 -29.02 66.09
CA ASP F 235 2.14 -29.08 67.45
C ASP F 235 1.27 -27.85 67.77
N TRP F 236 0.67 -27.26 66.75
CA TRP F 236 -0.18 -26.10 66.95
C TRP F 236 -1.46 -26.47 67.68
N VAL F 237 -1.99 -25.52 68.43
CA VAL F 237 -3.25 -25.68 69.15
C VAL F 237 -3.99 -24.41 68.77
N LEU F 238 -4.94 -24.55 67.86
CA LEU F 238 -5.71 -23.41 67.36
C LEU F 238 -6.87 -23.02 68.25
N PRO F 239 -7.29 -21.75 68.18
CA PRO F 239 -8.42 -21.23 68.97
C PRO F 239 -9.72 -21.59 68.28
N LEU F 240 -10.80 -21.74 69.04
CA LEU F 240 -12.09 -22.06 68.45
C LEU F 240 -12.51 -20.99 67.47
N GLY F 241 -12.03 -19.76 67.69
CA GLY F 241 -12.36 -18.66 66.80
C GLY F 241 -11.71 -17.36 67.23
N LEU F 242 -11.87 -16.34 66.40
CA LEU F 242 -11.31 -15.02 66.67
C LEU F 242 -12.41 -13.99 66.55
N LEU F 243 -12.72 -13.27 67.61
CA LEU F 243 -13.77 -12.28 67.48
C LEU F 243 -13.31 -10.86 67.74
N PRO F 244 -13.96 -9.90 67.05
CA PRO F 244 -13.64 -8.47 67.19
C PRO F 244 -14.10 -7.96 68.56
N THR F 245 -13.24 -7.19 69.20
CA THR F 245 -13.56 -6.63 70.52
C THR F 245 -13.99 -5.18 70.43
N SER F 246 -13.73 -4.56 69.27
CA SER F 246 -14.10 -3.18 69.08
C SER F 246 -14.58 -2.91 67.67
N ASP F 247 -15.07 -1.70 67.47
CA ASP F 247 -15.61 -1.28 66.20
C ASP F 247 -14.53 -1.01 65.16
N ASP F 248 -13.33 -0.71 65.60
CA ASP F 248 -12.24 -0.41 64.70
C ASP F 248 -11.25 -1.57 64.56
N CYS F 249 -11.74 -2.79 64.69
CA CYS F 249 -10.91 -3.99 64.58
C CYS F 249 -10.33 -4.12 63.19
N ILE F 250 -10.88 -3.36 62.24
CA ILE F 250 -10.42 -3.37 60.86
C ILE F 250 -10.22 -1.92 60.38
N ALA F 251 -9.13 -1.67 59.67
CA ALA F 251 -8.84 -0.34 59.15
C ALA F 251 -9.10 -0.32 57.65
N VAL F 252 -9.96 0.61 57.22
CA VAL F 252 -10.28 0.73 55.81
C VAL F 252 -9.46 1.87 55.21
N VAL F 253 -8.69 1.54 54.19
CA VAL F 253 -7.83 2.51 53.53
C VAL F 253 -8.40 2.82 52.16
N GLU F 254 -8.71 4.09 51.90
CA GLU F 254 -9.29 4.43 50.60
C GLU F 254 -8.77 5.72 49.95
N ASP F 255 -7.50 6.05 50.17
CA ASP F 255 -6.90 7.24 49.57
C ASP F 255 -6.71 7.02 48.09
N ASP F 256 -6.54 8.10 47.34
CA ASP F 256 -6.36 7.98 45.89
C ASP F 256 -5.06 7.38 45.43
N ASP F 257 -3.94 7.80 46.02
CA ASP F 257 -2.65 7.24 45.61
C ASP F 257 -2.31 6.03 46.45
N GLY F 258 -2.90 4.90 46.10
CA GLY F 258 -2.64 3.68 46.82
C GLY F 258 -3.74 2.66 46.67
N PRO F 259 -3.56 1.47 47.26
CA PRO F 259 -4.56 0.39 47.18
C PRO F 259 -5.82 0.71 47.98
N LYS F 260 -6.96 0.21 47.51
CA LYS F 260 -8.23 0.42 48.20
C LYS F 260 -8.57 -0.89 48.87
N GLY F 261 -8.52 -0.91 50.21
CA GLY F 261 -8.82 -2.15 50.90
C GLY F 261 -8.95 -2.02 52.40
N MET F 262 -8.68 -3.11 53.11
CA MET F 262 -8.77 -3.10 54.56
C MET F 262 -7.66 -3.90 55.22
N MET F 263 -7.28 -3.50 56.42
CA MET F 263 -6.23 -4.17 57.16
C MET F 263 -6.83 -4.65 58.47
N GLN F 264 -6.75 -5.95 58.73
CA GLN F 264 -7.28 -6.50 59.96
C GLN F 264 -6.17 -6.51 61.01
N TRP F 265 -6.42 -5.84 62.13
CA TRP F 265 -5.45 -5.75 63.21
C TRP F 265 -5.33 -7.04 64.00
N LEU F 266 -4.90 -8.12 63.35
CA LEU F 266 -4.76 -9.39 64.04
C LEU F 266 -3.63 -9.33 65.07
N PHE F 267 -3.78 -10.12 66.13
CA PHE F 267 -2.81 -10.17 67.21
C PHE F 267 -2.60 -8.85 67.94
N THR F 268 -3.72 -8.19 68.23
CA THR F 268 -3.76 -6.95 68.98
C THR F 268 -5.02 -7.11 69.83
N ASP F 269 -5.31 -6.11 70.65
CA ASP F 269 -6.48 -6.15 71.52
C ASP F 269 -7.79 -6.28 70.77
N LYS F 270 -7.77 -5.79 69.54
CA LYS F 270 -8.96 -5.75 68.73
C LYS F 270 -9.51 -7.08 68.26
N TRP F 271 -8.76 -8.14 68.49
CA TRP F 271 -9.21 -9.48 68.10
C TRP F 271 -8.84 -10.47 69.21
N ALA F 272 -9.85 -10.97 69.91
CA ALA F 272 -9.64 -11.92 71.00
C ALA F 272 -9.98 -13.35 70.58
N PRO F 273 -9.11 -14.32 70.94
CA PRO F 273 -9.36 -15.72 70.59
C PRO F 273 -10.40 -16.35 71.51
N VAL F 274 -11.21 -17.26 70.96
CA VAL F 274 -12.22 -17.95 71.75
C VAL F 274 -11.63 -19.30 72.15
N LEU F 275 -11.53 -19.53 73.46
CA LEU F 275 -10.95 -20.77 73.94
C LEU F 275 -11.94 -21.81 74.43
N GLU F 276 -13.20 -21.46 74.54
CA GLU F 276 -14.19 -22.44 74.99
C GLU F 276 -15.63 -22.18 74.57
N ASN F 277 -16.42 -23.24 74.63
CA ASN F 277 -17.84 -23.21 74.30
C ASN F 277 -18.54 -23.98 75.41
N GLN F 278 -19.16 -23.26 76.32
CA GLN F 278 -19.84 -23.88 77.44
C GLN F 278 -20.98 -24.83 77.08
N GLU F 279 -21.74 -24.50 76.04
CA GLU F 279 -22.86 -25.35 75.65
C GLU F 279 -22.43 -26.72 75.16
N LEU F 280 -21.36 -26.77 74.37
CA LEU F 280 -20.86 -28.04 73.83
C LEU F 280 -19.83 -28.67 74.75
N GLY F 281 -19.37 -27.92 75.75
CA GLY F 281 -18.38 -28.43 76.68
C GLY F 281 -16.98 -28.47 76.08
N LEU F 282 -16.72 -27.56 75.14
CA LEU F 282 -15.42 -27.49 74.50
C LEU F 282 -14.55 -26.47 75.17
N LYS F 283 -13.24 -26.70 75.12
CA LYS F 283 -12.31 -25.79 75.72
C LYS F 283 -10.86 -26.08 75.33
N VAL F 284 -10.14 -25.02 75.00
CA VAL F 284 -8.77 -25.11 74.58
C VAL F 284 -7.85 -24.51 75.63
N GLU F 285 -6.69 -25.11 75.82
CA GLU F 285 -5.77 -24.56 76.80
C GLU F 285 -4.34 -24.28 76.32
N GLY F 286 -3.55 -25.28 75.96
CA GLY F 286 -2.20 -24.97 75.50
C GLY F 286 -2.18 -24.27 74.14
N LEU F 287 -2.72 -23.06 74.09
CA LEU F 287 -2.79 -22.33 72.83
C LEU F 287 -1.41 -22.05 72.19
N LYS F 288 -1.20 -22.63 71.00
CA LYS F 288 0.05 -22.51 70.27
C LYS F 288 -0.17 -22.32 68.76
N GLY F 289 0.72 -21.56 68.13
CA GLY F 289 0.60 -21.33 66.69
C GLY F 289 1.61 -20.31 66.24
N ARG F 290 1.26 -19.51 65.24
CA ARG F 290 2.20 -18.48 64.79
C ARG F 290 1.54 -17.15 64.54
N HIS F 291 2.36 -16.11 64.42
CA HIS F 291 1.87 -14.76 64.20
C HIS F 291 1.75 -14.49 62.71
N TYR F 292 0.61 -13.93 62.32
CA TYR F 292 0.34 -13.60 60.92
C TYR F 292 -0.73 -12.52 60.89
N ARG F 293 -0.90 -11.90 59.73
CA ARG F 293 -1.91 -10.87 59.58
C ARG F 293 -2.46 -10.86 58.16
N THR F 294 -3.78 -10.78 58.05
CA THR F 294 -4.43 -10.78 56.76
C THR F 294 -5.04 -9.42 56.41
N SER F 295 -5.08 -9.13 55.12
CA SER F 295 -5.64 -7.90 54.60
C SER F 295 -6.11 -8.18 53.18
N VAL F 296 -7.00 -7.35 52.66
CA VAL F 296 -7.49 -7.56 51.30
C VAL F 296 -7.74 -6.22 50.61
N VAL F 297 -7.38 -6.13 49.34
CA VAL F 297 -7.58 -4.91 48.56
C VAL F 297 -8.20 -5.25 47.22
N LEU F 298 -8.85 -4.26 46.60
CA LEU F 298 -9.47 -4.47 45.30
C LEU F 298 -8.38 -4.80 44.30
N PRO F 299 -8.69 -5.64 43.30
CA PRO F 299 -9.97 -6.27 42.97
C PRO F 299 -10.32 -7.53 43.80
N GLY F 300 -9.54 -7.79 44.85
CA GLY F 300 -9.77 -8.96 45.69
C GLY F 300 -8.46 -9.73 45.89
N VAL F 301 -7.46 -9.06 46.45
CA VAL F 301 -6.16 -9.67 46.65
C VAL F 301 -5.84 -9.81 48.13
N LEU F 302 -5.52 -11.03 48.54
CA LEU F 302 -5.20 -11.32 49.93
C LEU F 302 -3.71 -11.29 50.22
N MET F 303 -3.35 -10.78 51.39
CA MET F 303 -1.97 -10.77 51.80
C MET F 303 -1.96 -11.38 53.19
N VAL F 304 -1.07 -12.35 53.40
CA VAL F 304 -0.94 -12.98 54.70
C VAL F 304 0.50 -12.77 55.14
N GLU F 305 0.72 -11.73 55.93
CA GLU F 305 2.07 -11.40 56.41
C GLU F 305 2.58 -12.50 57.34
N ASN F 306 3.90 -12.72 57.31
CA ASN F 306 4.55 -13.71 58.17
C ASN F 306 4.01 -15.13 58.03
N TRP F 307 3.69 -15.52 56.79
CA TRP F 307 3.18 -16.86 56.52
C TRP F 307 3.83 -17.43 55.27
N PRO F 308 4.28 -18.69 55.31
CA PRO F 308 4.23 -19.60 56.46
C PRO F 308 5.36 -19.44 57.48
N GLU F 309 6.36 -18.63 57.13
CA GLU F 309 7.51 -18.36 57.99
C GLU F 309 7.95 -16.90 57.87
N GLU F 310 8.79 -16.45 58.80
CA GLU F 310 9.27 -15.07 58.78
C GLU F 310 9.93 -14.73 57.46
N HIS F 311 9.74 -13.50 57.03
CA HIS F 311 10.31 -13.01 55.77
C HIS F 311 9.61 -13.60 54.55
N VAL F 312 8.63 -14.45 54.79
CA VAL F 312 7.86 -15.04 53.69
C VAL F 312 6.42 -14.54 53.81
N VAL F 313 5.78 -14.34 52.67
CA VAL F 313 4.40 -13.85 52.66
C VAL F 313 3.60 -14.61 51.60
N GLN F 314 2.32 -14.81 51.86
CA GLN F 314 1.46 -15.49 50.91
C GLN F 314 0.44 -14.52 50.33
N TYR F 315 0.33 -14.50 49.00
CA TYR F 315 -0.63 -13.66 48.31
C TYR F 315 -1.59 -14.57 47.55
N GLU F 316 -2.85 -14.16 47.47
CA GLU F 316 -3.85 -14.93 46.76
C GLU F 316 -4.73 -14.02 45.91
N TRP F 317 -5.23 -14.58 44.81
CA TRP F 317 -6.12 -13.89 43.90
C TRP F 317 -7.23 -14.88 43.58
N TYR F 318 -8.41 -14.35 43.30
CA TYR F 318 -9.58 -15.17 42.97
C TYR F 318 -10.11 -14.49 41.72
N VAL F 319 -9.39 -14.71 40.63
CA VAL F 319 -9.70 -14.10 39.35
C VAL F 319 -10.95 -14.67 38.68
N PRO F 320 -11.94 -13.79 38.39
CA PRO F 320 -13.17 -14.26 37.74
C PRO F 320 -12.86 -14.70 36.31
N ILE F 321 -13.41 -15.84 35.89
CA ILE F 321 -13.24 -16.32 34.53
C ILE F 321 -14.59 -16.06 33.87
N THR F 322 -15.62 -16.65 34.46
CA THR F 322 -17.00 -16.45 34.02
C THR F 322 -17.68 -16.11 35.34
N ASP F 323 -19.00 -16.15 35.40
CA ASP F 323 -19.69 -15.83 36.65
C ASP F 323 -19.78 -17.01 37.62
N ASP F 324 -19.28 -18.19 37.21
CA ASP F 324 -19.31 -19.35 38.11
C ASP F 324 -18.01 -20.17 38.13
N THR F 325 -16.94 -19.55 37.66
CA THR F 325 -15.61 -20.16 37.67
C THR F 325 -14.59 -19.04 37.90
N HIS F 326 -13.49 -19.38 38.57
CA HIS F 326 -12.44 -18.40 38.84
C HIS F 326 -11.08 -19.10 38.85
N GLU F 327 -10.01 -18.32 38.78
CA GLU F 327 -8.67 -18.88 38.81
C GLU F 327 -8.09 -18.51 40.18
N TYR F 328 -7.89 -19.52 41.01
CA TYR F 328 -7.36 -19.32 42.36
C TYR F 328 -5.84 -19.35 42.35
N TRP F 329 -5.23 -18.23 42.71
CA TRP F 329 -3.78 -18.10 42.75
C TRP F 329 -3.28 -18.17 44.19
N GLU F 330 -2.18 -18.90 44.38
CA GLU F 330 -1.53 -19.01 45.68
C GLU F 330 -0.05 -18.86 45.41
N ILE F 331 0.57 -17.80 45.91
CA ILE F 331 2.00 -17.64 45.72
C ILE F 331 2.66 -17.28 47.05
N LEU F 332 3.92 -17.64 47.17
CA LEU F 332 4.71 -17.32 48.35
C LEU F 332 5.81 -16.44 47.80
N VAL F 333 6.11 -15.37 48.54
CA VAL F 333 7.14 -14.42 48.14
C VAL F 333 8.21 -14.25 49.21
N ARG F 334 9.46 -14.19 48.77
CA ARG F 334 10.59 -13.99 49.66
C ARG F 334 11.71 -13.30 48.91
N VAL F 335 12.29 -12.27 49.51
CA VAL F 335 13.39 -11.56 48.86
C VAL F 335 14.64 -12.42 49.02
N CYS F 336 15.24 -12.78 47.88
CA CYS F 336 16.44 -13.59 47.85
C CYS F 336 17.56 -12.80 47.16
N PRO F 337 18.46 -12.20 47.94
CA PRO F 337 19.59 -11.41 47.44
C PRO F 337 20.64 -12.15 46.62
N THR F 338 20.96 -13.38 47.05
CA THR F 338 21.98 -14.19 46.38
C THR F 338 21.44 -15.49 45.82
N ASP F 339 22.27 -16.23 45.09
CA ASP F 339 21.85 -17.49 44.49
C ASP F 339 21.57 -18.53 45.54
N GLU F 340 22.34 -18.49 46.62
CA GLU F 340 22.15 -19.45 47.69
C GLU F 340 20.78 -19.29 48.30
N ASP F 341 20.35 -18.03 48.45
CA ASP F 341 19.05 -17.72 49.01
C ASP F 341 17.95 -18.26 48.10
N ARG F 342 18.14 -18.09 46.79
CA ARG F 342 17.17 -18.57 45.83
C ARG F 342 17.06 -20.08 45.88
N LYS F 343 18.20 -20.77 45.98
CA LYS F 343 18.20 -22.23 46.03
C LYS F 343 17.56 -22.75 47.29
N LYS F 344 17.76 -22.05 48.41
CA LYS F 344 17.15 -22.47 49.66
C LYS F 344 15.64 -22.27 49.64
N PHE F 345 15.22 -21.15 49.06
CA PHE F 345 13.81 -20.82 48.99
C PHE F 345 13.10 -21.81 48.05
N GLN F 346 13.71 -22.08 46.90
CA GLN F 346 13.16 -23.02 45.94
C GLN F 346 13.02 -24.41 46.57
N TYR F 347 14.07 -24.82 47.27
CA TYR F 347 14.09 -26.12 47.91
C TYR F 347 13.05 -26.23 49.02
N ARG F 348 12.99 -25.25 49.92
CA ARG F 348 12.02 -25.29 51.00
C ARG F 348 10.58 -25.20 50.47
N TYR F 349 10.42 -24.59 49.29
CA TYR F 349 9.10 -24.47 48.68
C TYR F 349 8.68 -25.85 48.19
N ASP F 350 9.56 -26.46 47.40
CA ASP F 350 9.32 -27.79 46.83
C ASP F 350 9.02 -28.90 47.84
N HIS F 351 9.73 -28.91 48.96
CA HIS F 351 9.54 -29.99 49.92
C HIS F 351 8.90 -29.62 51.25
N MET F 352 8.47 -28.37 51.38
CA MET F 352 7.85 -27.91 52.61
C MET F 352 6.59 -27.07 52.35
N TYR F 353 6.77 -25.85 51.88
CA TYR F 353 5.64 -24.95 51.63
C TYR F 353 4.57 -25.48 50.69
N LYS F 354 4.97 -25.92 49.50
CA LYS F 354 4.02 -26.43 48.53
C LYS F 354 3.18 -27.61 49.03
N PRO F 355 3.83 -28.71 49.45
CA PRO F 355 3.08 -29.87 49.93
C PRO F 355 2.28 -29.70 51.23
N LEU F 356 2.87 -29.09 52.24
CA LEU F 356 2.21 -28.89 53.52
C LEU F 356 1.32 -27.67 53.66
N CYS F 357 1.65 -26.61 52.94
CA CYS F 357 0.86 -25.38 53.04
C CYS F 357 -0.05 -25.05 51.89
N LEU F 358 0.51 -24.73 50.72
CA LEU F 358 -0.32 -24.38 49.58
C LEU F 358 -1.29 -25.50 49.22
N HIS F 359 -0.92 -26.74 49.57
CA HIS F 359 -1.78 -27.89 49.31
C HIS F 359 -2.35 -28.40 50.63
N GLY F 360 -1.46 -28.88 51.50
CA GLY F 360 -1.87 -29.44 52.78
C GLY F 360 -2.77 -28.59 53.66
N PHE F 361 -2.61 -27.27 53.59
CA PHE F 361 -3.42 -26.37 54.41
C PHE F 361 -4.58 -25.79 53.61
N ASN F 362 -4.27 -25.17 52.47
CA ASN F 362 -5.28 -24.54 51.65
C ASN F 362 -6.21 -25.43 50.82
N ASP F 363 -5.84 -26.68 50.55
CA ASP F 363 -6.73 -27.54 49.78
C ASP F 363 -8.07 -27.68 50.49
N SER F 364 -8.06 -27.62 51.82
CA SER F 364 -9.28 -27.74 52.60
C SER F 364 -10.21 -26.57 52.31
N ASP F 365 -9.65 -25.41 52.00
CA ASP F 365 -10.45 -24.23 51.67
C ASP F 365 -11.26 -24.44 50.39
N LEU F 366 -10.70 -25.21 49.47
CA LEU F 366 -11.37 -25.51 48.20
C LEU F 366 -12.74 -26.15 48.39
N TYR F 367 -12.82 -27.16 49.26
CA TYR F 367 -14.06 -27.85 49.53
C TYR F 367 -15.04 -26.95 50.26
N ALA F 368 -14.51 -26.06 51.11
CA ALA F 368 -15.36 -25.16 51.84
C ALA F 368 -15.99 -24.17 50.86
N ARG F 369 -15.18 -23.68 49.92
CA ARG F 369 -15.68 -22.73 48.93
C ARG F 369 -16.74 -23.35 48.05
N GLU F 370 -16.46 -24.52 47.49
CA GLU F 370 -17.43 -25.21 46.64
C GLU F 370 -18.73 -25.51 47.36
N ALA F 371 -18.66 -25.83 48.65
CA ALA F 371 -19.86 -26.16 49.43
C ALA F 371 -20.87 -25.03 49.55
N MET F 372 -20.38 -23.79 49.48
CA MET F 372 -21.24 -22.60 49.59
C MET F 372 -21.90 -22.16 48.31
N GLN F 373 -21.29 -22.47 47.17
CA GLN F 373 -21.78 -22.03 45.88
C GLN F 373 -23.26 -22.21 45.52
N ASN F 374 -23.85 -23.38 45.81
CA ASN F 374 -25.27 -23.60 45.49
C ASN F 374 -26.22 -22.62 46.19
N PHE F 375 -25.84 -22.17 47.38
CA PHE F 375 -26.67 -21.25 48.14
C PHE F 375 -26.71 -19.86 47.50
N TYR F 376 -25.61 -19.52 46.83
CA TYR F 376 -25.47 -18.20 46.23
C TYR F 376 -25.70 -18.01 44.74
N TYR F 377 -25.49 -19.04 43.93
CA TYR F 377 -25.63 -18.81 42.50
C TYR F 377 -26.93 -18.26 41.97
N ASP F 378 -28.06 -18.83 42.38
CA ASP F 378 -29.34 -18.31 41.89
C ASP F 378 -29.74 -17.03 42.59
N GLY F 379 -28.87 -16.52 43.48
CA GLY F 379 -29.14 -15.28 44.19
C GLY F 379 -29.66 -15.39 45.61
N THR F 380 -30.16 -16.57 45.96
CA THR F 380 -30.72 -16.81 47.28
C THR F 380 -29.85 -16.36 48.45
N GLY F 381 -28.62 -16.87 48.49
CA GLY F 381 -27.71 -16.54 49.58
C GLY F 381 -27.35 -15.08 49.75
N TRP F 382 -27.29 -14.34 48.64
CA TRP F 382 -26.93 -12.92 48.73
C TRP F 382 -27.98 -12.11 49.48
N ASP F 383 -29.14 -12.74 49.71
CA ASP F 383 -30.23 -12.10 50.44
C ASP F 383 -30.52 -12.82 51.75
N ASP F 384 -30.58 -14.15 51.67
CA ASP F 384 -30.92 -15.00 52.81
C ASP F 384 -29.83 -15.48 53.74
N GLU F 385 -28.56 -15.21 53.43
CA GLU F 385 -27.49 -15.64 54.33
C GLU F 385 -27.75 -14.91 55.66
N GLN F 386 -27.35 -15.51 56.76
CA GLN F 386 -27.54 -14.86 58.06
C GLN F 386 -26.20 -14.62 58.74
N LEU F 387 -25.58 -13.50 58.39
CA LEU F 387 -24.27 -13.14 58.91
C LEU F 387 -24.34 -12.73 60.37
N VAL F 388 -23.19 -12.80 61.03
CA VAL F 388 -23.10 -12.47 62.44
C VAL F 388 -21.95 -11.51 62.76
N ALA F 389 -21.69 -11.35 64.06
CA ALA F 389 -20.65 -10.45 64.55
C ALA F 389 -19.31 -10.58 63.83
N THR F 390 -18.78 -11.79 63.73
CA THR F 390 -17.50 -12.03 63.07
C THR F 390 -17.52 -11.69 61.58
N ASP F 391 -18.71 -11.57 61.01
CA ASP F 391 -18.83 -11.26 59.59
C ASP F 391 -18.61 -9.79 59.28
N ILE F 392 -18.17 -9.05 60.30
CA ILE F 392 -17.89 -7.63 60.12
C ILE F 392 -16.78 -7.54 59.06
N SER F 393 -15.93 -8.57 58.98
CA SER F 393 -14.85 -8.60 58.01
C SER F 393 -15.35 -8.62 56.56
N PRO F 394 -16.06 -9.68 56.16
CA PRO F 394 -16.55 -9.70 54.78
C PRO F 394 -17.51 -8.55 54.44
N ILE F 395 -18.31 -8.11 55.42
CA ILE F 395 -19.23 -7.01 55.17
C ILE F 395 -18.46 -5.73 54.86
N THR F 396 -17.40 -5.47 55.65
CA THR F 396 -16.57 -4.29 55.44
C THR F 396 -15.98 -4.34 54.05
N TRP F 397 -15.51 -5.51 53.63
CA TRP F 397 -14.93 -5.69 52.31
C TRP F 397 -15.95 -5.46 51.20
N ARG F 398 -17.16 -5.98 51.39
CA ARG F 398 -18.20 -5.80 50.38
C ARG F 398 -18.57 -4.33 50.16
N LYS F 399 -18.63 -3.58 51.26
CA LYS F 399 -18.98 -2.16 51.18
C LYS F 399 -17.86 -1.42 50.47
N LEU F 400 -16.65 -1.66 50.95
CA LEU F 400 -15.43 -1.07 50.40
C LEU F 400 -15.33 -1.34 48.90
N ALA F 401 -15.51 -2.59 48.50
CA ALA F 401 -15.45 -2.97 47.09
C ALA F 401 -16.55 -2.31 46.26
N SER F 402 -17.75 -2.22 46.81
CA SER F 402 -18.88 -1.60 46.12
C SER F 402 -18.61 -0.13 45.84
N ARG F 403 -17.96 0.54 46.80
CA ARG F 403 -17.65 1.96 46.67
C ARG F 403 -16.47 2.31 45.79
N TRP F 404 -15.44 1.48 45.78
CA TRP F 404 -14.25 1.80 44.99
C TRP F 404 -13.91 1.00 43.75
N ASN F 405 -14.74 0.05 43.35
CA ASN F 405 -14.42 -0.72 42.15
C ASN F 405 -14.43 0.22 40.95
N ARG F 406 -13.63 -0.10 39.93
CA ARG F 406 -13.56 0.75 38.75
C ARG F 406 -14.55 0.32 37.67
N GLY F 407 -15.46 -0.58 38.03
CA GLY F 407 -16.44 -1.02 37.05
C GLY F 407 -16.93 -2.43 37.32
N ILE F 408 -18.12 -2.72 36.82
CA ILE F 408 -18.74 -4.02 36.99
C ILE F 408 -18.81 -4.66 35.60
N ALA F 409 -18.14 -5.79 35.45
CA ALA F 409 -18.10 -6.50 34.18
C ALA F 409 -19.48 -6.96 33.73
N LYS F 410 -19.74 -6.85 32.42
CA LYS F 410 -21.01 -7.27 31.87
C LYS F 410 -20.90 -8.74 31.50
N PRO F 411 -22.03 -9.44 31.42
CA PRO F 411 -21.99 -10.86 31.08
C PRO F 411 -21.37 -11.04 29.70
N GLY F 412 -20.62 -12.12 29.51
CA GLY F 412 -20.00 -12.35 28.22
C GLY F 412 -21.06 -12.55 27.16
N ARG F 413 -20.78 -12.06 25.95
CA ARG F 413 -21.70 -12.19 24.83
C ARG F 413 -20.88 -12.62 23.62
N GLY F 414 -21.30 -13.68 22.95
CA GLY F 414 -20.58 -14.16 21.78
C GLY F 414 -19.16 -14.63 22.08
N VAL F 415 -18.94 -15.10 23.30
CA VAL F 415 -17.63 -15.60 23.73
C VAL F 415 -17.84 -16.86 24.55
N ALA F 416 -16.76 -17.55 24.89
CA ALA F 416 -16.87 -18.75 25.70
C ALA F 416 -17.46 -18.36 27.05
N GLY F 417 -18.37 -19.18 27.57
CA GLY F 417 -18.97 -18.87 28.85
C GLY F 417 -20.24 -18.03 28.76
N ALA F 418 -20.52 -17.49 27.59
CA ALA F 418 -21.73 -16.68 27.41
C ALA F 418 -22.95 -17.60 27.59
N VAL F 419 -22.85 -18.80 27.05
CA VAL F 419 -23.92 -19.80 27.14
C VAL F 419 -23.29 -20.97 27.89
N LYS F 420 -23.98 -21.48 28.91
CA LYS F 420 -23.43 -22.55 29.72
C LYS F 420 -23.69 -24.00 29.30
N ASP F 421 -24.68 -24.22 28.45
CA ASP F 421 -25.03 -25.58 28.04
C ASP F 421 -24.92 -25.91 26.53
N THR F 422 -23.88 -25.38 25.89
CA THR F 422 -23.68 -25.63 24.45
C THR F 422 -23.26 -27.08 24.18
N SER F 423 -23.49 -27.55 22.97
CA SER F 423 -23.10 -28.92 22.63
C SER F 423 -21.57 -29.05 22.72
N LEU F 424 -20.86 -27.93 22.54
CA LEU F 424 -19.40 -27.93 22.63
C LEU F 424 -18.98 -28.25 24.06
N ILE F 425 -19.66 -27.64 25.03
CA ILE F 425 -19.33 -27.91 26.43
C ILE F 425 -19.70 -29.35 26.77
N PHE F 426 -20.82 -29.85 26.26
CA PHE F 426 -21.17 -31.23 26.56
C PHE F 426 -20.18 -32.22 25.94
N LYS F 427 -19.66 -31.90 24.76
CA LYS F 427 -18.68 -32.76 24.09
C LYS F 427 -17.43 -32.83 24.98
N GLN F 428 -16.93 -31.67 25.39
CA GLN F 428 -15.74 -31.59 26.24
C GLN F 428 -15.92 -32.34 27.55
N THR F 429 -17.07 -32.13 28.17
CA THR F 429 -17.39 -32.77 29.43
C THR F 429 -17.47 -34.28 29.23
N ALA F 430 -18.07 -34.71 28.12
CA ALA F 430 -18.17 -36.14 27.84
C ALA F 430 -16.76 -36.74 27.69
N ASP F 431 -15.83 -35.95 27.16
CA ASP F 431 -14.46 -36.39 26.97
C ASP F 431 -13.67 -36.36 28.29
N GLY F 432 -14.30 -35.86 29.35
CA GLY F 432 -13.63 -35.83 30.65
C GLY F 432 -12.97 -34.51 31.01
N LYS F 433 -13.17 -33.50 30.18
CA LYS F 433 -12.59 -32.19 30.39
C LYS F 433 -13.40 -31.28 31.30
N ARG F 434 -12.82 -30.89 32.44
CA ARG F 434 -13.50 -30.00 33.40
C ARG F 434 -13.43 -28.56 32.91
N PRO F 435 -14.29 -27.68 33.47
CA PRO F 435 -14.25 -26.28 33.06
C PRO F 435 -12.83 -25.80 33.31
N GLY F 436 -12.28 -24.96 32.43
CA GLY F 436 -10.90 -24.52 32.61
C GLY F 436 -10.59 -23.03 32.53
N TYR F 437 -9.31 -22.74 32.27
CA TYR F 437 -8.83 -21.36 32.20
C TYR F 437 -7.98 -21.13 30.95
N LYS F 438 -6.91 -21.89 30.81
CA LYS F 438 -6.02 -21.77 29.66
C LYS F 438 -6.69 -22.41 28.45
N VAL F 439 -6.75 -21.65 27.34
CA VAL F 439 -7.36 -22.14 26.12
C VAL F 439 -6.53 -23.22 25.45
N GLU F 440 -7.15 -24.38 25.23
CA GLU F 440 -6.53 -25.53 24.60
C GLU F 440 -6.20 -25.20 23.16
N GLN F 441 -4.98 -25.50 22.75
CA GLN F 441 -4.58 -25.21 21.39
C GLN F 441 -4.63 -26.44 20.52
N ILE F 442 -4.64 -26.24 19.22
CA ILE F 442 -4.72 -27.43 18.39
C ILE F 442 -3.50 -28.27 18.23
#